data_9ATN
#
_entry.id   9ATN
#
loop_
_entity.id
_entity.type
_entity.pdbx_description
1 polymer 'Histone-lysine N-methyltransferase 2D'
2 polymer 'Polycomb group protein ASXL2'
3 non-polymer 'ZINC ION'
#
loop_
_entity_poly.entity_id
_entity_poly.type
_entity_poly.pdbx_seq_one_letter_code
_entity_poly.pdbx_strand_id
1 'polypeptide(L)'
;PLGSARCAVCEGPGELCDLFFCTSCGHHYHGACLDTALTARKRAGWQCPECKVCQACRKPGNDSKMLVCETCDKGYHTFC
LKPPMEELPAHSWKCKACRV
;
A
2 'polypeptide(L)' TGARTLADIKAKAQLVKAQ B
#
loop_
_chem_comp.id
_chem_comp.type
_chem_comp.name
_chem_comp.formula
ZN non-polymer 'ZINC ION' 'Zn 2'
#
# COMPACT_ATOMS: atom_id res chain seq x y z
N GLY A 3 -23.68 0.17 3.43
CA GLY A 3 -22.70 -0.91 3.55
C GLY A 3 -21.67 -0.57 4.63
N SER A 4 -21.54 -1.45 5.61
CA SER A 4 -20.58 -1.24 6.69
C SER A 4 -19.16 -1.21 6.15
N ALA A 5 -18.87 -2.10 5.20
CA ALA A 5 -17.53 -2.16 4.62
C ALA A 5 -16.47 -2.20 5.71
N ARG A 6 -16.75 -3.00 6.75
CA ARG A 6 -15.85 -3.14 7.88
C ARG A 6 -14.39 -3.25 7.44
N CYS A 7 -13.48 -3.04 8.38
CA CYS A 7 -12.05 -3.10 8.08
C CYS A 7 -11.68 -4.39 7.37
N ALA A 8 -10.98 -4.27 6.25
CA ALA A 8 -10.56 -5.42 5.47
C ALA A 8 -9.63 -6.33 6.25
N VAL A 9 -8.64 -5.75 6.93
CA VAL A 9 -7.70 -6.55 7.71
C VAL A 9 -7.54 -5.97 9.12
N CYS A 10 -8.45 -6.37 10.00
CA CYS A 10 -8.46 -5.94 11.40
C CYS A 10 -9.80 -6.28 12.04
N GLU A 11 -10.83 -6.43 11.21
CA GLU A 11 -12.17 -6.77 11.70
C GLU A 11 -12.71 -5.69 12.63
N GLY A 12 -13.73 -4.98 12.16
CA GLY A 12 -14.35 -3.93 12.95
C GLY A 12 -15.17 -2.99 12.05
N PRO A 13 -16.32 -2.54 12.48
CA PRO A 13 -17.18 -1.62 11.67
C PRO A 13 -16.64 -0.19 11.69
N GLY A 14 -16.89 0.55 10.61
CA GLY A 14 -16.43 1.92 10.53
C GLY A 14 -17.24 2.72 9.50
N GLU A 15 -17.20 4.04 9.62
CA GLU A 15 -17.93 4.91 8.70
C GLU A 15 -17.18 5.02 7.38
N LEU A 16 -17.91 5.38 6.32
CA LEU A 16 -17.30 5.51 5.01
C LEU A 16 -17.04 6.97 4.67
N CYS A 17 -15.93 7.50 5.20
CA CYS A 17 -15.58 8.89 4.95
C CYS A 17 -14.18 9.21 5.47
N ASP A 18 -13.87 8.73 6.68
CA ASP A 18 -12.56 8.99 7.28
C ASP A 18 -11.62 7.78 7.16
N LEU A 19 -12.04 6.76 6.40
CA LEU A 19 -11.22 5.57 6.22
C LEU A 19 -10.91 5.34 4.75
N PHE A 20 -9.79 4.67 4.47
CA PHE A 20 -9.41 4.42 3.09
C PHE A 20 -10.31 3.34 2.51
N PHE A 21 -11.07 3.72 1.49
CA PHE A 21 -12.02 2.79 0.87
C PHE A 21 -11.45 2.23 -0.44
N CYS A 22 -11.15 0.93 -0.47
CA CYS A 22 -10.63 0.32 -1.69
C CYS A 22 -11.76 0.23 -2.72
N THR A 23 -11.48 0.71 -3.91
CA THR A 23 -12.49 0.73 -4.97
C THR A 23 -12.80 -0.68 -5.49
N SER A 24 -11.77 -1.43 -5.85
CA SER A 24 -11.97 -2.78 -6.39
C SER A 24 -12.56 -3.73 -5.34
N CYS A 25 -11.93 -3.78 -4.18
CA CYS A 25 -12.39 -4.65 -3.11
C CYS A 25 -13.76 -4.22 -2.58
N GLY A 26 -13.96 -2.92 -2.45
CA GLY A 26 -15.22 -2.39 -1.95
C GLY A 26 -15.20 -2.24 -0.42
N HIS A 27 -14.18 -2.78 0.23
CA HIS A 27 -14.06 -2.68 1.68
C HIS A 27 -13.05 -1.60 2.06
N HIS A 28 -13.28 -0.91 3.17
CA HIS A 28 -12.33 0.12 3.60
C HIS A 28 -11.47 -0.41 4.73
N TYR A 29 -10.52 0.40 5.19
CA TYR A 29 -9.64 -0.04 6.28
C TYR A 29 -8.95 1.13 6.97
N HIS A 30 -8.46 0.84 8.17
CA HIS A 30 -7.78 1.84 8.97
C HIS A 30 -6.33 1.96 8.54
N GLY A 31 -5.77 3.15 8.70
CA GLY A 31 -4.38 3.39 8.33
C GLY A 31 -3.43 2.54 9.17
N ALA A 32 -3.77 2.36 10.44
CA ALA A 32 -2.92 1.58 11.34
C ALA A 32 -2.78 0.12 10.91
N CYS A 33 -3.86 -0.47 10.41
CA CYS A 33 -3.82 -1.88 10.02
C CYS A 33 -2.81 -2.13 8.88
N LEU A 34 -2.84 -1.30 7.84
CA LEU A 34 -1.90 -1.49 6.72
C LEU A 34 -0.72 -0.52 6.80
N ASP A 35 -0.68 0.30 7.84
CA ASP A 35 0.40 1.28 7.99
C ASP A 35 0.41 2.27 6.84
N THR A 36 -0.73 2.93 6.61
CA THR A 36 -0.83 3.90 5.53
C THR A 36 -1.09 5.29 6.09
N ALA A 37 -0.27 6.25 5.67
CA ALA A 37 -0.43 7.62 6.12
C ALA A 37 -1.77 8.20 5.68
N LEU A 38 -2.36 9.04 6.50
CA LEU A 38 -3.64 9.65 6.18
C LEU A 38 -3.44 10.83 5.24
N THR A 39 -3.77 10.64 3.97
CA THR A 39 -3.62 11.70 2.98
C THR A 39 -4.87 11.78 2.10
N ALA A 40 -5.09 12.95 1.51
CA ALA A 40 -6.25 13.15 0.64
C ALA A 40 -6.18 12.23 -0.58
N ARG A 41 -4.99 12.03 -1.10
CA ARG A 41 -4.81 11.19 -2.28
C ARG A 41 -5.26 9.75 -2.02
N LYS A 42 -4.92 9.22 -0.85
CA LYS A 42 -5.31 7.86 -0.50
C LYS A 42 -6.69 7.82 0.14
N ARG A 43 -7.13 8.95 0.69
CA ARG A 43 -8.43 9.01 1.35
C ARG A 43 -9.55 8.70 0.36
N ALA A 44 -9.40 9.15 -0.88
CA ALA A 44 -10.40 8.90 -1.89
C ALA A 44 -10.64 7.40 -2.03
N GLY A 45 -9.57 6.62 -1.91
CA GLY A 45 -9.67 5.17 -2.01
C GLY A 45 -8.56 4.59 -2.87
N TRP A 46 -7.52 4.08 -2.21
CA TRP A 46 -6.40 3.49 -2.93
C TRP A 46 -6.43 1.97 -2.79
N GLN A 47 -6.09 1.30 -3.88
CA GLN A 47 -6.08 -0.16 -3.88
C GLN A 47 -5.21 -0.67 -2.74
N CYS A 48 -5.82 -1.42 -1.82
CA CYS A 48 -5.08 -1.96 -0.70
C CYS A 48 -4.04 -2.95 -1.21
N PRO A 49 -3.03 -3.23 -0.43
CA PRO A 49 -1.95 -4.16 -0.85
C PRO A 49 -2.49 -5.52 -1.30
N GLU A 50 -3.72 -5.82 -0.90
CA GLU A 50 -4.33 -7.09 -1.26
C GLU A 50 -4.65 -7.18 -2.76
N CYS A 51 -4.64 -6.03 -3.44
CA CYS A 51 -4.93 -6.02 -4.88
C CYS A 51 -4.10 -4.97 -5.60
N LYS A 52 -3.01 -4.53 -4.99
CA LYS A 52 -2.15 -3.52 -5.60
C LYS A 52 -1.49 -4.08 -6.86
N VAL A 53 -1.06 -3.19 -7.75
CA VAL A 53 -0.42 -3.60 -8.99
C VAL A 53 0.77 -2.73 -9.32
N CYS A 54 1.67 -3.26 -10.13
CA CYS A 54 2.85 -2.53 -10.55
C CYS A 54 2.44 -1.49 -11.60
N GLN A 55 3.06 -0.33 -11.57
CA GLN A 55 2.72 0.71 -12.54
C GLN A 55 3.49 0.51 -13.85
N ALA A 56 4.09 -0.68 -14.01
CA ALA A 56 4.83 -0.99 -15.22
C ALA A 56 4.22 -2.19 -15.92
N CYS A 57 3.97 -3.26 -15.16
CA CYS A 57 3.38 -4.47 -15.73
C CYS A 57 1.97 -4.73 -15.20
N ARG A 58 1.54 -3.96 -14.20
CA ARG A 58 0.20 -4.08 -13.64
C ARG A 58 -0.06 -5.47 -13.05
N LYS A 59 0.90 -5.99 -12.30
CA LYS A 59 0.74 -7.28 -11.65
C LYS A 59 1.20 -7.18 -10.19
N PRO A 60 0.60 -7.92 -9.29
CA PRO A 60 0.96 -7.87 -7.84
C PRO A 60 2.13 -8.78 -7.47
N GLY A 61 2.41 -8.86 -6.18
CA GLY A 61 3.50 -9.70 -5.69
C GLY A 61 4.79 -8.89 -5.54
N ASN A 62 5.85 -9.55 -5.11
CA ASN A 62 7.14 -8.88 -4.93
C ASN A 62 7.00 -7.70 -3.99
N ASP A 63 6.36 -7.91 -2.85
CA ASP A 63 6.16 -6.84 -1.86
C ASP A 63 7.49 -6.30 -1.35
N SER A 64 8.42 -7.20 -1.03
CA SER A 64 9.72 -6.77 -0.53
C SER A 64 10.55 -6.14 -1.64
N LYS A 65 10.23 -6.47 -2.88
CA LYS A 65 10.96 -5.93 -4.01
C LYS A 65 10.14 -4.84 -4.73
N MET A 66 8.99 -4.50 -4.18
CA MET A 66 8.15 -3.45 -4.79
C MET A 66 8.09 -2.24 -3.86
N LEU A 67 8.35 -1.07 -4.43
CA LEU A 67 8.34 0.16 -3.66
C LEU A 67 6.97 0.83 -3.77
N VAL A 68 6.36 1.17 -2.62
CA VAL A 68 5.05 1.82 -2.62
C VAL A 68 5.13 3.22 -2.02
N CYS A 69 4.43 4.17 -2.63
CA CYS A 69 4.45 5.54 -2.15
C CYS A 69 3.64 5.69 -0.86
N GLU A 70 4.24 6.35 0.12
CA GLU A 70 3.61 6.56 1.42
C GLU A 70 2.46 7.58 1.35
N THR A 71 2.65 8.63 0.56
CA THR A 71 1.61 9.66 0.44
C THR A 71 0.58 9.24 -0.60
N CYS A 72 1.03 9.09 -1.84
CA CYS A 72 0.14 8.67 -2.91
C CYS A 72 0.25 7.17 -3.11
N ASP A 73 -0.66 6.63 -3.89
CA ASP A 73 -0.68 5.19 -4.15
C ASP A 73 -0.04 4.87 -5.50
N LYS A 74 1.18 4.35 -5.46
CA LYS A 74 1.90 3.99 -6.68
C LYS A 74 2.75 2.75 -6.42
N GLY A 75 2.81 1.86 -7.41
CA GLY A 75 3.62 0.64 -7.27
C GLY A 75 4.80 0.66 -8.22
N TYR A 76 5.99 0.43 -7.66
CA TYR A 76 7.21 0.41 -8.46
C TYR A 76 7.96 -0.90 -8.27
N HIS A 77 8.26 -1.58 -9.38
CA HIS A 77 8.99 -2.84 -9.33
C HIS A 77 10.48 -2.58 -9.46
N THR A 78 11.27 -3.12 -8.53
CA THR A 78 12.72 -2.93 -8.56
C THR A 78 13.36 -3.46 -9.84
N PHE A 79 12.59 -4.19 -10.65
CA PHE A 79 13.12 -4.72 -11.90
C PHE A 79 12.37 -4.16 -13.11
N CYS A 80 11.51 -3.16 -12.90
CA CYS A 80 10.78 -2.56 -14.00
C CYS A 80 10.03 -1.30 -13.58
N LEU A 81 10.59 -0.56 -12.61
CA LEU A 81 9.97 0.68 -12.17
C LEU A 81 10.33 1.78 -13.16
N LYS A 82 9.85 3.02 -12.95
CA LYS A 82 10.16 4.09 -13.90
C LYS A 82 11.69 4.08 -14.14
N PRO A 83 12.52 4.47 -13.19
CA PRO A 83 13.98 4.34 -13.37
C PRO A 83 14.40 2.94 -12.86
N PRO A 84 14.63 1.99 -13.72
CA PRO A 84 14.99 0.61 -13.25
C PRO A 84 16.27 0.61 -12.43
N MET A 85 16.26 -0.16 -11.35
CA MET A 85 17.42 -0.23 -10.47
C MET A 85 18.06 -1.63 -10.51
N GLU A 86 19.36 -1.70 -10.22
CA GLU A 86 20.05 -2.99 -10.23
C GLU A 86 19.92 -3.70 -8.89
N GLU A 87 19.51 -2.97 -7.86
CA GLU A 87 19.36 -3.56 -6.53
C GLU A 87 18.26 -2.86 -5.73
N LEU A 88 17.93 -3.46 -4.60
CA LEU A 88 16.90 -2.91 -3.73
C LEU A 88 17.47 -1.78 -2.86
N PRO A 89 17.00 -0.55 -3.00
CA PRO A 89 17.53 0.59 -2.19
C PRO A 89 17.47 0.33 -0.70
N ALA A 90 18.56 0.65 -0.01
CA ALA A 90 18.62 0.46 1.44
C ALA A 90 17.73 1.51 2.12
N HIS A 91 17.43 2.59 1.40
CA HIS A 91 16.59 3.65 1.94
C HIS A 91 15.23 3.66 1.24
N SER A 92 14.45 4.70 1.47
CA SER A 92 13.12 4.81 0.87
C SER A 92 13.20 5.45 -0.51
N TRP A 93 12.42 4.90 -1.44
CA TRP A 93 12.37 5.43 -2.80
C TRP A 93 10.91 5.70 -3.18
N LYS A 94 10.50 6.94 -2.95
CA LYS A 94 9.13 7.38 -3.24
C LYS A 94 9.19 8.86 -3.63
N CYS A 95 8.04 9.46 -3.97
CA CYS A 95 8.01 10.88 -4.32
C CYS A 95 8.71 11.67 -3.22
N LYS A 96 9.06 12.92 -3.48
CA LYS A 96 9.73 13.73 -2.47
C LYS A 96 8.82 13.86 -1.23
N ALA A 97 7.56 14.19 -1.47
CA ALA A 97 6.60 14.32 -0.37
C ALA A 97 6.44 12.97 0.33
N CYS A 98 6.45 11.91 -0.46
CA CYS A 98 6.32 10.57 0.07
C CYS A 98 7.51 10.22 0.96
N ARG A 99 8.68 10.66 0.54
CA ARG A 99 9.90 10.40 1.30
C ARG A 99 9.73 10.91 2.71
N VAL A 100 9.13 12.09 2.84
CA VAL A 100 8.90 12.67 4.15
C VAL A 100 7.49 12.38 4.62
N THR B 1 14.54 4.85 4.27
CA THR B 1 14.59 4.18 5.56
C THR B 1 14.11 2.74 5.46
N GLY B 2 14.95 1.89 4.87
CA GLY B 2 14.61 0.48 4.69
C GLY B 2 13.48 0.34 3.67
N ALA B 3 13.23 -0.89 3.23
CA ALA B 3 12.16 -1.15 2.27
C ALA B 3 10.86 -1.52 2.98
N ARG B 4 10.75 -1.06 4.23
CA ARG B 4 9.56 -1.33 5.02
C ARG B 4 8.30 -0.87 4.29
N THR B 5 8.49 0.01 3.30
CA THR B 5 7.39 0.55 2.49
C THR B 5 6.31 -0.51 2.23
N LEU B 6 6.34 -1.16 1.07
CA LEU B 6 5.35 -2.17 0.78
C LEU B 6 5.72 -3.44 1.53
N ALA B 7 7.02 -3.68 1.67
CA ALA B 7 7.46 -4.88 2.36
C ALA B 7 6.80 -5.00 3.72
N ASP B 8 6.83 -3.97 4.55
CA ASP B 8 6.21 -4.06 5.86
C ASP B 8 4.68 -3.95 5.76
N ILE B 9 4.20 -3.10 4.87
CA ILE B 9 2.76 -2.90 4.71
C ILE B 9 2.00 -4.16 4.28
N LYS B 10 2.39 -4.72 3.14
CA LYS B 10 1.70 -5.91 2.64
C LYS B 10 2.12 -7.19 3.36
N ALA B 11 3.41 -7.36 3.59
CA ALA B 11 3.87 -8.58 4.24
C ALA B 11 3.25 -8.72 5.63
N LYS B 12 3.21 -7.63 6.39
CA LYS B 12 2.60 -7.71 7.72
C LYS B 12 1.13 -8.01 7.55
N ALA B 13 0.55 -7.48 6.46
CA ALA B 13 -0.85 -7.71 6.19
C ALA B 13 -1.13 -9.19 6.13
N GLN B 14 -0.19 -9.94 5.56
CA GLN B 14 -0.31 -11.38 5.46
C GLN B 14 -0.28 -12.02 6.82
N LEU B 15 0.53 -11.46 7.69
CA LEU B 15 0.65 -11.99 9.03
C LEU B 15 -0.67 -11.83 9.76
N VAL B 16 -1.23 -10.63 9.71
CA VAL B 16 -2.49 -10.35 10.40
C VAL B 16 -3.68 -11.00 9.68
N LYS B 17 -3.59 -11.13 8.35
CA LYS B 17 -4.66 -11.73 7.57
C LYS B 17 -4.67 -13.23 7.73
N ALA B 18 -3.54 -13.85 7.44
CA ALA B 18 -3.40 -15.29 7.53
C ALA B 18 -3.63 -15.76 8.96
N GLN B 19 -3.34 -14.89 9.91
CA GLN B 19 -3.52 -15.22 11.32
C GLN B 19 -4.98 -15.54 11.61
ZN ZN C . -8.70 -2.01 11.08
ZN ZN D . -8.34 -3.80 -2.58
ZN ZN E . 6.47 -4.42 -12.42
ZN ZN F . 4.43 8.98 -4.16
N GLY A 3 -23.28 1.30 3.97
CA GLY A 3 -22.22 2.26 3.70
C GLY A 3 -20.89 1.78 4.27
N SER A 4 -20.89 1.40 5.54
CA SER A 4 -19.68 0.92 6.17
C SER A 4 -19.24 -0.42 5.58
N ALA A 5 -17.93 -0.63 5.50
CA ALA A 5 -17.40 -1.86 4.94
C ALA A 5 -16.35 -2.46 5.88
N ARG A 6 -16.81 -3.40 6.73
CA ARG A 6 -15.97 -4.10 7.73
C ARG A 6 -14.49 -4.09 7.36
N CYS A 7 -13.64 -3.85 8.35
CA CYS A 7 -12.20 -3.81 8.10
C CYS A 7 -11.72 -5.15 7.59
N ALA A 8 -10.98 -5.12 6.49
CA ALA A 8 -10.45 -6.33 5.88
C ALA A 8 -9.47 -7.04 6.81
N VAL A 9 -8.65 -6.26 7.53
CA VAL A 9 -7.66 -6.85 8.42
C VAL A 9 -7.70 -6.20 9.82
N CYS A 10 -8.08 -7.03 10.82
CA CYS A 10 -8.19 -6.66 12.24
C CYS A 10 -9.64 -6.35 12.59
N GLU A 11 -10.52 -6.39 11.60
CA GLU A 11 -11.92 -6.12 11.84
C GLU A 11 -12.10 -4.78 12.54
N GLY A 12 -13.33 -4.45 12.82
CA GLY A 12 -13.65 -3.20 13.50
C GLY A 12 -14.32 -2.20 12.54
N PRO A 13 -15.61 -2.32 12.35
CA PRO A 13 -16.37 -1.40 11.45
C PRO A 13 -16.26 0.06 11.87
N GLY A 14 -16.30 0.96 10.91
CA GLY A 14 -16.21 2.39 11.19
C GLY A 14 -16.58 3.23 9.97
N GLU A 15 -16.41 4.54 10.08
CA GLU A 15 -16.75 5.45 8.98
C GLU A 15 -15.88 5.16 7.76
N LEU A 16 -16.53 5.02 6.62
CA LEU A 16 -15.82 4.76 5.36
C LEU A 16 -14.90 5.90 4.99
N CYS A 17 -15.37 7.14 5.17
CA CYS A 17 -14.59 8.32 4.84
C CYS A 17 -13.33 8.42 5.69
N ASP A 18 -13.41 8.01 6.96
CA ASP A 18 -12.25 8.09 7.85
C ASP A 18 -11.33 6.87 7.68
N LEU A 19 -11.73 5.93 6.83
CA LEU A 19 -10.93 4.73 6.60
C LEU A 19 -10.61 4.57 5.12
N PHE A 20 -9.50 3.89 4.83
CA PHE A 20 -9.10 3.69 3.44
C PHE A 20 -9.88 2.52 2.85
N PHE A 21 -10.75 2.84 1.89
CA PHE A 21 -11.60 1.82 1.26
C PHE A 21 -11.12 1.40 -0.12
N CYS A 22 -10.83 0.10 -0.28
CA CYS A 22 -10.41 -0.43 -1.57
C CYS A 22 -11.42 0.03 -2.62
N THR A 23 -11.04 1.06 -3.37
CA THR A 23 -11.93 1.66 -4.37
C THR A 23 -12.05 0.82 -5.63
N SER A 24 -11.23 -0.21 -5.77
CA SER A 24 -11.29 -1.02 -6.98
C SER A 24 -11.86 -2.41 -6.73
N CYS A 25 -11.86 -2.88 -5.47
CA CYS A 25 -12.39 -4.22 -5.19
C CYS A 25 -12.16 -4.65 -3.73
N GLY A 26 -13.02 -4.24 -2.80
CA GLY A 26 -12.86 -4.68 -1.42
C GLY A 26 -13.32 -3.67 -0.38
N HIS A 27 -13.28 -4.10 0.89
CA HIS A 27 -13.68 -3.28 2.03
C HIS A 27 -12.55 -2.35 2.45
N HIS A 28 -12.76 -1.57 3.51
CA HIS A 28 -11.74 -0.65 3.98
C HIS A 28 -10.95 -1.22 5.15
N TYR A 29 -10.11 -0.37 5.75
CA TYR A 29 -9.30 -0.78 6.90
C TYR A 29 -8.67 0.44 7.58
N HIS A 30 -8.27 0.27 8.84
CA HIS A 30 -7.67 1.35 9.61
C HIS A 30 -6.20 1.54 9.24
N GLY A 31 -5.73 2.77 9.42
CA GLY A 31 -4.35 3.08 9.12
C GLY A 31 -3.41 2.31 10.05
N ALA A 32 -3.81 2.15 11.31
CA ALA A 32 -3.00 1.45 12.30
C ALA A 32 -2.88 -0.04 11.98
N CYS A 33 -4.00 -0.67 11.60
CA CYS A 33 -3.98 -2.11 11.31
C CYS A 33 -3.25 -2.43 10.01
N LEU A 34 -3.16 -1.45 9.10
CA LEU A 34 -2.47 -1.69 7.83
C LEU A 34 -1.30 -0.71 7.63
N ASP A 35 -0.87 -0.04 8.69
CA ASP A 35 0.25 0.88 8.61
C ASP A 35 0.14 1.82 7.41
N THR A 36 -0.97 2.53 7.30
CA THR A 36 -1.17 3.45 6.18
C THR A 36 -1.28 4.88 6.68
N ALA A 37 -0.46 5.77 6.10
CA ALA A 37 -0.47 7.18 6.48
C ALA A 37 -1.83 7.79 6.20
N LEU A 38 -2.17 8.86 6.92
CA LEU A 38 -3.46 9.51 6.73
C LEU A 38 -3.31 10.86 6.03
N THR A 39 -3.80 10.95 4.80
CA THR A 39 -3.73 12.19 4.03
C THR A 39 -4.99 12.32 3.17
N ALA A 40 -5.44 13.56 2.97
CA ALA A 40 -6.64 13.79 2.18
C ALA A 40 -6.49 13.24 0.77
N ARG A 41 -5.34 13.52 0.15
CA ARG A 41 -5.07 13.04 -1.20
C ARG A 41 -4.95 11.53 -1.21
N LYS A 42 -4.27 10.99 -0.20
CA LYS A 42 -4.08 9.55 -0.08
C LYS A 42 -5.41 8.81 -0.01
N ARG A 43 -6.38 9.40 0.68
CA ARG A 43 -7.68 8.78 0.83
C ARG A 43 -8.29 8.50 -0.55
N ALA A 44 -8.09 9.43 -1.47
CA ALA A 44 -8.60 9.26 -2.82
C ALA A 44 -7.49 8.81 -3.76
N GLY A 45 -7.55 7.55 -4.19
CA GLY A 45 -6.54 7.02 -5.10
C GLY A 45 -5.97 5.70 -4.61
N TRP A 46 -6.13 5.41 -3.32
CA TRP A 46 -5.62 4.16 -2.77
C TRP A 46 -6.31 2.98 -3.43
N GLN A 47 -5.63 2.37 -4.41
CA GLN A 47 -6.21 1.23 -5.12
C GLN A 47 -6.58 0.12 -4.13
N CYS A 48 -5.61 -0.73 -3.80
CA CYS A 48 -5.86 -1.84 -2.88
C CYS A 48 -4.55 -2.36 -2.29
N PRO A 49 -4.61 -2.99 -1.15
CA PRO A 49 -3.41 -3.61 -0.50
C PRO A 49 -3.20 -5.05 -0.96
N GLU A 50 -4.28 -5.84 -0.96
CA GLU A 50 -4.21 -7.24 -1.38
C GLU A 50 -4.70 -7.42 -2.81
N CYS A 51 -4.96 -6.32 -3.51
CA CYS A 51 -5.41 -6.39 -4.90
C CYS A 51 -4.63 -5.37 -5.72
N LYS A 52 -3.40 -5.13 -5.30
CA LYS A 52 -2.53 -4.17 -5.97
C LYS A 52 -1.86 -4.77 -7.20
N VAL A 53 -1.40 -3.90 -8.08
CA VAL A 53 -0.72 -4.34 -9.30
C VAL A 53 0.48 -3.45 -9.61
N CYS A 54 1.37 -3.96 -10.43
CA CYS A 54 2.55 -3.19 -10.84
C CYS A 54 2.17 -2.24 -11.96
N GLN A 55 2.79 -1.07 -11.98
CA GLN A 55 2.50 -0.09 -13.02
C GLN A 55 3.40 -0.31 -14.23
N ALA A 56 3.75 -1.57 -14.49
CA ALA A 56 4.61 -1.91 -15.60
C ALA A 56 4.19 -3.22 -16.23
N CYS A 57 3.98 -4.24 -15.39
CA CYS A 57 3.58 -5.55 -15.89
C CYS A 57 2.28 -6.05 -15.23
N ARG A 58 1.70 -5.26 -14.33
CA ARG A 58 0.46 -5.65 -13.67
C ARG A 58 0.61 -6.92 -12.83
N LYS A 59 1.85 -7.36 -12.62
CA LYS A 59 2.10 -8.56 -11.83
C LYS A 59 2.24 -8.21 -10.34
N PRO A 60 1.41 -8.75 -9.47
CA PRO A 60 1.49 -8.46 -8.00
C PRO A 60 2.60 -9.25 -7.31
N GLY A 61 2.61 -9.18 -5.99
CA GLY A 61 3.62 -9.90 -5.22
C GLY A 61 4.91 -9.11 -5.14
N ASN A 62 5.99 -9.76 -4.73
CA ASN A 62 7.27 -9.08 -4.63
C ASN A 62 7.12 -7.81 -3.78
N ASP A 63 6.43 -7.94 -2.65
CA ASP A 63 6.19 -6.81 -1.77
C ASP A 63 7.50 -6.23 -1.24
N SER A 64 8.44 -7.09 -0.85
CA SER A 64 9.72 -6.62 -0.34
C SER A 64 10.53 -6.00 -1.46
N LYS A 65 10.29 -6.44 -2.69
CA LYS A 65 10.99 -5.91 -3.83
C LYS A 65 10.15 -4.87 -4.58
N MET A 66 8.98 -4.54 -4.03
CA MET A 66 8.09 -3.57 -4.64
C MET A 66 8.01 -2.31 -3.77
N LEU A 67 8.24 -1.16 -4.39
CA LEU A 67 8.17 0.09 -3.65
C LEU A 67 6.79 0.70 -3.87
N VAL A 68 6.13 1.10 -2.79
CA VAL A 68 4.80 1.68 -2.89
C VAL A 68 4.76 3.13 -2.44
N CYS A 69 4.14 3.97 -3.26
CA CYS A 69 4.02 5.39 -2.95
C CYS A 69 3.15 5.57 -1.70
N GLU A 70 3.66 6.32 -0.73
CA GLU A 70 2.95 6.51 0.53
C GLU A 70 1.63 7.27 0.36
N THR A 71 1.62 8.31 -0.49
CA THR A 71 0.41 9.10 -0.67
C THR A 71 -0.25 8.88 -2.04
N CYS A 72 0.53 9.05 -3.12
CA CYS A 72 -0.02 8.87 -4.47
C CYS A 72 0.06 7.41 -4.90
N ASP A 73 -1.00 6.66 -4.61
CA ASP A 73 -1.07 5.23 -4.95
C ASP A 73 -0.32 4.88 -6.24
N LYS A 74 0.69 4.01 -6.11
CA LYS A 74 1.49 3.60 -7.26
C LYS A 74 2.29 2.35 -6.91
N GLY A 75 2.37 1.41 -7.85
CA GLY A 75 3.12 0.17 -7.62
C GLY A 75 4.36 0.11 -8.50
N TYR A 76 5.52 -0.10 -7.88
CA TYR A 76 6.78 -0.15 -8.61
C TYR A 76 7.62 -1.37 -8.22
N HIS A 77 8.13 -2.10 -9.22
CA HIS A 77 9.00 -3.25 -8.95
C HIS A 77 10.44 -2.76 -8.95
N THR A 78 11.35 -3.50 -8.35
CA THR A 78 12.74 -3.06 -8.35
C THR A 78 13.48 -3.58 -9.59
N PHE A 79 12.72 -3.98 -10.60
CA PHE A 79 13.31 -4.46 -11.85
C PHE A 79 12.53 -3.96 -13.06
N CYS A 80 11.64 -2.99 -12.85
CA CYS A 80 10.85 -2.45 -13.95
C CYS A 80 10.04 -1.23 -13.51
N LEU A 81 10.58 -0.45 -12.55
CA LEU A 81 9.91 0.76 -12.09
C LEU A 81 10.27 1.91 -13.01
N LYS A 82 9.64 3.08 -12.83
CA LYS A 82 9.93 4.21 -13.71
C LYS A 82 11.45 4.37 -13.82
N PRO A 83 12.17 4.73 -12.78
CA PRO A 83 13.65 4.75 -12.85
C PRO A 83 14.16 3.36 -12.42
N PRO A 84 14.52 2.48 -13.32
CA PRO A 84 14.94 1.12 -12.93
C PRO A 84 16.19 1.12 -12.04
N MET A 85 16.17 0.27 -11.02
CA MET A 85 17.27 0.18 -10.09
C MET A 85 17.91 -1.21 -10.16
N GLU A 86 19.21 -1.31 -9.88
CA GLU A 86 19.89 -2.60 -9.91
C GLU A 86 19.81 -3.31 -8.56
N GLU A 87 19.34 -2.59 -7.53
CA GLU A 87 19.22 -3.17 -6.21
C GLU A 87 18.04 -2.57 -5.46
N LEU A 88 17.75 -3.14 -4.30
CA LEU A 88 16.63 -2.68 -3.47
C LEU A 88 17.09 -1.47 -2.63
N PRO A 89 16.55 -0.28 -2.85
CA PRO A 89 16.97 0.92 -2.06
C PRO A 89 16.49 0.87 -0.62
N ALA A 90 17.44 1.07 0.30
CA ALA A 90 17.10 1.08 1.72
C ALA A 90 16.21 2.27 2.05
N HIS A 91 16.49 3.39 1.41
CA HIS A 91 15.71 4.61 1.63
C HIS A 91 14.30 4.47 1.06
N SER A 92 13.35 5.25 1.58
CA SER A 92 11.98 5.19 1.08
C SER A 92 11.88 5.95 -0.25
N TRP A 93 11.84 5.20 -1.35
CA TRP A 93 11.76 5.79 -2.68
C TRP A 93 10.31 6.11 -3.05
N LYS A 94 10.07 7.39 -3.37
CA LYS A 94 8.75 7.86 -3.74
C LYS A 94 8.80 9.38 -4.00
N CYS A 95 7.67 9.97 -4.40
CA CYS A 95 7.61 11.41 -4.69
C CYS A 95 8.36 12.20 -3.62
N LYS A 96 8.72 13.44 -3.93
CA LYS A 96 9.45 14.29 -2.97
C LYS A 96 8.61 14.50 -1.71
N ALA A 97 7.35 14.86 -1.90
CA ALA A 97 6.45 15.10 -0.78
C ALA A 97 6.24 13.82 0.01
N CYS A 98 6.22 12.69 -0.69
CA CYS A 98 6.03 11.40 -0.05
C CYS A 98 7.31 10.93 0.63
N ARG A 99 8.44 11.35 0.07
CA ARG A 99 9.74 10.98 0.61
C ARG A 99 9.89 11.46 2.05
N VAL A 100 9.52 12.71 2.27
CA VAL A 100 9.61 13.30 3.61
C VAL A 100 8.43 12.85 4.46
N THR B 1 15.18 4.12 7.24
CA THR B 1 13.82 3.96 6.71
C THR B 1 13.57 2.51 6.33
N GLY B 2 14.39 2.00 5.41
CA GLY B 2 14.24 0.61 4.95
C GLY B 2 13.11 0.50 3.94
N ALA B 3 12.96 -0.68 3.36
CA ALA B 3 11.91 -0.91 2.37
C ALA B 3 10.63 -1.42 3.05
N ARG B 4 10.46 -1.02 4.32
CA ARG B 4 9.28 -1.40 5.09
C ARG B 4 8.02 -0.92 4.38
N THR B 5 8.17 -0.01 3.41
CA THR B 5 7.05 0.53 2.63
C THR B 5 6.00 -0.55 2.34
N LEU B 6 6.04 -1.20 1.19
CA LEU B 6 5.07 -2.24 0.92
C LEU B 6 5.48 -3.48 1.67
N ALA B 7 6.79 -3.69 1.84
CA ALA B 7 7.27 -4.87 2.54
C ALA B 7 6.54 -5.04 3.87
N ASP B 8 6.58 -4.03 4.72
CA ASP B 8 5.91 -4.13 6.02
C ASP B 8 4.39 -4.05 5.89
N ILE B 9 3.91 -3.17 5.02
CA ILE B 9 2.47 -2.98 4.84
C ILE B 9 1.76 -4.25 4.38
N LYS B 10 1.99 -4.66 3.15
CA LYS B 10 1.31 -5.83 2.60
C LYS B 10 1.76 -7.14 3.22
N ALA B 11 3.06 -7.34 3.48
CA ALA B 11 3.50 -8.61 4.03
C ALA B 11 2.89 -8.87 5.40
N LYS B 12 2.87 -7.87 6.27
CA LYS B 12 2.31 -8.06 7.59
C LYS B 12 0.81 -8.30 7.47
N ALA B 13 0.20 -7.65 6.48
CA ALA B 13 -1.22 -7.79 6.25
C ALA B 13 -1.57 -9.26 5.99
N GLN B 14 -0.69 -9.95 5.29
CA GLN B 14 -0.90 -11.36 4.97
C GLN B 14 -0.76 -12.23 6.19
N LEU B 15 0.19 -11.86 7.03
CA LEU B 15 0.42 -12.64 8.23
C LEU B 15 -0.85 -12.61 9.08
N VAL B 16 -1.33 -11.40 9.29
CA VAL B 16 -2.54 -11.18 10.08
C VAL B 16 -3.81 -11.67 9.35
N LYS B 17 -3.92 -11.35 8.07
CA LYS B 17 -5.09 -11.76 7.28
C LYS B 17 -5.18 -13.27 7.23
N ALA B 18 -4.09 -13.90 6.87
CA ALA B 18 -4.04 -15.35 6.75
C ALA B 18 -4.15 -15.99 8.13
N GLN B 19 -3.81 -15.22 9.16
CA GLN B 19 -3.88 -15.73 10.53
C GLN B 19 -5.32 -16.03 10.92
ZN ZN C . -8.46 -2.49 10.70
ZN ZN D . -8.59 -3.99 -4.47
ZN ZN E . 6.59 -4.76 -12.57
ZN ZN F . 3.50 10.18 -4.01
N GLY A 3 -22.79 -2.01 3.63
CA GLY A 3 -22.49 -0.64 3.25
C GLY A 3 -21.24 -0.14 3.95
N SER A 4 -21.10 -0.49 5.22
CA SER A 4 -19.93 -0.08 6.00
C SER A 4 -18.65 -0.66 5.39
N ALA A 5 -18.74 -1.89 4.90
CA ALA A 5 -17.59 -2.55 4.30
C ALA A 5 -16.49 -2.77 5.32
N ARG A 6 -16.76 -3.69 6.25
CA ARG A 6 -15.81 -4.03 7.32
C ARG A 6 -14.38 -4.06 6.80
N CYS A 7 -13.43 -3.80 7.72
CA CYS A 7 -12.02 -3.77 7.35
C CYS A 7 -11.55 -5.13 6.86
N ALA A 8 -10.83 -5.12 5.75
CA ALA A 8 -10.30 -6.36 5.17
C ALA A 8 -9.34 -7.03 6.13
N VAL A 9 -8.50 -6.24 6.81
CA VAL A 9 -7.52 -6.79 7.74
C VAL A 9 -7.63 -6.11 9.11
N CYS A 10 -8.07 -6.91 10.11
CA CYS A 10 -8.25 -6.49 11.51
C CYS A 10 -9.73 -6.22 11.78
N GLU A 11 -10.55 -6.28 10.73
CA GLU A 11 -11.98 -6.05 10.87
C GLU A 11 -12.22 -4.77 11.66
N GLY A 12 -13.46 -4.57 12.04
CA GLY A 12 -13.82 -3.38 12.81
C GLY A 12 -14.43 -2.30 11.92
N PRO A 13 -15.74 -2.29 11.76
CA PRO A 13 -16.41 -1.27 10.91
C PRO A 13 -16.36 0.13 11.54
N GLY A 14 -16.45 1.15 10.71
CA GLY A 14 -16.41 2.53 11.20
C GLY A 14 -16.81 3.51 10.10
N GLU A 15 -16.55 4.80 10.34
CA GLU A 15 -16.89 5.83 9.37
C GLU A 15 -16.06 5.67 8.10
N LEU A 16 -16.74 5.65 6.96
CA LEU A 16 -16.07 5.51 5.67
C LEU A 16 -15.19 6.72 5.36
N CYS A 17 -15.68 7.91 5.71
CA CYS A 17 -14.93 9.13 5.45
C CYS A 17 -13.60 9.14 6.21
N ASP A 18 -13.50 8.31 7.25
CA ASP A 18 -12.28 8.25 8.04
C ASP A 18 -11.42 7.05 7.63
N LEU A 19 -12.01 6.12 6.88
CA LEU A 19 -11.28 4.93 6.45
C LEU A 19 -11.11 4.93 4.93
N PHE A 20 -10.03 4.31 4.46
CA PHE A 20 -9.78 4.24 3.03
C PHE A 20 -10.57 3.09 2.43
N PHE A 21 -11.43 3.41 1.46
CA PHE A 21 -12.27 2.41 0.83
C PHE A 21 -11.65 1.91 -0.48
N CYS A 22 -11.25 0.64 -0.52
CA CYS A 22 -10.65 0.09 -1.73
C CYS A 22 -11.69 -0.02 -2.84
N THR A 23 -11.37 0.55 -4.00
CA THR A 23 -12.29 0.53 -5.13
C THR A 23 -12.24 -0.80 -5.87
N SER A 24 -11.17 -1.56 -5.67
CA SER A 24 -11.02 -2.84 -6.37
C SER A 24 -11.41 -4.03 -5.47
N CYS A 25 -11.61 -3.77 -4.18
CA CYS A 25 -11.98 -4.85 -3.26
C CYS A 25 -13.36 -4.62 -2.66
N GLY A 26 -13.69 -3.35 -2.45
CA GLY A 26 -14.99 -3.01 -1.87
C GLY A 26 -14.90 -2.91 -0.35
N HIS A 27 -13.79 -3.37 0.22
CA HIS A 27 -13.60 -3.32 1.67
C HIS A 27 -12.66 -2.17 2.04
N HIS A 28 -12.97 -1.45 3.10
CA HIS A 28 -12.10 -0.36 3.52
C HIS A 28 -11.09 -0.86 4.55
N TYR A 29 -10.36 0.05 5.18
CA TYR A 29 -9.39 -0.35 6.19
C TYR A 29 -8.85 0.85 6.97
N HIS A 30 -8.32 0.58 8.16
CA HIS A 30 -7.77 1.62 9.02
C HIS A 30 -6.31 1.86 8.68
N GLY A 31 -5.86 3.08 8.90
CA GLY A 31 -4.49 3.44 8.63
C GLY A 31 -3.52 2.66 9.52
N ALA A 32 -3.88 2.48 10.79
CA ALA A 32 -3.02 1.78 11.73
C ALA A 32 -2.92 0.28 11.44
N CYS A 33 -4.05 -0.34 11.10
CA CYS A 33 -4.06 -1.78 10.82
C CYS A 33 -3.34 -2.14 9.53
N LEU A 34 -3.27 -1.20 8.59
CA LEU A 34 -2.61 -1.47 7.33
C LEU A 34 -1.45 -0.50 7.04
N ASP A 35 -1.04 0.27 8.05
CA ASP A 35 0.06 1.20 7.87
C ASP A 35 -0.13 2.09 6.64
N THR A 36 -1.26 2.80 6.60
CA THR A 36 -1.54 3.69 5.48
C THR A 36 -1.69 5.12 5.99
N ALA A 37 -0.95 6.04 5.37
CA ALA A 37 -1.02 7.44 5.77
C ALA A 37 -2.43 7.99 5.60
N LEU A 38 -2.84 8.84 6.53
CA LEU A 38 -4.17 9.42 6.47
C LEU A 38 -4.13 10.77 5.74
N THR A 39 -4.66 10.80 4.53
CA THR A 39 -4.67 12.03 3.75
C THR A 39 -5.72 11.96 2.65
N ALA A 40 -5.95 13.10 1.98
CA ALA A 40 -6.93 13.16 0.92
C ALA A 40 -6.57 12.22 -0.24
N ARG A 41 -5.28 12.14 -0.54
CA ARG A 41 -4.84 11.28 -1.63
C ARG A 41 -5.20 9.82 -1.37
N LYS A 42 -4.95 9.36 -0.16
CA LYS A 42 -5.27 7.98 0.20
C LYS A 42 -6.78 7.77 0.28
N ARG A 43 -7.48 8.79 0.77
CA ARG A 43 -8.94 8.71 0.91
C ARG A 43 -9.61 8.69 -0.46
N ALA A 44 -8.86 9.05 -1.50
CA ALA A 44 -9.42 9.05 -2.85
C ALA A 44 -9.91 7.66 -3.21
N GLY A 45 -9.16 6.64 -2.79
CA GLY A 45 -9.53 5.27 -3.07
C GLY A 45 -8.39 4.52 -3.78
N TRP A 46 -7.27 4.36 -3.07
CA TRP A 46 -6.13 3.67 -3.65
C TRP A 46 -6.25 2.16 -3.42
N GLN A 47 -5.85 1.38 -4.43
CA GLN A 47 -5.92 -0.07 -4.31
C GLN A 47 -5.10 -0.54 -3.12
N CYS A 48 -5.74 -1.29 -2.23
CA CYS A 48 -5.04 -1.79 -1.06
C CYS A 48 -4.02 -2.85 -1.47
N PRO A 49 -3.06 -3.13 -0.63
CA PRO A 49 -1.98 -4.11 -0.91
C PRO A 49 -2.50 -5.49 -1.35
N GLU A 50 -3.73 -5.82 -0.96
CA GLU A 50 -4.30 -7.11 -1.31
C GLU A 50 -4.59 -7.23 -2.81
N CYS A 51 -4.57 -6.10 -3.51
CA CYS A 51 -4.83 -6.10 -4.95
C CYS A 51 -3.89 -5.16 -5.69
N LYS A 52 -2.92 -4.60 -4.98
CA LYS A 52 -1.96 -3.69 -5.57
C LYS A 52 -1.38 -4.29 -6.86
N VAL A 53 -1.01 -3.42 -7.80
CA VAL A 53 -0.44 -3.90 -9.06
C VAL A 53 0.71 -3.02 -9.53
N CYS A 54 1.64 -3.63 -10.25
CA CYS A 54 2.78 -2.91 -10.80
C CYS A 54 2.30 -2.03 -11.95
N GLN A 55 2.81 -0.81 -12.04
CA GLN A 55 2.39 0.09 -13.11
C GLN A 55 3.11 -0.25 -14.42
N ALA A 56 3.83 -1.37 -14.43
CA ALA A 56 4.54 -1.82 -15.61
C ALA A 56 4.02 -3.19 -16.05
N CYS A 57 3.77 -4.06 -15.07
CA CYS A 57 3.27 -5.41 -15.37
C CYS A 57 1.80 -5.57 -15.00
N ARG A 58 1.29 -4.67 -14.17
CA ARG A 58 -0.11 -4.73 -13.74
C ARG A 58 -0.40 -6.03 -12.99
N LYS A 59 0.57 -6.46 -12.18
CA LYS A 59 0.42 -7.68 -11.39
C LYS A 59 0.78 -7.43 -9.92
N PRO A 60 0.22 -8.18 -9.00
CA PRO A 60 0.49 -8.00 -7.54
C PRO A 60 1.70 -8.80 -7.07
N GLY A 61 1.91 -8.80 -5.75
CA GLY A 61 3.03 -9.53 -5.15
C GLY A 61 4.32 -8.74 -5.19
N ASN A 62 5.40 -9.37 -4.75
CA ASN A 62 6.72 -8.72 -4.75
C ASN A 62 6.71 -7.46 -3.88
N ASP A 63 6.03 -7.51 -2.73
CA ASP A 63 5.97 -6.34 -1.84
C ASP A 63 7.36 -5.91 -1.36
N SER A 64 8.17 -6.86 -0.93
CA SER A 64 9.51 -6.52 -0.46
C SER A 64 10.36 -5.96 -1.60
N LYS A 65 10.00 -6.30 -2.82
CA LYS A 65 10.74 -5.82 -3.98
C LYS A 65 9.94 -4.75 -4.73
N MET A 66 8.78 -4.37 -4.20
CA MET A 66 7.95 -3.37 -4.84
C MET A 66 7.89 -2.12 -3.97
N LEU A 67 8.07 -0.97 -4.59
CA LEU A 67 8.05 0.29 -3.87
C LEU A 67 6.65 0.91 -3.91
N VAL A 68 6.18 1.38 -2.75
CA VAL A 68 4.88 2.01 -2.68
C VAL A 68 4.96 3.32 -1.91
N CYS A 69 4.52 4.41 -2.54
CA CYS A 69 4.55 5.69 -1.84
C CYS A 69 3.57 5.62 -0.67
N GLU A 70 4.00 6.04 0.51
CA GLU A 70 3.16 5.97 1.70
C GLU A 70 2.19 7.14 1.75
N THR A 71 2.57 8.24 1.11
CA THR A 71 1.72 9.44 1.09
C THR A 71 0.86 9.47 -0.18
N CYS A 72 1.29 8.73 -1.21
CA CYS A 72 0.54 8.69 -2.46
C CYS A 72 0.36 7.26 -2.93
N ASP A 73 -0.49 7.06 -3.93
CA ASP A 73 -0.73 5.74 -4.48
C ASP A 73 0.11 5.53 -5.73
N LYS A 74 1.12 4.66 -5.63
CA LYS A 74 1.99 4.37 -6.77
C LYS A 74 2.79 3.10 -6.51
N GLY A 75 2.62 2.11 -7.40
CA GLY A 75 3.33 0.84 -7.29
C GLY A 75 4.47 0.77 -8.29
N TYR A 76 5.66 0.48 -7.79
CA TYR A 76 6.82 0.41 -8.66
C TYR A 76 7.63 -0.87 -8.42
N HIS A 77 8.02 -1.49 -9.51
CA HIS A 77 8.81 -2.73 -9.46
C HIS A 77 10.29 -2.40 -9.50
N THR A 78 11.07 -2.96 -8.59
CA THR A 78 12.51 -2.70 -8.57
C THR A 78 13.22 -3.30 -9.79
N PHE A 79 12.47 -3.97 -10.66
CA PHE A 79 13.06 -4.58 -11.84
C PHE A 79 12.49 -3.95 -13.12
N CYS A 80 11.61 -2.96 -12.99
CA CYS A 80 11.04 -2.33 -14.18
C CYS A 80 10.32 -1.00 -13.87
N LEU A 81 10.52 -0.45 -12.67
CA LEU A 81 9.89 0.81 -12.33
C LEU A 81 10.27 1.88 -13.35
N LYS A 82 9.69 3.07 -13.25
CA LYS A 82 10.00 4.12 -14.21
C LYS A 82 11.54 4.21 -14.36
N PRO A 83 12.28 4.57 -13.33
CA PRO A 83 13.76 4.53 -13.39
C PRO A 83 14.22 3.17 -12.88
N PRO A 84 14.48 2.20 -13.73
CA PRO A 84 14.87 0.84 -13.24
C PRO A 84 16.11 0.89 -12.37
N MET A 85 16.06 0.17 -11.26
CA MET A 85 17.17 0.14 -10.33
C MET A 85 17.86 -1.23 -10.36
N GLU A 86 19.15 -1.27 -10.01
CA GLU A 86 19.88 -2.53 -10.01
C GLU A 86 19.76 -3.24 -8.67
N GLU A 87 19.27 -2.53 -7.65
CA GLU A 87 19.12 -3.13 -6.32
C GLU A 87 18.01 -2.46 -5.54
N LEU A 88 17.67 -3.05 -4.40
CA LEU A 88 16.62 -2.53 -3.55
C LEU A 88 17.15 -1.36 -2.70
N PRO A 89 16.62 -0.16 -2.84
CA PRO A 89 17.09 1.03 -2.06
C PRO A 89 17.03 0.81 -0.55
N ALA A 90 18.05 1.29 0.15
CA ALA A 90 18.08 1.16 1.60
C ALA A 90 16.93 1.94 2.22
N HIS A 91 16.65 3.11 1.67
CA HIS A 91 15.56 3.95 2.15
C HIS A 91 14.30 3.72 1.33
N SER A 92 13.18 4.29 1.78
CA SER A 92 11.93 4.14 1.06
C SER A 92 11.97 4.92 -0.25
N TRP A 93 11.10 4.53 -1.18
CA TRP A 93 11.05 5.19 -2.48
C TRP A 93 10.25 6.50 -2.37
N LYS A 94 8.93 6.41 -2.50
CA LYS A 94 8.06 7.56 -2.38
C LYS A 94 8.48 8.72 -3.28
N CYS A 95 7.60 9.71 -3.42
CA CYS A 95 7.91 10.88 -4.22
C CYS A 95 9.12 11.56 -3.57
N LYS A 96 9.64 12.63 -4.16
CA LYS A 96 10.79 13.29 -3.54
C LYS A 96 10.40 13.85 -2.17
N ALA A 97 9.29 14.59 -2.15
CA ALA A 97 8.79 15.19 -0.92
C ALA A 97 8.29 14.13 0.05
N CYS A 98 7.87 13.00 -0.48
CA CYS A 98 7.36 11.92 0.37
C CYS A 98 8.52 11.05 0.87
N ARG A 99 9.58 10.99 0.07
CA ARG A 99 10.75 10.20 0.41
C ARG A 99 11.36 10.71 1.71
N VAL A 100 11.49 12.01 1.82
CA VAL A 100 12.06 12.61 3.02
C VAL A 100 11.18 12.31 4.24
N THR B 1 16.44 3.73 6.14
CA THR B 1 15.22 3.49 6.92
C THR B 1 14.62 2.12 6.59
N GLY B 2 15.09 1.50 5.51
CA GLY B 2 14.61 0.18 5.11
C GLY B 2 13.43 0.29 4.15
N ALA B 3 13.14 -0.79 3.44
CA ALA B 3 12.03 -0.80 2.49
C ALA B 3 10.74 -1.26 3.17
N ARG B 4 10.56 -0.82 4.41
CA ARG B 4 9.36 -1.15 5.16
C ARG B 4 8.13 -0.66 4.41
N THR B 5 8.34 0.23 3.43
CA THR B 5 7.27 0.78 2.61
C THR B 5 6.18 -0.28 2.30
N LEU B 6 6.25 -0.91 1.13
CA LEU B 6 5.27 -1.91 0.80
C LEU B 6 5.60 -3.19 1.52
N ALA B 7 6.90 -3.42 1.77
CA ALA B 7 7.31 -4.63 2.46
C ALA B 7 6.61 -4.78 3.81
N ASP B 8 6.66 -3.75 4.65
CA ASP B 8 6.00 -3.86 5.96
C ASP B 8 4.48 -3.82 5.81
N ILE B 9 4.01 -2.99 4.89
CA ILE B 9 2.57 -2.83 4.67
C ILE B 9 1.88 -4.14 4.24
N LYS B 10 2.19 -4.62 3.04
CA LYS B 10 1.54 -5.82 2.53
C LYS B 10 1.98 -7.10 3.25
N ALA B 11 3.28 -7.23 3.52
CA ALA B 11 3.76 -8.44 4.17
C ALA B 11 3.15 -8.63 5.55
N LYS B 12 3.09 -7.57 6.35
CA LYS B 12 2.51 -7.70 7.68
C LYS B 12 1.03 -7.99 7.54
N ALA B 13 0.43 -7.47 6.47
CA ALA B 13 -0.97 -7.69 6.21
C ALA B 13 -1.25 -9.17 6.11
N GLN B 14 -0.31 -9.90 5.52
CA GLN B 14 -0.45 -11.34 5.36
C GLN B 14 -0.34 -12.04 6.69
N LEU B 15 0.52 -11.53 7.53
CA LEU B 15 0.70 -12.14 8.84
C LEU B 15 -0.59 -12.03 9.62
N VAL B 16 -1.14 -10.83 9.64
CA VAL B 16 -2.39 -10.56 10.36
C VAL B 16 -3.60 -11.20 9.66
N LYS B 17 -3.60 -11.16 8.33
CA LYS B 17 -4.71 -11.72 7.56
C LYS B 17 -4.74 -13.23 7.68
N ALA B 18 -3.62 -13.84 7.35
CA ALA B 18 -3.49 -15.30 7.41
C ALA B 18 -3.64 -15.80 8.84
N GLN B 19 -3.33 -14.93 9.79
CA GLN B 19 -3.42 -15.29 11.20
C GLN B 19 -4.81 -15.82 11.52
ZN ZN C . -8.46 -2.30 9.85
ZN ZN D . -8.04 -3.88 -2.77
ZN ZN E . 6.79 -4.58 -12.80
ZN ZN F . 4.14 10.61 -2.64
N GLY A 3 -23.72 -0.24 3.84
CA GLY A 3 -23.00 1.03 3.68
C GLY A 3 -21.50 0.84 3.88
N SER A 4 -21.10 0.69 5.13
CA SER A 4 -19.67 0.50 5.44
C SER A 4 -19.18 -0.83 4.88
N ALA A 5 -17.95 -0.82 4.39
CA ALA A 5 -17.35 -2.03 3.83
C ALA A 5 -16.30 -2.60 4.77
N ARG A 6 -16.69 -3.64 5.50
CA ARG A 6 -15.85 -4.32 6.49
C ARG A 6 -14.36 -4.22 6.16
N CYS A 7 -13.55 -4.05 7.19
CA CYS A 7 -12.12 -3.92 7.03
C CYS A 7 -11.53 -5.14 6.33
N ALA A 8 -10.62 -4.89 5.39
CA ALA A 8 -9.97 -5.98 4.66
C ALA A 8 -9.19 -6.90 5.60
N VAL A 9 -8.50 -6.31 6.57
CA VAL A 9 -7.71 -7.11 7.51
C VAL A 9 -7.85 -6.57 8.93
N CYS A 10 -8.97 -6.94 9.57
CA CYS A 10 -9.28 -6.52 10.94
C CYS A 10 -10.73 -6.86 11.27
N GLU A 11 -11.57 -6.93 10.24
CA GLU A 11 -12.98 -7.25 10.42
C GLU A 11 -13.63 -6.34 11.47
N GLY A 12 -14.28 -5.28 10.99
CA GLY A 12 -14.95 -4.33 11.88
C GLY A 12 -15.57 -3.19 11.08
N PRO A 13 -16.65 -2.60 11.57
CA PRO A 13 -17.33 -1.46 10.88
C PRO A 13 -16.69 -0.12 11.21
N GLY A 14 -17.10 0.92 10.49
CA GLY A 14 -16.56 2.27 10.74
C GLY A 14 -17.05 3.27 9.70
N GLU A 15 -16.45 4.46 9.71
CA GLU A 15 -16.83 5.52 8.79
C GLU A 15 -15.94 5.50 7.54
N LEU A 16 -16.57 5.59 6.38
CA LEU A 16 -15.85 5.58 5.10
C LEU A 16 -14.90 6.78 4.98
N CYS A 17 -15.36 7.94 5.42
CA CYS A 17 -14.55 9.15 5.35
C CYS A 17 -13.31 9.05 6.24
N ASP A 18 -13.42 8.28 7.33
CA ASP A 18 -12.30 8.11 8.24
C ASP A 18 -11.52 6.84 7.95
N LEU A 19 -11.77 6.23 6.80
CA LEU A 19 -11.07 4.99 6.44
C LEU A 19 -10.67 5.00 4.97
N PHE A 20 -9.58 4.31 4.64
CA PHE A 20 -9.12 4.23 3.26
C PHE A 20 -10.01 3.27 2.49
N PHE A 21 -10.61 3.76 1.41
CA PHE A 21 -11.50 2.94 0.61
C PHE A 21 -10.79 2.52 -0.69
N CYS A 22 -10.58 1.21 -0.87
CA CYS A 22 -9.91 0.73 -2.07
C CYS A 22 -10.52 1.35 -3.32
N THR A 23 -9.69 1.56 -4.33
CA THR A 23 -10.14 2.18 -5.56
C THR A 23 -10.73 1.16 -6.54
N SER A 24 -10.75 -0.11 -6.17
CA SER A 24 -11.29 -1.14 -7.06
C SER A 24 -12.04 -2.24 -6.31
N CYS A 25 -11.43 -2.73 -5.23
CA CYS A 25 -12.04 -3.79 -4.43
C CYS A 25 -13.39 -3.37 -3.87
N GLY A 26 -13.46 -2.13 -3.39
CA GLY A 26 -14.70 -1.64 -2.82
C GLY A 26 -14.71 -1.75 -1.29
N HIS A 27 -13.67 -2.36 -0.73
CA HIS A 27 -13.59 -2.51 0.72
C HIS A 27 -12.65 -1.45 1.30
N HIS A 28 -12.77 -1.19 2.60
CA HIS A 28 -11.91 -0.20 3.23
C HIS A 28 -11.14 -0.82 4.39
N TYR A 29 -10.37 -0.01 5.11
CA TYR A 29 -9.59 -0.51 6.24
C TYR A 29 -9.06 0.63 7.12
N HIS A 30 -8.71 0.30 8.37
CA HIS A 30 -8.20 1.28 9.32
C HIS A 30 -6.70 1.45 9.20
N GLY A 31 -6.22 2.60 9.65
CA GLY A 31 -4.79 2.90 9.61
C GLY A 31 -4.01 1.95 10.52
N ALA A 32 -4.62 1.58 11.64
CA ALA A 32 -3.96 0.69 12.60
C ALA A 32 -3.71 -0.70 12.00
N CYS A 33 -4.66 -1.19 11.21
CA CYS A 33 -4.53 -2.54 10.64
C CYS A 33 -3.30 -2.68 9.72
N LEU A 34 -3.12 -1.76 8.77
CA LEU A 34 -1.96 -1.85 7.86
C LEU A 34 -0.88 -0.83 8.19
N ASP A 35 -1.09 -0.06 9.25
CA ASP A 35 -0.12 0.97 9.65
C ASP A 35 -0.05 2.05 8.59
N THR A 36 -1.18 2.68 8.32
CA THR A 36 -1.25 3.73 7.31
C THR A 36 -1.83 5.02 7.90
N ALA A 37 -1.22 6.15 7.57
CA ALA A 37 -1.69 7.44 8.06
C ALA A 37 -3.08 7.73 7.51
N LEU A 38 -3.92 8.34 8.34
CA LEU A 38 -5.29 8.67 7.93
C LEU A 38 -5.45 10.17 7.75
N THR A 39 -5.03 10.68 6.59
CA THR A 39 -5.13 12.12 6.32
C THR A 39 -4.83 12.44 4.85
N ALA A 40 -4.68 13.72 4.57
CA ALA A 40 -4.38 14.20 3.23
C ALA A 40 -5.19 13.49 2.15
N ARG A 41 -4.75 13.63 0.90
CA ARG A 41 -5.43 13.02 -0.23
C ARG A 41 -5.37 11.50 -0.18
N LYS A 42 -4.34 10.97 0.47
CA LYS A 42 -4.19 9.52 0.56
C LYS A 42 -5.41 8.89 1.22
N ARG A 43 -6.22 9.70 1.91
CA ARG A 43 -7.42 9.18 2.56
C ARG A 43 -8.25 8.36 1.57
N ALA A 44 -8.46 8.92 0.39
CA ALA A 44 -9.25 8.24 -0.64
C ALA A 44 -8.38 7.73 -1.78
N GLY A 45 -7.11 8.14 -1.82
CA GLY A 45 -6.21 7.71 -2.88
C GLY A 45 -5.41 6.48 -2.48
N TRP A 46 -5.88 5.77 -1.46
CA TRP A 46 -5.17 4.57 -1.00
C TRP A 46 -5.82 3.31 -1.53
N GLN A 47 -5.00 2.45 -2.14
CA GLN A 47 -5.48 1.19 -2.68
C GLN A 47 -4.93 0.05 -1.83
N CYS A 48 -5.81 -0.80 -1.31
CA CYS A 48 -5.37 -1.92 -0.47
C CYS A 48 -4.25 -2.69 -1.16
N PRO A 49 -3.30 -3.22 -0.42
CA PRO A 49 -2.16 -3.98 -1.00
C PRO A 49 -2.57 -5.34 -1.55
N GLU A 50 -3.66 -5.88 -1.04
CA GLU A 50 -4.12 -7.19 -1.48
C GLU A 50 -4.61 -7.17 -2.93
N CYS A 51 -4.67 -5.98 -3.55
CA CYS A 51 -5.14 -5.91 -4.94
C CYS A 51 -4.22 -5.05 -5.81
N LYS A 52 -3.21 -4.42 -5.22
CA LYS A 52 -2.31 -3.60 -6.01
C LYS A 52 -1.46 -4.44 -6.95
N VAL A 53 -1.22 -3.90 -8.13
CA VAL A 53 -0.43 -4.57 -9.14
C VAL A 53 0.68 -3.68 -9.63
N CYS A 54 1.70 -4.27 -10.21
CA CYS A 54 2.81 -3.50 -10.73
C CYS A 54 2.31 -2.61 -11.86
N GLN A 55 2.77 -1.38 -11.89
CA GLN A 55 2.35 -0.44 -12.94
C GLN A 55 3.24 -0.60 -14.17
N ALA A 56 3.88 -1.76 -14.30
CA ALA A 56 4.76 -2.02 -15.42
C ALA A 56 4.43 -3.35 -16.10
N CYS A 57 4.20 -4.40 -15.31
CA CYS A 57 3.90 -5.71 -15.87
C CYS A 57 2.58 -6.29 -15.36
N ARG A 58 1.93 -5.62 -14.41
CA ARG A 58 0.65 -6.10 -13.89
C ARG A 58 0.78 -7.51 -13.30
N LYS A 59 1.91 -7.77 -12.65
CA LYS A 59 2.16 -9.07 -12.03
C LYS A 59 2.57 -8.90 -10.56
N PRO A 60 1.62 -8.81 -9.66
CA PRO A 60 1.91 -8.62 -8.19
C PRO A 60 2.48 -9.88 -7.55
N GLY A 61 2.99 -9.72 -6.33
CA GLY A 61 3.56 -10.86 -5.59
C GLY A 61 5.01 -10.60 -5.19
N ASN A 62 5.38 -9.33 -5.07
CA ASN A 62 6.74 -8.97 -4.69
C ASN A 62 6.71 -7.80 -3.71
N ASP A 63 6.15 -8.02 -2.53
CA ASP A 63 6.03 -6.97 -1.53
C ASP A 63 7.39 -6.39 -1.14
N SER A 64 8.37 -7.25 -0.86
CA SER A 64 9.69 -6.77 -0.47
C SER A 64 10.43 -6.17 -1.66
N LYS A 65 10.03 -6.55 -2.87
CA LYS A 65 10.67 -6.03 -4.07
C LYS A 65 9.79 -4.97 -4.74
N MET A 66 8.70 -4.59 -4.07
CA MET A 66 7.80 -3.58 -4.62
C MET A 66 7.89 -2.28 -3.83
N LEU A 67 8.24 -1.20 -4.51
CA LEU A 67 8.31 0.08 -3.85
C LEU A 67 6.94 0.75 -4.00
N VAL A 68 6.23 0.83 -2.90
CA VAL A 68 4.88 1.40 -2.91
C VAL A 68 4.87 2.84 -2.42
N CYS A 69 4.07 3.65 -3.10
CA CYS A 69 3.94 5.04 -2.72
C CYS A 69 3.14 5.17 -1.43
N GLU A 70 3.61 6.00 -0.50
CA GLU A 70 2.93 6.15 0.79
C GLU A 70 1.69 7.03 0.70
N THR A 71 1.78 8.15 -0.04
CA THR A 71 0.64 9.04 -0.16
C THR A 71 0.02 8.97 -1.56
N CYS A 72 0.88 9.01 -2.57
CA CYS A 72 0.40 8.94 -3.95
C CYS A 72 0.41 7.48 -4.45
N ASP A 73 -0.50 6.68 -3.88
CA ASP A 73 -0.64 5.25 -4.21
C ASP A 73 -0.08 4.89 -5.58
N LYS A 74 0.79 3.88 -5.61
CA LYS A 74 1.42 3.43 -6.85
C LYS A 74 2.34 2.25 -6.57
N GLY A 75 2.43 1.32 -7.52
CA GLY A 75 3.28 0.13 -7.34
C GLY A 75 4.46 0.13 -8.32
N TYR A 76 5.66 -0.07 -7.77
CA TYR A 76 6.86 -0.11 -8.60
C TYR A 76 7.69 -1.37 -8.33
N HIS A 77 8.04 -2.08 -9.39
CA HIS A 77 8.83 -3.30 -9.27
C HIS A 77 10.32 -2.99 -9.40
N THR A 78 11.14 -3.45 -8.45
CA THR A 78 12.58 -3.20 -8.48
C THR A 78 13.27 -3.78 -9.71
N PHE A 79 12.54 -4.54 -10.52
CA PHE A 79 13.13 -5.12 -11.71
C PHE A 79 12.41 -4.66 -12.98
N CYS A 80 11.50 -3.70 -12.84
CA CYS A 80 10.78 -3.20 -13.99
C CYS A 80 9.96 -1.96 -13.67
N LEU A 81 10.42 -1.16 -12.70
CA LEU A 81 9.71 0.06 -12.35
C LEU A 81 10.02 1.10 -13.42
N LYS A 82 9.43 2.31 -13.34
CA LYS A 82 9.70 3.30 -14.39
C LYS A 82 11.22 3.40 -14.58
N PRO A 83 11.99 3.90 -13.63
CA PRO A 83 13.46 3.87 -13.74
C PRO A 83 13.96 2.56 -13.13
N PRO A 84 14.31 1.57 -13.92
CA PRO A 84 14.73 0.25 -13.35
C PRO A 84 16.00 0.38 -12.51
N MET A 85 16.02 -0.36 -11.41
CA MET A 85 17.15 -0.33 -10.49
C MET A 85 17.84 -1.70 -10.44
N GLU A 86 19.15 -1.71 -10.18
CA GLU A 86 19.88 -2.98 -10.11
C GLU A 86 19.84 -3.56 -8.70
N GLU A 87 19.37 -2.78 -7.72
CA GLU A 87 19.29 -3.26 -6.35
C GLU A 87 18.16 -2.57 -5.59
N LEU A 88 17.89 -3.07 -4.39
CA LEU A 88 16.83 -2.52 -3.56
C LEU A 88 17.34 -1.26 -2.82
N PRO A 89 16.72 -0.12 -2.99
CA PRO A 89 17.18 1.14 -2.31
C PRO A 89 17.18 1.02 -0.79
N ALA A 90 18.21 1.56 -0.16
CA ALA A 90 18.31 1.55 1.29
C ALA A 90 17.42 2.65 1.89
N HIS A 91 16.90 3.53 1.03
CA HIS A 91 16.04 4.61 1.48
C HIS A 91 14.66 4.49 0.83
N SER A 92 13.85 5.53 0.94
CA SER A 92 12.52 5.49 0.36
C SER A 92 12.53 6.00 -1.08
N TRP A 93 11.95 5.21 -1.97
CA TRP A 93 11.86 5.60 -3.38
C TRP A 93 10.39 5.88 -3.71
N LYS A 94 10.01 7.14 -3.55
CA LYS A 94 8.64 7.57 -3.78
C LYS A 94 8.64 9.00 -4.32
N CYS A 95 7.47 9.51 -4.69
CA CYS A 95 7.39 10.88 -5.22
C CYS A 95 8.00 11.86 -4.22
N LYS A 96 8.30 13.07 -4.67
CA LYS A 96 8.92 14.08 -3.81
C LYS A 96 8.03 14.48 -2.63
N ALA A 97 6.76 14.76 -2.89
CA ALA A 97 5.84 15.19 -1.82
C ALA A 97 5.75 14.15 -0.72
N CYS A 98 5.67 12.88 -1.11
CA CYS A 98 5.58 11.78 -0.16
C CYS A 98 6.95 11.39 0.38
N ARG A 99 7.99 11.60 -0.42
CA ARG A 99 9.34 11.24 0.01
C ARG A 99 9.67 11.90 1.34
N VAL A 100 9.33 13.17 1.46
CA VAL A 100 9.60 13.90 2.69
C VAL A 100 8.60 13.51 3.77
N THR B 1 14.10 5.66 3.71
CA THR B 1 13.75 5.18 5.04
C THR B 1 13.33 3.71 4.99
N GLY B 2 14.28 2.84 4.65
CA GLY B 2 14.01 1.41 4.58
C GLY B 2 12.94 1.09 3.53
N ALA B 3 12.82 -0.19 3.22
CA ALA B 3 11.83 -0.64 2.24
C ALA B 3 10.55 -1.11 2.93
N ARG B 4 10.33 -0.58 4.14
CA ARG B 4 9.15 -0.93 4.91
C ARG B 4 7.89 -0.68 4.09
N THR B 5 8.02 0.15 3.05
CA THR B 5 6.91 0.50 2.15
C THR B 5 5.92 -0.66 1.98
N LEU B 6 6.03 -1.44 0.90
CA LEU B 6 5.11 -2.55 0.73
C LEU B 6 5.64 -3.76 1.47
N ALA B 7 6.95 -3.79 1.72
CA ALA B 7 7.52 -4.91 2.42
C ALA B 7 6.91 -5.04 3.81
N ASP B 8 6.80 -3.93 4.53
CA ASP B 8 6.21 -3.99 5.87
C ASP B 8 4.69 -3.96 5.83
N ILE B 9 4.12 -3.13 4.97
CA ILE B 9 2.66 -3.00 4.89
C ILE B 9 1.98 -4.31 4.45
N LYS B 10 2.45 -4.87 3.34
CA LYS B 10 1.83 -6.08 2.81
C LYS B 10 2.29 -7.35 3.54
N ALA B 11 3.59 -7.46 3.82
CA ALA B 11 4.06 -8.66 4.48
C ALA B 11 3.42 -8.79 5.86
N LYS B 12 3.35 -7.69 6.61
CA LYS B 12 2.72 -7.74 7.92
C LYS B 12 1.26 -8.07 7.74
N ALA B 13 0.69 -7.61 6.63
CA ALA B 13 -0.70 -7.88 6.34
C ALA B 13 -0.93 -9.38 6.33
N GLN B 14 0.04 -10.12 5.83
CA GLN B 14 -0.06 -11.56 5.77
C GLN B 14 -0.03 -12.15 7.17
N LEU B 15 0.76 -11.54 8.01
CA LEU B 15 0.87 -12.02 9.38
C LEU B 15 -0.46 -11.87 10.09
N VAL B 16 -1.06 -10.69 9.97
CA VAL B 16 -2.34 -10.43 10.63
C VAL B 16 -3.50 -11.12 9.90
N LYS B 17 -3.39 -11.26 8.59
CA LYS B 17 -4.44 -11.89 7.79
C LYS B 17 -4.43 -13.39 8.03
N ALA B 18 -3.29 -14.00 7.77
CA ALA B 18 -3.13 -15.43 7.93
C ALA B 18 -3.31 -15.84 9.39
N GLN B 19 -3.05 -14.90 10.28
CA GLN B 19 -3.19 -15.16 11.71
C GLN B 19 -4.54 -15.82 12.01
ZN ZN C . -9.50 -2.72 10.26
ZN ZN D . -7.99 -3.44 -3.61
ZN ZN E . 6.57 -5.30 -12.38
ZN ZN F . 4.06 9.71 -4.02
N GLY A 3 -21.61 2.42 4.51
CA GLY A 3 -21.54 2.25 5.95
C GLY A 3 -20.30 1.42 6.34
N SER A 4 -20.28 0.17 5.91
CA SER A 4 -19.15 -0.71 6.22
C SER A 4 -18.94 -1.73 5.12
N ALA A 5 -17.68 -2.07 4.88
CA ALA A 5 -17.33 -3.04 3.84
C ALA A 5 -16.27 -4.02 4.34
N ARG A 6 -16.49 -4.55 5.55
CA ARG A 6 -15.58 -5.52 6.18
C ARG A 6 -14.10 -5.18 5.99
N CYS A 7 -13.47 -4.68 7.04
CA CYS A 7 -12.05 -4.36 6.96
C CYS A 7 -11.28 -5.61 6.51
N ALA A 8 -10.51 -5.47 5.44
CA ALA A 8 -9.75 -6.60 4.92
C ALA A 8 -8.76 -7.14 5.93
N VAL A 9 -8.03 -6.24 6.60
CA VAL A 9 -7.04 -6.69 7.56
C VAL A 9 -7.46 -6.42 9.02
N CYS A 10 -8.57 -7.04 9.39
CA CYS A 10 -9.12 -6.98 10.75
C CYS A 10 -10.28 -7.95 10.84
N GLU A 11 -11.01 -8.07 9.73
CA GLU A 11 -12.17 -8.94 9.67
C GLU A 11 -13.26 -8.45 10.62
N GLY A 12 -13.57 -7.16 10.53
CA GLY A 12 -14.60 -6.58 11.40
C GLY A 12 -15.17 -5.30 10.78
N PRO A 13 -16.19 -4.77 11.40
CA PRO A 13 -16.87 -3.52 10.94
C PRO A 13 -15.91 -2.33 10.81
N GLY A 14 -16.25 -1.39 9.94
CA GLY A 14 -15.42 -0.21 9.74
C GLY A 14 -16.25 1.08 9.86
N GLU A 15 -15.57 2.19 10.11
CA GLU A 15 -16.26 3.48 10.24
C GLU A 15 -16.17 4.30 8.97
N LEU A 16 -17.31 4.45 8.31
CA LEU A 16 -17.36 5.22 7.07
C LEU A 16 -16.92 6.66 7.30
N CYS A 17 -16.26 7.24 6.29
CA CYS A 17 -15.76 8.62 6.37
C CYS A 17 -14.58 8.74 7.32
N ASP A 18 -13.87 7.65 7.55
CA ASP A 18 -12.71 7.66 8.44
C ASP A 18 -11.79 6.48 8.14
N LEU A 19 -11.85 5.99 6.90
CA LEU A 19 -11.02 4.86 6.50
C LEU A 19 -10.94 4.78 4.98
N PHE A 20 -9.90 4.11 4.47
CA PHE A 20 -9.74 3.98 3.02
C PHE A 20 -10.59 2.82 2.49
N PHE A 21 -10.93 2.91 1.21
CA PHE A 21 -11.76 1.88 0.59
C PHE A 21 -11.16 1.41 -0.75
N CYS A 22 -11.02 0.09 -0.92
CA CYS A 22 -10.45 -0.44 -2.17
C CYS A 22 -11.17 0.17 -3.37
N THR A 23 -10.39 0.64 -4.34
CA THR A 23 -10.97 1.23 -5.54
C THR A 23 -11.14 0.19 -6.64
N SER A 24 -10.39 -0.91 -6.55
CA SER A 24 -10.47 -1.95 -7.56
C SER A 24 -10.87 -3.30 -6.96
N CYS A 25 -11.47 -3.29 -5.77
CA CYS A 25 -11.86 -4.55 -5.13
C CYS A 25 -13.25 -4.46 -4.50
N GLY A 26 -13.37 -3.66 -3.45
CA GLY A 26 -14.65 -3.50 -2.77
C GLY A 26 -14.50 -3.62 -1.24
N HIS A 27 -13.31 -4.01 -0.78
CA HIS A 27 -13.06 -4.15 0.66
C HIS A 27 -12.33 -2.92 1.20
N HIS A 28 -12.67 -2.53 2.42
CA HIS A 28 -12.03 -1.35 3.02
C HIS A 28 -11.00 -1.76 4.07
N TYR A 29 -10.35 -0.76 4.69
CA TYR A 29 -9.36 -1.05 5.72
C TYR A 29 -9.00 0.22 6.50
N HIS A 30 -8.64 0.03 7.76
CA HIS A 30 -8.28 1.16 8.63
C HIS A 30 -6.79 1.46 8.49
N GLY A 31 -6.45 2.74 8.60
CA GLY A 31 -5.05 3.14 8.51
C GLY A 31 -4.23 2.58 9.66
N ALA A 32 -4.80 2.60 10.86
CA ALA A 32 -4.09 2.10 12.03
C ALA A 32 -3.78 0.61 11.90
N CYS A 33 -4.72 -0.15 11.37
CA CYS A 33 -4.52 -1.60 11.22
C CYS A 33 -3.66 -1.94 10.01
N LEU A 34 -3.50 -0.98 9.09
CA LEU A 34 -2.70 -1.23 7.89
C LEU A 34 -1.51 -0.27 7.78
N ASP A 35 -1.13 0.34 8.91
CA ASP A 35 0.01 1.25 8.94
C ASP A 35 -0.04 2.30 7.84
N THR A 36 -1.11 3.09 7.83
CA THR A 36 -1.25 4.14 6.84
C THR A 36 -1.73 5.43 7.49
N ALA A 37 -1.02 6.52 7.23
CA ALA A 37 -1.40 7.81 7.80
C ALA A 37 -2.76 8.24 7.27
N LEU A 38 -3.58 8.84 8.12
CA LEU A 38 -4.91 9.27 7.72
C LEU A 38 -4.91 10.74 7.34
N THR A 39 -4.84 11.01 6.05
CA THR A 39 -4.84 12.39 5.56
C THR A 39 -5.70 12.50 4.31
N ALA A 40 -6.22 13.70 4.05
CA ALA A 40 -7.06 13.92 2.88
C ALA A 40 -6.27 13.69 1.59
N ARG A 41 -5.04 14.19 1.55
CA ARG A 41 -4.20 14.04 0.38
C ARG A 41 -3.93 12.57 0.08
N LYS A 42 -3.58 11.82 1.11
CA LYS A 42 -3.29 10.40 0.94
C LYS A 42 -4.51 9.64 0.43
N ARG A 43 -5.69 9.97 0.95
CA ARG A 43 -6.91 9.30 0.54
C ARG A 43 -7.11 9.38 -0.97
N ALA A 44 -6.78 10.52 -1.55
CA ALA A 44 -6.94 10.70 -2.98
C ALA A 44 -5.92 9.87 -3.75
N GLY A 45 -6.41 8.93 -4.55
CA GLY A 45 -5.54 8.07 -5.35
C GLY A 45 -5.16 6.79 -4.63
N TRP A 46 -5.49 6.68 -3.34
CA TRP A 46 -5.16 5.49 -2.58
C TRP A 46 -6.02 4.31 -3.03
N GLN A 47 -5.37 3.26 -3.52
CA GLN A 47 -6.09 2.08 -4.00
C GLN A 47 -6.18 1.04 -2.88
N CYS A 48 -5.13 0.22 -2.73
CA CYS A 48 -5.11 -0.79 -1.68
C CYS A 48 -3.80 -1.59 -1.71
N PRO A 49 -2.92 -1.43 -0.73
CA PRO A 49 -1.63 -2.18 -0.68
C PRO A 49 -1.83 -3.70 -0.76
N GLU A 50 -2.87 -4.17 -0.06
CA GLU A 50 -3.17 -5.60 -0.03
C GLU A 50 -3.60 -6.12 -1.40
N CYS A 51 -4.26 -5.28 -2.20
CA CYS A 51 -4.71 -5.71 -3.52
C CYS A 51 -4.18 -4.77 -4.61
N LYS A 52 -2.90 -4.41 -4.50
CA LYS A 52 -2.28 -3.52 -5.49
C LYS A 52 -1.65 -4.31 -6.62
N VAL A 53 -1.41 -3.63 -7.74
CA VAL A 53 -0.81 -4.27 -8.91
C VAL A 53 0.36 -3.45 -9.41
N CYS A 54 1.25 -4.10 -10.13
CA CYS A 54 2.40 -3.42 -10.70
C CYS A 54 1.94 -2.54 -11.85
N GLN A 55 2.58 -1.39 -12.02
CA GLN A 55 2.21 -0.49 -13.10
C GLN A 55 2.99 -0.85 -14.37
N ALA A 56 3.44 -2.09 -14.46
CA ALA A 56 4.19 -2.56 -15.60
C ALA A 56 3.63 -3.87 -16.12
N CYS A 57 3.38 -4.82 -15.20
CA CYS A 57 2.83 -6.12 -15.58
C CYS A 57 1.41 -6.32 -15.07
N ARG A 58 0.93 -5.42 -14.20
CA ARG A 58 -0.42 -5.52 -13.67
C ARG A 58 -0.59 -6.82 -12.88
N LYS A 59 0.37 -7.12 -12.01
CA LYS A 59 0.30 -8.33 -11.20
C LYS A 59 0.72 -8.03 -9.75
N PRO A 60 0.02 -8.55 -8.75
CA PRO A 60 0.37 -8.30 -7.33
C PRO A 60 1.54 -9.16 -6.84
N GLY A 61 1.81 -9.08 -5.55
CA GLY A 61 2.89 -9.86 -4.95
C GLY A 61 4.19 -9.06 -4.95
N ASN A 62 5.27 -9.71 -4.52
CA ASN A 62 6.58 -9.05 -4.48
C ASN A 62 6.52 -7.79 -3.62
N ASP A 63 5.89 -7.89 -2.46
CA ASP A 63 5.77 -6.74 -1.57
C ASP A 63 7.14 -6.23 -1.11
N SER A 64 8.03 -7.15 -0.77
CA SER A 64 9.37 -6.76 -0.33
C SER A 64 10.18 -6.25 -1.50
N LYS A 65 9.79 -6.63 -2.71
CA LYS A 65 10.49 -6.18 -3.90
C LYS A 65 9.68 -5.11 -4.62
N MET A 66 8.58 -4.65 -4.02
CA MET A 66 7.75 -3.62 -4.64
C MET A 66 7.83 -2.33 -3.84
N LEU A 67 8.08 -1.23 -4.53
CA LEU A 67 8.17 0.07 -3.89
C LEU A 67 6.83 0.79 -4.01
N VAL A 68 6.29 1.25 -2.88
CA VAL A 68 5.01 1.95 -2.89
C VAL A 68 5.17 3.40 -2.49
N CYS A 69 4.49 4.28 -3.22
CA CYS A 69 4.53 5.71 -2.92
C CYS A 69 3.56 6.03 -1.79
N GLU A 70 4.07 6.65 -0.73
CA GLU A 70 3.28 6.97 0.45
C GLU A 70 2.14 7.96 0.18
N THR A 71 2.40 9.02 -0.57
CA THR A 71 1.35 10.02 -0.83
C THR A 71 0.52 9.65 -2.06
N CYS A 72 1.19 9.52 -3.20
CA CYS A 72 0.50 9.16 -4.44
C CYS A 72 0.56 7.65 -4.65
N ASP A 73 -0.35 6.92 -4.00
CA ASP A 73 -0.38 5.46 -4.08
C ASP A 73 -0.06 4.96 -5.49
N LYS A 74 1.01 4.16 -5.56
CA LYS A 74 1.44 3.59 -6.84
C LYS A 74 2.38 2.42 -6.56
N GLY A 75 2.28 1.37 -7.37
CA GLY A 75 3.13 0.19 -7.16
C GLY A 75 4.24 0.11 -8.21
N TYR A 76 5.47 -0.10 -7.73
CA TYR A 76 6.61 -0.19 -8.63
C TYR A 76 7.41 -1.46 -8.36
N HIS A 77 7.75 -2.17 -9.43
CA HIS A 77 8.53 -3.40 -9.34
C HIS A 77 10.02 -3.12 -9.50
N THR A 78 10.84 -3.60 -8.54
CA THR A 78 12.29 -3.37 -8.58
C THR A 78 12.94 -3.90 -9.85
N PHE A 79 12.22 -4.72 -10.61
CA PHE A 79 12.78 -5.27 -11.84
C PHE A 79 12.04 -4.75 -13.07
N CYS A 80 11.15 -3.77 -12.89
CA CYS A 80 10.43 -3.22 -14.01
C CYS A 80 9.63 -1.97 -13.62
N LEU A 81 10.22 -1.12 -12.78
CA LEU A 81 9.57 0.12 -12.37
C LEU A 81 9.95 1.22 -13.36
N LYS A 82 9.30 2.39 -13.30
CA LYS A 82 9.63 3.45 -14.27
C LYS A 82 11.15 3.61 -14.34
N PRO A 83 11.82 3.97 -13.28
CA PRO A 83 13.31 4.00 -13.25
C PRO A 83 13.82 2.68 -12.68
N PRO A 84 14.06 1.66 -13.48
CA PRO A 84 14.49 0.34 -12.96
C PRO A 84 15.74 0.43 -12.11
N MET A 85 15.77 -0.35 -11.04
CA MET A 85 16.90 -0.33 -10.12
C MET A 85 17.61 -1.70 -10.12
N GLU A 86 18.93 -1.69 -9.94
CA GLU A 86 19.69 -2.94 -9.94
C GLU A 86 19.41 -3.76 -8.68
N GLU A 87 19.17 -3.09 -7.57
CA GLU A 87 18.90 -3.77 -6.31
C GLU A 87 17.79 -3.08 -5.54
N LEU A 88 17.55 -3.56 -4.33
CA LEU A 88 16.51 -3.00 -3.48
C LEU A 88 17.09 -1.80 -2.70
N PRO A 89 16.58 -0.59 -2.90
CA PRO A 89 17.11 0.60 -2.18
C PRO A 89 16.77 0.57 -0.68
N ALA A 90 17.79 0.66 0.16
CA ALA A 90 17.60 0.66 1.59
C ALA A 90 16.80 1.90 2.00
N HIS A 91 17.11 3.01 1.36
CA HIS A 91 16.43 4.27 1.65
C HIS A 91 15.07 4.31 0.96
N SER A 92 14.20 5.21 1.40
CA SER A 92 12.87 5.31 0.79
C SER A 92 12.97 5.88 -0.62
N TRP A 93 12.18 5.33 -1.53
CA TRP A 93 12.15 5.79 -2.91
C TRP A 93 10.73 6.24 -3.26
N LYS A 94 10.53 7.55 -3.24
CA LYS A 94 9.22 8.14 -3.49
C LYS A 94 9.39 9.50 -4.16
N CYS A 95 8.29 10.16 -4.48
CA CYS A 95 8.36 11.48 -5.09
C CYS A 95 9.17 12.39 -4.17
N LYS A 96 9.48 13.61 -4.60
CA LYS A 96 10.26 14.50 -3.74
C LYS A 96 9.51 14.80 -2.44
N ALA A 97 8.24 15.20 -2.57
CA ALA A 97 7.41 15.53 -1.42
C ALA A 97 7.09 14.29 -0.59
N CYS A 98 7.10 13.13 -1.22
CA CYS A 98 6.79 11.88 -0.54
C CYS A 98 8.05 11.28 0.10
N ARG A 99 9.18 11.56 -0.52
CA ARG A 99 10.45 11.05 -0.04
C ARG A 99 10.76 11.63 1.34
N VAL A 100 10.49 12.92 1.50
CA VAL A 100 10.73 13.58 2.77
C VAL A 100 9.85 12.99 3.86
N THR B 1 15.19 4.33 7.14
CA THR B 1 13.95 4.26 6.39
C THR B 1 13.61 2.81 6.05
N GLY B 2 14.45 2.17 5.24
CA GLY B 2 14.23 0.78 4.87
C GLY B 2 13.12 0.66 3.83
N ALA B 3 12.95 -0.56 3.30
CA ALA B 3 11.92 -0.83 2.30
C ALA B 3 10.61 -1.26 2.99
N ARG B 4 10.43 -0.80 4.22
CA ARG B 4 9.23 -1.10 4.99
C ARG B 4 7.98 -0.66 4.23
N THR B 5 8.18 0.20 3.21
CA THR B 5 7.09 0.71 2.38
C THR B 5 6.00 -0.35 2.17
N LEU B 6 6.04 -1.09 1.06
CA LEU B 6 5.04 -2.11 0.85
C LEU B 6 5.47 -3.38 1.57
N ALA B 7 6.77 -3.55 1.76
CA ALA B 7 7.27 -4.72 2.45
C ALA B 7 6.66 -4.84 3.84
N ASP B 8 6.67 -3.76 4.61
CA ASP B 8 6.12 -3.83 5.96
C ASP B 8 4.59 -3.71 5.94
N ILE B 9 4.06 -2.81 5.12
CA ILE B 9 2.62 -2.59 5.06
C ILE B 9 1.85 -3.83 4.59
N LYS B 10 2.28 -4.39 3.46
CA LYS B 10 1.58 -5.55 2.90
C LYS B 10 1.92 -6.84 3.61
N ALA B 11 3.20 -7.06 3.91
CA ALA B 11 3.59 -8.30 4.56
C ALA B 11 2.93 -8.42 5.93
N LYS B 12 2.93 -7.34 6.71
CA LYS B 12 2.30 -7.38 8.02
C LYS B 12 0.81 -7.58 7.84
N ALA B 13 0.27 -7.04 6.75
CA ALA B 13 -1.14 -7.18 6.48
C ALA B 13 -1.49 -8.65 6.42
N GLN B 14 -0.58 -9.45 5.84
CA GLN B 14 -0.79 -10.89 5.73
C GLN B 14 -0.74 -11.57 7.07
N LEU B 15 0.14 -11.09 7.91
CA LEU B 15 0.28 -11.68 9.23
C LEU B 15 -1.03 -11.53 10.00
N VAL B 16 -1.56 -10.31 10.00
CA VAL B 16 -2.82 -10.06 10.72
C VAL B 16 -4.04 -10.60 9.96
N LYS B 17 -3.98 -10.54 8.63
CA LYS B 17 -5.09 -11.03 7.81
C LYS B 17 -5.22 -12.54 7.99
N ALA B 18 -4.12 -13.23 7.71
CA ALA B 18 -4.07 -14.68 7.81
C ALA B 18 -4.25 -15.14 9.26
N GLN B 19 -3.93 -14.26 10.19
CA GLN B 19 -4.06 -14.58 11.61
C GLN B 19 -5.45 -15.13 11.90
ZN ZN C . -8.64 -2.80 10.08
ZN ZN D . -7.94 -3.84 -2.85
ZN ZN E . 6.16 -5.30 -12.50
ZN ZN F . 4.26 10.50 -4.32
N GLY A 3 -22.34 -0.82 2.57
CA GLY A 3 -22.36 -1.46 3.88
C GLY A 3 -21.27 -0.88 4.78
N SER A 4 -21.04 -1.54 5.92
CA SER A 4 -20.02 -1.08 6.85
C SER A 4 -18.64 -1.12 6.21
N ALA A 5 -18.39 -2.15 5.41
CA ALA A 5 -17.10 -2.29 4.75
C ALA A 5 -15.96 -2.14 5.76
N ARG A 6 -16.28 -2.53 7.01
CA ARG A 6 -15.36 -2.44 8.16
C ARG A 6 -13.97 -3.02 7.87
N CYS A 7 -13.15 -3.05 8.93
CA CYS A 7 -11.78 -3.57 8.81
C CYS A 7 -11.78 -4.92 8.06
N ALA A 8 -10.67 -5.23 7.38
CA ALA A 8 -10.56 -6.47 6.61
C ALA A 8 -9.37 -7.32 7.09
N VAL A 9 -8.22 -6.67 7.30
CA VAL A 9 -7.02 -7.39 7.77
C VAL A 9 -7.03 -7.44 9.30
N CYS A 10 -8.20 -7.34 9.88
CA CYS A 10 -8.31 -7.32 11.32
C CYS A 10 -9.76 -7.45 11.78
N GLU A 11 -10.68 -7.04 10.91
CA GLU A 11 -12.10 -7.11 11.23
C GLU A 11 -12.45 -6.13 12.34
N GLY A 12 -13.70 -6.20 12.78
CA GLY A 12 -14.18 -5.33 13.85
C GLY A 12 -14.91 -4.11 13.26
N PRO A 13 -16.04 -3.70 13.81
CA PRO A 13 -16.79 -2.52 13.29
C PRO A 13 -15.93 -1.25 13.25
N GLY A 14 -16.09 -0.46 12.20
CA GLY A 14 -15.34 0.77 12.05
C GLY A 14 -16.26 1.91 11.59
N GLU A 15 -15.66 2.99 11.11
CA GLU A 15 -16.45 4.13 10.64
C GLU A 15 -16.14 4.41 9.17
N LEU A 16 -17.18 4.78 8.43
CA LEU A 16 -17.02 5.08 7.01
C LEU A 16 -16.89 6.58 6.78
N CYS A 17 -15.67 7.08 6.90
CA CYS A 17 -15.40 8.51 6.71
C CYS A 17 -13.94 8.85 6.98
N ASP A 18 -13.37 8.21 7.99
CA ASP A 18 -11.98 8.47 8.35
C ASP A 18 -11.06 7.34 7.88
N LEU A 19 -11.54 6.54 6.95
CA LEU A 19 -10.75 5.44 6.43
C LEU A 19 -10.60 5.56 4.90
N PHE A 20 -9.48 5.05 4.39
CA PHE A 20 -9.22 5.10 2.94
C PHE A 20 -10.22 4.20 2.22
N PHE A 21 -10.59 4.58 1.01
CA PHE A 21 -11.54 3.77 0.25
C PHE A 21 -10.89 3.20 -1.00
N CYS A 22 -10.90 1.87 -1.14
CA CYS A 22 -10.30 1.22 -2.31
C CYS A 22 -11.13 1.54 -3.55
N THR A 23 -10.44 1.75 -4.66
CA THR A 23 -11.11 2.09 -5.92
C THR A 23 -11.56 0.86 -6.70
N SER A 24 -11.26 -0.34 -6.20
CA SER A 24 -11.65 -1.55 -6.92
C SER A 24 -12.33 -2.58 -6.02
N CYS A 25 -11.76 -2.79 -4.83
CA CYS A 25 -12.32 -3.77 -3.90
C CYS A 25 -13.74 -3.40 -3.47
N GLY A 26 -13.96 -2.12 -3.21
CA GLY A 26 -15.28 -1.67 -2.78
C GLY A 26 -15.33 -1.51 -1.27
N HIS A 27 -14.40 -2.17 -0.58
CA HIS A 27 -14.33 -2.07 0.88
C HIS A 27 -13.36 -0.96 1.26
N HIS A 28 -13.25 -0.63 2.55
CA HIS A 28 -12.34 0.43 2.94
C HIS A 28 -11.16 -0.11 3.72
N TYR A 29 -10.08 0.66 3.73
CA TYR A 29 -8.87 0.26 4.44
C TYR A 29 -8.50 1.26 5.52
N HIS A 30 -7.82 0.77 6.53
CA HIS A 30 -7.40 1.56 7.68
C HIS A 30 -5.89 1.56 7.81
N GLY A 31 -5.34 2.64 8.35
CA GLY A 31 -3.90 2.73 8.51
C GLY A 31 -3.42 2.16 9.85
N ALA A 32 -4.31 2.03 10.83
CA ALA A 32 -3.90 1.53 12.14
C ALA A 32 -3.61 0.02 12.12
N CYS A 33 -4.54 -0.76 11.56
CA CYS A 33 -4.40 -2.21 11.51
C CYS A 33 -3.54 -2.67 10.32
N LEU A 34 -3.30 -1.78 9.35
CA LEU A 34 -2.51 -2.17 8.17
C LEU A 34 -1.26 -1.30 8.00
N ASP A 35 -1.20 -0.17 8.71
CA ASP A 35 -0.06 0.76 8.61
C ASP A 35 -0.14 1.56 7.31
N THR A 36 -0.81 2.71 7.38
CA THR A 36 -0.97 3.56 6.20
C THR A 36 -0.97 5.03 6.60
N ALA A 37 -0.29 5.86 5.82
CA ALA A 37 -0.24 7.29 6.10
C ALA A 37 -1.63 7.90 5.93
N LEU A 38 -1.92 8.94 6.70
CA LEU A 38 -3.22 9.59 6.62
C LEU A 38 -3.12 10.93 5.89
N THR A 39 -3.76 11.01 4.72
CA THR A 39 -3.76 12.24 3.93
C THR A 39 -5.04 12.34 3.11
N ALA A 40 -5.59 13.54 3.01
CA ALA A 40 -6.83 13.75 2.26
C ALA A 40 -6.65 13.37 0.79
N ARG A 41 -5.55 13.81 0.20
CA ARG A 41 -5.28 13.50 -1.20
C ARG A 41 -5.15 12.00 -1.40
N LYS A 42 -4.46 11.36 -0.45
CA LYS A 42 -4.26 9.92 -0.49
C LYS A 42 -5.61 9.19 -0.46
N ARG A 43 -6.55 9.72 0.31
CA ARG A 43 -7.88 9.13 0.43
C ARG A 43 -8.65 9.23 -0.88
N ALA A 44 -8.17 10.08 -1.80
CA ALA A 44 -8.86 10.26 -3.07
C ALA A 44 -9.00 8.94 -3.82
N GLY A 45 -7.95 8.11 -3.77
CA GLY A 45 -7.97 6.82 -4.44
C GLY A 45 -6.83 5.94 -3.97
N TRP A 46 -6.97 5.39 -2.76
CA TRP A 46 -5.93 4.54 -2.21
C TRP A 46 -6.13 3.08 -2.65
N GLN A 47 -5.12 2.53 -3.29
CA GLN A 47 -5.20 1.13 -3.74
C GLN A 47 -4.57 0.23 -2.69
N CYS A 48 -5.41 -0.53 -1.98
CA CYS A 48 -4.90 -1.43 -0.95
C CYS A 48 -4.06 -2.55 -1.57
N PRO A 49 -3.15 -3.12 -0.84
CA PRO A 49 -2.26 -4.21 -1.36
C PRO A 49 -3.02 -5.45 -1.82
N GLU A 50 -4.21 -5.68 -1.26
CA GLU A 50 -4.99 -6.85 -1.63
C GLU A 50 -5.29 -6.88 -3.14
N CYS A 51 -5.06 -5.77 -3.82
CA CYS A 51 -5.33 -5.71 -5.26
C CYS A 51 -4.31 -4.82 -5.98
N LYS A 52 -3.21 -4.51 -5.32
CA LYS A 52 -2.19 -3.66 -5.93
C LYS A 52 -1.52 -4.38 -7.10
N VAL A 53 -1.17 -3.61 -8.12
CA VAL A 53 -0.51 -4.17 -9.29
C VAL A 53 0.72 -3.37 -9.66
N CYS A 54 1.58 -3.97 -10.46
CA CYS A 54 2.79 -3.33 -10.91
C CYS A 54 2.48 -2.38 -12.06
N GLN A 55 3.14 -1.22 -12.07
CA GLN A 55 2.93 -0.26 -13.15
C GLN A 55 3.85 -0.57 -14.32
N ALA A 56 3.96 -1.86 -14.64
CA ALA A 56 4.81 -2.30 -15.73
C ALA A 56 4.31 -3.63 -16.30
N CYS A 57 4.12 -4.62 -15.43
CA CYS A 57 3.64 -5.93 -15.87
C CYS A 57 2.32 -6.32 -15.22
N ARG A 58 1.75 -5.45 -14.39
CA ARG A 58 0.48 -5.73 -13.73
C ARG A 58 0.53 -7.03 -12.92
N LYS A 59 1.73 -7.49 -12.61
CA LYS A 59 1.90 -8.72 -11.84
C LYS A 59 2.16 -8.37 -10.36
N PRO A 60 1.27 -8.71 -9.44
CA PRO A 60 1.46 -8.39 -8.00
C PRO A 60 2.49 -9.30 -7.33
N GLY A 61 2.58 -9.20 -6.01
CA GLY A 61 3.53 -10.01 -5.25
C GLY A 61 4.86 -9.28 -5.12
N ASN A 62 5.88 -9.98 -4.63
CA ASN A 62 7.18 -9.36 -4.49
C ASN A 62 7.06 -8.07 -3.68
N ASP A 63 6.36 -8.15 -2.54
CA ASP A 63 6.14 -6.98 -1.69
C ASP A 63 7.47 -6.36 -1.24
N SER A 64 8.42 -7.21 -0.85
CA SER A 64 9.73 -6.71 -0.42
C SER A 64 10.44 -6.03 -1.58
N LYS A 65 10.26 -6.59 -2.77
CA LYS A 65 10.89 -6.03 -3.96
C LYS A 65 9.92 -5.07 -4.68
N MET A 66 8.80 -4.76 -4.04
CA MET A 66 7.80 -3.86 -4.61
C MET A 66 7.79 -2.56 -3.84
N LEU A 67 7.99 -1.48 -4.56
CA LEU A 67 8.01 -0.16 -3.95
C LEU A 67 6.64 0.50 -4.08
N VAL A 68 6.18 1.10 -2.98
CA VAL A 68 4.89 1.77 -3.00
C VAL A 68 5.03 3.22 -2.52
N CYS A 69 4.42 4.14 -3.27
CA CYS A 69 4.47 5.54 -2.90
C CYS A 69 3.41 5.84 -1.84
N GLU A 70 3.82 6.48 -0.76
CA GLU A 70 2.92 6.78 0.36
C GLU A 70 1.78 7.72 -0.03
N THR A 71 2.08 8.75 -0.83
CA THR A 71 1.06 9.71 -1.22
C THR A 71 0.40 9.36 -2.55
N CYS A 72 1.20 9.23 -3.61
CA CYS A 72 0.66 8.89 -4.92
C CYS A 72 0.65 7.37 -5.12
N ASP A 73 -0.37 6.72 -4.55
CA ASP A 73 -0.53 5.27 -4.62
C ASP A 73 -0.07 4.70 -5.97
N LYS A 74 0.99 3.90 -5.93
CA LYS A 74 1.53 3.28 -7.14
C LYS A 74 2.46 2.12 -6.78
N GLY A 75 2.44 1.07 -7.61
CA GLY A 75 3.29 -0.11 -7.36
C GLY A 75 4.41 -0.21 -8.41
N TYR A 76 5.63 -0.42 -7.94
CA TYR A 76 6.78 -0.54 -8.82
C TYR A 76 7.70 -1.70 -8.40
N HIS A 77 8.18 -2.48 -9.35
CA HIS A 77 9.09 -3.58 -9.02
C HIS A 77 10.50 -3.04 -9.01
N THR A 78 11.42 -3.75 -8.37
CA THR A 78 12.80 -3.28 -8.36
C THR A 78 13.55 -3.83 -9.56
N PHE A 79 12.82 -4.27 -10.58
CA PHE A 79 13.43 -4.80 -11.78
C PHE A 79 12.67 -4.36 -13.03
N CYS A 80 11.80 -3.37 -12.89
CA CYS A 80 11.03 -2.87 -14.03
C CYS A 80 10.21 -1.63 -13.65
N LEU A 81 10.84 -0.73 -12.88
CA LEU A 81 10.16 0.50 -12.48
C LEU A 81 10.63 1.67 -13.35
N LYS A 82 9.97 2.83 -13.24
CA LYS A 82 10.35 3.98 -14.07
C LYS A 82 11.88 4.16 -14.03
N PRO A 83 12.47 4.46 -12.89
CA PRO A 83 13.95 4.49 -12.77
C PRO A 83 14.41 3.11 -12.28
N PRO A 84 14.82 2.22 -13.15
CA PRO A 84 15.20 0.84 -12.74
C PRO A 84 16.36 0.83 -11.77
N MET A 85 16.30 -0.08 -10.80
CA MET A 85 17.33 -0.20 -9.80
C MET A 85 17.92 -1.63 -9.81
N GLU A 86 19.18 -1.77 -9.42
CA GLU A 86 19.81 -3.08 -9.42
C GLU A 86 19.63 -3.77 -8.05
N GLU A 87 19.12 -3.03 -7.07
CA GLU A 87 18.91 -3.59 -5.74
C GLU A 87 17.76 -2.89 -5.03
N LEU A 88 17.38 -3.43 -3.88
CA LEU A 88 16.30 -2.86 -3.09
C LEU A 88 16.82 -1.67 -2.27
N PRO A 89 16.37 -0.45 -2.54
CA PRO A 89 16.86 0.74 -1.78
C PRO A 89 16.40 0.77 -0.33
N ALA A 90 17.19 1.40 0.51
CA ALA A 90 16.85 1.51 1.93
C ALA A 90 15.65 2.43 2.13
N HIS A 91 15.42 3.31 1.15
CA HIS A 91 14.31 4.25 1.23
C HIS A 91 12.97 3.55 0.92
N SER A 92 11.87 4.20 1.26
CA SER A 92 10.54 3.64 1.00
C SER A 92 10.06 4.01 -0.40
N TRP A 93 10.95 4.63 -1.18
CA TRP A 93 10.58 5.03 -2.54
C TRP A 93 9.47 6.06 -2.51
N LYS A 94 9.84 7.32 -2.49
CA LYS A 94 8.85 8.37 -2.45
C LYS A 94 9.29 9.55 -3.30
N CYS A 95 8.30 10.28 -3.84
CA CYS A 95 8.61 11.46 -4.64
C CYS A 95 9.27 12.49 -3.71
N LYS A 96 9.54 13.69 -4.18
CA LYS A 96 10.17 14.69 -3.31
C LYS A 96 9.24 15.06 -2.15
N ALA A 97 8.00 15.41 -2.50
CA ALA A 97 6.99 15.78 -1.52
C ALA A 97 6.62 14.61 -0.62
N CYS A 98 6.74 13.41 -1.15
CA CYS A 98 6.40 12.21 -0.40
C CYS A 98 7.59 11.74 0.43
N ARG A 99 8.79 12.04 -0.05
CA ARG A 99 10.01 11.64 0.63
C ARG A 99 10.02 12.24 2.02
N VAL A 100 9.69 13.52 2.10
CA VAL A 100 9.66 14.21 3.38
C VAL A 100 8.58 13.60 4.29
N THR B 1 14.50 5.04 7.25
CA THR B 1 13.26 4.85 6.51
C THR B 1 12.97 3.36 6.32
N GLY B 2 13.86 2.66 5.61
CA GLY B 2 13.70 1.23 5.37
C GLY B 2 12.69 0.96 4.25
N ALA B 3 12.67 -0.27 3.75
CA ALA B 3 11.73 -0.65 2.68
C ALA B 3 10.43 -1.19 3.26
N ARG B 4 10.11 -0.71 4.46
CA ARG B 4 8.88 -1.12 5.12
C ARG B 4 7.68 -0.81 4.23
N THR B 5 7.89 0.05 3.21
CA THR B 5 6.86 0.43 2.25
C THR B 5 5.86 -0.70 2.01
N LEU B 6 6.00 -1.46 0.93
CA LEU B 6 5.08 -2.54 0.71
C LEU B 6 5.56 -3.77 1.46
N ALA B 7 6.87 -3.84 1.72
CA ALA B 7 7.40 -4.98 2.45
C ALA B 7 6.71 -5.12 3.79
N ASP B 8 6.60 -4.03 4.56
CA ASP B 8 5.96 -4.12 5.86
C ASP B 8 4.43 -4.06 5.74
N ILE B 9 3.93 -3.18 4.88
CA ILE B 9 2.49 -3.01 4.71
C ILE B 9 1.79 -4.29 4.23
N LYS B 10 2.29 -4.86 3.13
CA LYS B 10 1.67 -6.05 2.57
C LYS B 10 2.08 -7.35 3.27
N ALA B 11 3.35 -7.49 3.59
CA ALA B 11 3.78 -8.73 4.22
C ALA B 11 3.09 -8.92 5.56
N LYS B 12 3.00 -7.86 6.36
CA LYS B 12 2.34 -7.96 7.64
C LYS B 12 0.87 -8.24 7.42
N ALA B 13 0.29 -7.65 6.38
CA ALA B 13 -1.11 -7.88 6.11
C ALA B 13 -1.38 -9.36 5.97
N GLN B 14 -0.46 -10.07 5.31
CA GLN B 14 -0.59 -11.50 5.10
C GLN B 14 -0.47 -12.26 6.40
N LEU B 15 0.43 -11.80 7.23
CA LEU B 15 0.65 -12.47 8.51
C LEU B 15 -0.63 -12.47 9.31
N VAL B 16 -1.24 -11.30 9.41
CA VAL B 16 -2.48 -11.18 10.19
C VAL B 16 -3.68 -11.76 9.44
N LYS B 17 -3.78 -11.50 8.14
CA LYS B 17 -4.89 -12.01 7.35
C LYS B 17 -4.90 -13.53 7.35
N ALA B 18 -3.75 -14.11 7.01
CA ALA B 18 -3.60 -15.55 6.96
C ALA B 18 -3.69 -16.15 8.36
N GLN B 19 -3.37 -15.34 9.36
CA GLN B 19 -3.42 -15.81 10.73
C GLN B 19 -4.83 -16.26 11.11
ZN ZN C . -8.12 -2.57 10.65
ZN ZN D . -8.23 -3.07 -3.18
ZN ZN E . 6.77 -5.19 -12.59
ZN ZN F . 4.41 10.38 -4.30
N GLY A 3 -24.40 -2.33 6.24
CA GLY A 3 -24.02 -1.12 5.53
C GLY A 3 -22.50 -0.93 5.53
N SER A 4 -21.91 -0.92 6.72
CA SER A 4 -20.47 -0.75 6.85
C SER A 4 -19.73 -1.94 6.24
N ALA A 5 -18.61 -1.66 5.58
CA ALA A 5 -17.83 -2.71 4.96
C ALA A 5 -16.64 -3.08 5.85
N ARG A 6 -16.92 -3.98 6.81
CA ARG A 6 -15.94 -4.46 7.80
C ARG A 6 -14.51 -4.37 7.32
N CYS A 7 -13.61 -4.03 8.24
CA CYS A 7 -12.20 -3.91 7.92
C CYS A 7 -11.67 -5.20 7.32
N ALA A 8 -10.96 -5.07 6.20
CA ALA A 8 -10.41 -6.24 5.52
C ALA A 8 -9.45 -7.02 6.42
N VAL A 9 -8.63 -6.30 7.18
CA VAL A 9 -7.67 -6.96 8.05
C VAL A 9 -7.58 -6.27 9.42
N CYS A 10 -8.54 -6.59 10.29
CA CYS A 10 -8.61 -6.04 11.65
C CYS A 10 -9.98 -6.32 12.25
N GLU A 11 -10.98 -6.49 11.40
CA GLU A 11 -12.33 -6.76 11.87
C GLU A 11 -12.83 -5.59 12.73
N GLY A 12 -13.70 -4.77 12.15
CA GLY A 12 -14.25 -3.63 12.87
C GLY A 12 -14.87 -2.61 11.89
N PRO A 13 -16.19 -2.54 11.81
CA PRO A 13 -16.87 -1.59 10.89
C PRO A 13 -16.73 -0.14 11.33
N GLY A 14 -16.81 0.78 10.37
CA GLY A 14 -16.69 2.20 10.66
C GLY A 14 -17.13 3.04 9.47
N GLU A 15 -17.02 4.36 9.61
CA GLU A 15 -17.41 5.27 8.54
C GLU A 15 -16.51 5.08 7.31
N LEU A 16 -17.15 4.88 6.16
CA LEU A 16 -16.42 4.67 4.91
C LEU A 16 -15.64 5.93 4.52
N CYS A 17 -16.22 7.09 4.82
CA CYS A 17 -15.59 8.36 4.48
C CYS A 17 -14.21 8.50 5.14
N ASP A 18 -14.11 8.13 6.41
CA ASP A 18 -12.85 8.26 7.14
C ASP A 18 -11.96 7.02 6.95
N LEU A 19 -12.44 6.03 6.20
CA LEU A 19 -11.66 4.82 5.97
C LEU A 19 -11.41 4.62 4.48
N PHE A 20 -10.31 3.93 4.16
CA PHE A 20 -9.98 3.70 2.77
C PHE A 20 -10.78 2.53 2.22
N PHE A 21 -11.66 2.84 1.26
CA PHE A 21 -12.50 1.82 0.65
C PHE A 21 -11.77 1.19 -0.54
N CYS A 22 -11.40 -0.09 -0.40
CA CYS A 22 -10.69 -0.76 -1.47
C CYS A 22 -11.44 -0.63 -2.79
N THR A 23 -10.68 -0.43 -3.87
CA THR A 23 -11.27 -0.27 -5.19
C THR A 23 -11.55 -1.63 -5.84
N SER A 24 -10.86 -2.67 -5.38
CA SER A 24 -11.05 -4.02 -5.94
C SER A 24 -11.76 -4.93 -4.95
N CYS A 25 -11.12 -5.17 -3.81
CA CYS A 25 -11.69 -6.05 -2.78
C CYS A 25 -13.15 -5.69 -2.52
N GLY A 26 -13.41 -4.39 -2.35
CA GLY A 26 -14.76 -3.93 -2.08
C GLY A 26 -14.94 -3.56 -0.61
N HIS A 27 -14.00 -3.98 0.23
CA HIS A 27 -14.08 -3.68 1.66
C HIS A 27 -13.16 -2.51 2.00
N HIS A 28 -13.41 -1.85 3.12
CA HIS A 28 -12.56 -0.74 3.53
C HIS A 28 -11.73 -1.16 4.73
N TYR A 29 -10.92 -0.24 5.27
CA TYR A 29 -10.09 -0.57 6.42
C TYR A 29 -9.42 0.65 7.01
N HIS A 30 -8.89 0.49 8.23
CA HIS A 30 -8.21 1.58 8.92
C HIS A 30 -6.79 1.69 8.41
N GLY A 31 -6.28 2.91 8.38
CA GLY A 31 -4.92 3.14 7.92
C GLY A 31 -3.92 2.42 8.82
N ALA A 32 -4.24 2.34 10.10
CA ALA A 32 -3.35 1.69 11.06
C ALA A 32 -3.17 0.20 10.77
N CYS A 33 -4.23 -0.48 10.35
CA CYS A 33 -4.14 -1.92 10.08
C CYS A 33 -3.09 -2.22 9.02
N LEU A 34 -3.14 -1.51 7.90
CA LEU A 34 -2.19 -1.74 6.81
C LEU A 34 -0.99 -0.78 6.91
N ASP A 35 -1.05 0.15 7.86
CA ASP A 35 0.04 1.12 8.06
C ASP A 35 0.15 2.10 6.89
N THR A 36 -0.86 2.96 6.74
CA THR A 36 -0.86 3.96 5.67
C THR A 36 -1.20 5.33 6.22
N ALA A 37 -0.45 6.34 5.78
CA ALA A 37 -0.69 7.72 6.22
C ALA A 37 -2.06 8.18 5.73
N LEU A 38 -2.70 9.05 6.50
CA LEU A 38 -4.02 9.55 6.12
C LEU A 38 -3.90 10.89 5.41
N THR A 39 -4.20 10.90 4.11
CA THR A 39 -4.14 12.13 3.32
C THR A 39 -5.32 12.19 2.35
N ALA A 40 -5.65 13.42 1.92
CA ALA A 40 -6.76 13.62 1.00
C ALA A 40 -6.50 12.92 -0.34
N ARG A 41 -5.26 12.98 -0.80
CA ARG A 41 -4.90 12.36 -2.08
C ARG A 41 -5.15 10.87 -2.06
N LYS A 42 -4.80 10.22 -0.95
CA LYS A 42 -5.00 8.78 -0.84
C LYS A 42 -6.48 8.43 -0.88
N ARG A 43 -7.30 9.22 -0.20
CA ARG A 43 -8.74 8.97 -0.20
C ARG A 43 -9.31 9.10 -1.60
N ALA A 44 -8.67 9.93 -2.41
CA ALA A 44 -9.12 10.14 -3.79
C ALA A 44 -9.10 8.81 -4.54
N GLY A 45 -8.08 8.00 -4.29
CA GLY A 45 -7.96 6.71 -4.94
C GLY A 45 -6.84 5.87 -4.34
N TRP A 46 -7.18 5.09 -3.31
CA TRP A 46 -6.19 4.24 -2.66
C TRP A 46 -6.38 2.79 -3.07
N GLN A 47 -5.28 2.11 -3.40
CA GLN A 47 -5.38 0.72 -3.80
C GLN A 47 -4.87 -0.20 -2.68
N CYS A 48 -5.76 -1.06 -2.26
CA CYS A 48 -5.51 -2.03 -1.19
C CYS A 48 -4.26 -2.90 -1.50
N PRO A 49 -3.36 -3.06 -0.54
CA PRO A 49 -2.10 -3.86 -0.74
C PRO A 49 -2.36 -5.27 -1.23
N GLU A 50 -3.40 -5.91 -0.72
CA GLU A 50 -3.71 -7.27 -1.11
C GLU A 50 -3.92 -7.37 -2.63
N CYS A 51 -4.16 -6.24 -3.28
CA CYS A 51 -4.38 -6.24 -4.72
C CYS A 51 -3.75 -5.04 -5.40
N LYS A 52 -2.69 -4.47 -4.82
CA LYS A 52 -2.03 -3.33 -5.44
C LYS A 52 -1.36 -3.76 -6.73
N VAL A 53 -1.43 -2.93 -7.75
CA VAL A 53 -0.85 -3.28 -9.04
C VAL A 53 0.35 -2.40 -9.37
N CYS A 54 1.26 -2.95 -10.14
CA CYS A 54 2.43 -2.22 -10.59
C CYS A 54 2.00 -1.21 -11.63
N GLN A 55 2.64 -0.05 -11.63
CA GLN A 55 2.31 0.99 -12.60
C GLN A 55 3.07 0.76 -13.91
N ALA A 56 3.61 -0.45 -14.08
CA ALA A 56 4.35 -0.77 -15.28
C ALA A 56 3.78 -2.01 -15.97
N CYS A 57 3.54 -3.05 -15.18
CA CYS A 57 3.00 -4.30 -15.72
C CYS A 57 1.58 -4.59 -15.20
N ARG A 58 1.12 -3.81 -14.22
CA ARG A 58 -0.21 -3.98 -13.66
C ARG A 58 -0.40 -5.38 -13.05
N LYS A 59 0.56 -5.81 -12.25
CA LYS A 59 0.47 -7.11 -11.59
C LYS A 59 0.84 -6.98 -10.10
N PRO A 60 0.11 -7.60 -9.19
CA PRO A 60 0.40 -7.50 -7.73
C PRO A 60 1.51 -8.45 -7.28
N GLY A 61 1.75 -8.45 -5.98
CA GLY A 61 2.80 -9.31 -5.41
C GLY A 61 4.13 -8.58 -5.36
N ASN A 62 5.18 -9.31 -4.98
CA ASN A 62 6.51 -8.71 -4.91
C ASN A 62 6.51 -7.51 -3.97
N ASP A 63 5.85 -7.64 -2.83
CA ASP A 63 5.78 -6.54 -1.87
C ASP A 63 7.17 -6.15 -1.37
N SER A 64 7.98 -7.14 -1.01
CA SER A 64 9.32 -6.87 -0.54
C SER A 64 10.16 -6.23 -1.64
N LYS A 65 9.75 -6.46 -2.89
CA LYS A 65 10.46 -5.90 -4.02
C LYS A 65 9.68 -4.73 -4.64
N MET A 66 8.61 -4.30 -3.98
CA MET A 66 7.81 -3.18 -4.51
C MET A 66 7.98 -1.95 -3.63
N LEU A 67 8.24 -0.81 -4.27
CA LEU A 67 8.39 0.44 -3.55
C LEU A 67 7.04 1.17 -3.55
N VAL A 68 6.75 1.92 -2.50
CA VAL A 68 5.47 2.61 -2.40
C VAL A 68 5.67 4.07 -2.05
N CYS A 69 4.88 4.92 -2.67
CA CYS A 69 4.95 6.35 -2.39
C CYS A 69 4.27 6.66 -1.06
N GLU A 70 5.02 7.23 -0.13
CA GLU A 70 4.48 7.55 1.20
C GLU A 70 3.36 8.58 1.15
N THR A 71 3.52 9.62 0.34
CA THR A 71 2.52 10.67 0.24
C THR A 71 1.57 10.38 -0.92
N CYS A 72 2.11 9.91 -2.03
CA CYS A 72 1.28 9.59 -3.19
C CYS A 72 0.82 8.13 -3.10
N ASP A 73 -0.07 7.72 -3.99
CA ASP A 73 -0.57 6.35 -4.00
C ASP A 73 -0.15 5.63 -5.26
N LYS A 74 0.88 4.80 -5.17
CA LYS A 74 1.35 4.04 -6.33
C LYS A 74 2.41 3.03 -5.93
N GLY A 75 2.52 1.96 -6.73
CA GLY A 75 3.51 0.91 -6.46
C GLY A 75 4.53 0.84 -7.60
N TYR A 76 5.80 0.66 -7.23
CA TYR A 76 6.87 0.58 -8.22
C TYR A 76 7.60 -0.76 -8.10
N HIS A 77 7.85 -1.41 -9.23
CA HIS A 77 8.56 -2.69 -9.24
C HIS A 77 10.06 -2.48 -9.42
N THR A 78 10.86 -3.01 -8.51
CA THR A 78 12.32 -2.85 -8.58
C THR A 78 12.91 -3.40 -9.87
N PHE A 79 12.12 -4.16 -10.64
CA PHE A 79 12.60 -4.72 -11.89
C PHE A 79 11.86 -4.13 -13.09
N CYS A 80 11.03 -3.12 -12.86
CA CYS A 80 10.30 -2.50 -13.95
C CYS A 80 9.56 -1.23 -13.52
N LEU A 81 10.16 -0.46 -12.61
CA LEU A 81 9.56 0.79 -12.16
C LEU A 81 9.92 1.86 -13.19
N LYS A 82 9.40 3.09 -13.04
CA LYS A 82 9.71 4.11 -14.03
C LYS A 82 11.23 4.16 -14.25
N PRO A 83 12.02 4.52 -13.26
CA PRO A 83 13.50 4.43 -13.37
C PRO A 83 13.95 3.07 -12.82
N PRO A 84 14.10 2.06 -13.64
CA PRO A 84 14.48 0.71 -13.14
C PRO A 84 15.77 0.74 -12.33
N MET A 85 15.75 0.07 -11.19
CA MET A 85 16.90 0.04 -10.31
C MET A 85 17.60 -1.32 -10.40
N GLU A 86 18.93 -1.33 -10.23
CA GLU A 86 19.67 -2.58 -10.30
C GLU A 86 19.60 -3.33 -8.97
N GLU A 87 19.22 -2.62 -7.91
CA GLU A 87 19.13 -3.26 -6.60
C GLU A 87 18.02 -2.62 -5.77
N LEU A 88 17.74 -3.24 -4.63
CA LEU A 88 16.70 -2.76 -3.73
C LEU A 88 17.23 -1.64 -2.83
N PRO A 89 16.66 -0.45 -2.87
CA PRO A 89 17.15 0.69 -2.01
C PRO A 89 17.13 0.34 -0.53
N ALA A 90 18.20 0.72 0.17
CA ALA A 90 18.29 0.45 1.60
C ALA A 90 17.51 1.49 2.41
N HIS A 91 17.12 2.59 1.77
CA HIS A 91 16.37 3.64 2.46
C HIS A 91 14.93 3.70 1.95
N SER A 92 14.73 4.34 0.80
CA SER A 92 13.39 4.44 0.22
C SER A 92 13.43 5.01 -1.19
N TRP A 93 12.36 4.81 -1.93
CA TRP A 93 12.25 5.33 -3.28
C TRP A 93 10.87 5.94 -3.51
N LYS A 94 10.84 7.25 -3.60
CA LYS A 94 9.58 7.98 -3.78
C LYS A 94 9.91 9.45 -4.05
N CYS A 95 8.89 10.29 -4.25
CA CYS A 95 9.15 11.71 -4.49
C CYS A 95 10.06 12.23 -3.38
N LYS A 96 10.75 13.34 -3.60
CA LYS A 96 11.63 13.89 -2.58
C LYS A 96 10.84 14.20 -1.30
N ALA A 97 9.71 14.89 -1.48
CA ALA A 97 8.86 15.24 -0.35
C ALA A 97 8.34 13.98 0.33
N CYS A 98 8.09 12.95 -0.48
CA CYS A 98 7.58 11.69 0.03
C CYS A 98 8.65 10.96 0.83
N ARG A 99 9.88 11.05 0.35
CA ARG A 99 11.00 10.40 1.01
C ARG A 99 11.13 10.88 2.45
N VAL A 100 10.96 12.18 2.64
CA VAL A 100 11.07 12.75 3.98
C VAL A 100 9.72 12.68 4.69
N THR B 1 15.11 2.88 7.66
CA THR B 1 13.76 2.75 7.13
C THR B 1 13.60 1.43 6.39
N GLY B 2 14.56 1.13 5.52
CA GLY B 2 14.51 -0.11 4.74
C GLY B 2 13.37 -0.08 3.74
N ALA B 3 13.02 -1.26 3.23
CA ALA B 3 11.94 -1.37 2.26
C ALA B 3 10.63 -1.71 2.97
N ARG B 4 10.46 -1.14 4.16
CA ARG B 4 9.25 -1.35 4.94
C ARG B 4 8.03 -0.98 4.12
N THR B 5 8.24 -0.18 3.06
CA THR B 5 7.17 0.28 2.16
C THR B 5 6.08 -0.79 1.98
N LEU B 6 6.09 -1.56 0.89
CA LEU B 6 5.08 -2.57 0.72
C LEU B 6 5.49 -3.82 1.48
N ALA B 7 6.79 -3.96 1.75
CA ALA B 7 7.25 -5.12 2.48
C ALA B 7 6.61 -5.19 3.86
N ASP B 8 6.64 -4.09 4.60
CA ASP B 8 6.02 -4.09 5.93
C ASP B 8 4.50 -4.04 5.81
N ILE B 9 4.00 -3.25 4.88
CA ILE B 9 2.55 -3.10 4.70
C ILE B 9 1.86 -4.41 4.33
N LYS B 10 2.13 -4.90 3.12
CA LYS B 10 1.49 -6.11 2.64
C LYS B 10 1.92 -7.38 3.38
N ALA B 11 3.22 -7.54 3.65
CA ALA B 11 3.67 -8.75 4.31
C ALA B 11 3.11 -8.86 5.72
N LYS B 12 3.15 -7.78 6.50
CA LYS B 12 2.60 -7.85 7.85
C LYS B 12 1.13 -8.16 7.76
N ALA B 13 0.51 -7.68 6.67
CA ALA B 13 -0.90 -7.91 6.46
C ALA B 13 -1.15 -9.41 6.44
N GLN B 14 -0.22 -10.15 5.86
CA GLN B 14 -0.34 -11.60 5.78
C GLN B 14 -0.22 -12.20 7.16
N LEU B 15 0.60 -11.59 7.99
CA LEU B 15 0.78 -12.09 9.33
C LEU B 15 -0.51 -11.94 10.12
N VAL B 16 -1.11 -10.76 10.05
CA VAL B 16 -2.35 -10.50 10.79
C VAL B 16 -3.55 -11.19 10.13
N LYS B 17 -3.50 -11.33 8.81
CA LYS B 17 -4.58 -11.97 8.08
C LYS B 17 -4.56 -13.48 8.29
N ALA B 18 -3.43 -14.07 7.96
CA ALA B 18 -3.23 -15.51 8.09
C ALA B 18 -3.35 -15.93 9.56
N GLN B 19 -3.06 -15.00 10.44
CA GLN B 19 -3.13 -15.27 11.87
C GLN B 19 -4.46 -15.91 12.24
ZN ZN C . -9.08 -2.29 10.72
ZN ZN D . -8.00 -4.76 -1.97
ZN ZN E . 5.95 -4.24 -12.31
ZN ZN F . 5.14 10.78 -3.98
N GLY A 3 -22.52 3.55 7.13
CA GLY A 3 -22.19 2.61 6.08
C GLY A 3 -20.84 1.94 6.34
N SER A 4 -20.81 0.62 6.30
CA SER A 4 -19.59 -0.12 6.54
C SER A 4 -19.32 -1.09 5.40
N ALA A 5 -18.04 -1.30 5.10
CA ALA A 5 -17.66 -2.22 4.02
C ALA A 5 -16.66 -3.25 4.54
N ARG A 6 -16.76 -3.56 5.84
CA ARG A 6 -15.89 -4.54 6.49
C ARG A 6 -14.41 -4.20 6.36
N CYS A 7 -13.68 -4.33 7.47
CA CYS A 7 -12.25 -4.06 7.46
C CYS A 7 -11.52 -5.22 6.82
N ALA A 8 -10.63 -4.91 5.87
CA ALA A 8 -9.88 -5.95 5.18
C ALA A 8 -9.05 -6.77 6.14
N VAL A 9 -8.46 -6.11 7.13
CA VAL A 9 -7.64 -6.82 8.10
C VAL A 9 -7.89 -6.30 9.51
N CYS A 10 -8.23 -7.23 10.42
CA CYS A 10 -8.53 -6.95 11.84
C CYS A 10 -10.03 -6.73 12.03
N GLU A 11 -10.81 -6.91 10.96
CA GLU A 11 -12.23 -6.73 11.03
C GLU A 11 -12.56 -5.43 11.75
N GLY A 12 -13.71 -5.38 12.38
CA GLY A 12 -14.12 -4.18 13.10
C GLY A 12 -14.64 -3.11 12.13
N PRO A 13 -15.86 -3.29 11.66
CA PRO A 13 -16.49 -2.33 10.70
C PRO A 13 -16.50 -0.90 11.23
N GLY A 14 -16.29 0.06 10.33
CA GLY A 14 -16.27 1.47 10.70
C GLY A 14 -17.08 2.32 9.73
N GLU A 15 -17.05 3.63 9.93
CA GLU A 15 -17.78 4.54 9.06
C GLU A 15 -17.02 4.81 7.78
N LEU A 16 -17.75 4.88 6.66
CA LEU A 16 -17.14 5.14 5.36
C LEU A 16 -16.77 6.61 5.21
N CYS A 17 -16.07 6.93 4.12
CA CYS A 17 -15.64 8.31 3.84
C CYS A 17 -14.46 8.74 4.72
N ASP A 18 -14.09 7.91 5.69
CA ASP A 18 -12.97 8.24 6.57
C ASP A 18 -12.01 7.05 6.68
N LEU A 19 -12.17 6.07 5.81
CA LEU A 19 -11.32 4.89 5.81
C LEU A 19 -10.93 4.52 4.40
N PHE A 20 -9.78 3.86 4.24
CA PHE A 20 -9.33 3.47 2.91
C PHE A 20 -10.29 2.43 2.36
N PHE A 21 -10.67 2.60 1.10
CA PHE A 21 -11.64 1.71 0.48
C PHE A 21 -11.11 1.11 -0.83
N CYS A 22 -10.88 -0.22 -0.84
CA CYS A 22 -10.40 -0.89 -2.05
C CYS A 22 -11.22 -0.43 -3.25
N THR A 23 -10.63 0.43 -4.06
CA THR A 23 -11.32 0.94 -5.23
C THR A 23 -11.51 -0.14 -6.29
N SER A 24 -10.73 -1.22 -6.19
CA SER A 24 -10.84 -2.31 -7.17
C SER A 24 -11.56 -3.53 -6.59
N CYS A 25 -11.78 -3.55 -5.28
CA CYS A 25 -12.46 -4.70 -4.65
C CYS A 25 -13.78 -4.28 -4.02
N GLY A 26 -13.70 -3.40 -3.02
CA GLY A 26 -14.90 -2.93 -2.35
C GLY A 26 -14.81 -3.06 -0.83
N HIS A 27 -13.69 -3.58 -0.32
CA HIS A 27 -13.50 -3.74 1.11
C HIS A 27 -12.64 -2.61 1.66
N HIS A 28 -13.07 -2.03 2.78
CA HIS A 28 -12.30 -0.94 3.37
C HIS A 28 -11.38 -1.46 4.46
N TYR A 29 -10.59 -0.56 5.04
CA TYR A 29 -9.67 -0.94 6.11
C TYR A 29 -9.11 0.31 6.81
N HIS A 30 -8.70 0.14 8.07
CA HIS A 30 -8.15 1.25 8.84
C HIS A 30 -6.64 1.30 8.68
N GLY A 31 -6.08 2.51 8.78
CA GLY A 31 -4.64 2.67 8.65
C GLY A 31 -3.90 2.13 9.86
N ALA A 32 -4.57 2.09 11.00
CA ALA A 32 -3.92 1.59 12.22
C ALA A 32 -3.56 0.11 12.07
N CYS A 33 -4.49 -0.66 11.53
CA CYS A 33 -4.26 -2.10 11.35
C CYS A 33 -3.44 -2.42 10.11
N LEU A 34 -3.32 -1.47 9.18
CA LEU A 34 -2.56 -1.70 7.95
C LEU A 34 -1.38 -0.74 7.79
N ASP A 35 -1.05 -0.01 8.84
CA ASP A 35 0.09 0.93 8.79
C ASP A 35 -0.06 1.96 7.67
N THR A 36 -1.18 2.67 7.63
CA THR A 36 -1.38 3.70 6.60
C THR A 36 -1.74 5.04 7.24
N ALA A 37 -0.99 6.07 6.90
CA ALA A 37 -1.26 7.40 7.45
C ALA A 37 -2.62 7.89 6.95
N LEU A 38 -3.38 8.52 7.83
CA LEU A 38 -4.70 9.02 7.45
C LEU A 38 -4.60 10.44 6.91
N THR A 39 -4.68 10.56 5.59
CA THR A 39 -4.59 11.85 4.93
C THR A 39 -5.65 11.97 3.85
N ALA A 40 -6.24 13.16 3.70
CA ALA A 40 -7.28 13.36 2.70
C ALA A 40 -6.76 13.07 1.30
N ARG A 41 -5.55 13.55 1.01
CA ARG A 41 -4.95 13.33 -0.30
C ARG A 41 -4.79 11.84 -0.56
N LYS A 42 -4.27 11.12 0.43
CA LYS A 42 -4.07 9.68 0.29
C LYS A 42 -5.41 8.96 0.14
N ARG A 43 -6.41 9.44 0.87
CA ARG A 43 -7.73 8.84 0.82
C ARG A 43 -8.26 8.82 -0.60
N ALA A 44 -8.04 9.91 -1.32
CA ALA A 44 -8.49 10.01 -2.70
C ALA A 44 -7.42 9.49 -3.65
N GLY A 45 -7.05 8.22 -3.48
CA GLY A 45 -6.03 7.61 -4.33
C GLY A 45 -5.77 6.16 -3.95
N TRP A 46 -6.01 5.81 -2.69
CA TRP A 46 -5.78 4.44 -2.26
C TRP A 46 -6.57 3.48 -3.13
N GLN A 47 -5.84 2.56 -3.77
CA GLN A 47 -6.47 1.58 -4.63
C GLN A 47 -6.54 0.23 -3.93
N CYS A 48 -5.39 -0.39 -3.74
CA CYS A 48 -5.32 -1.69 -3.09
C CYS A 48 -3.97 -1.91 -2.43
N PRO A 49 -3.89 -2.31 -1.17
CA PRO A 49 -2.60 -2.60 -0.51
C PRO A 49 -2.18 -4.03 -0.79
N GLU A 50 -3.00 -4.97 -0.32
CA GLU A 50 -2.75 -6.38 -0.52
C GLU A 50 -3.08 -6.79 -1.96
N CYS A 51 -3.84 -5.94 -2.65
CA CYS A 51 -4.22 -6.23 -4.02
C CYS A 51 -3.64 -5.19 -4.98
N LYS A 52 -2.55 -4.54 -4.56
CA LYS A 52 -1.91 -3.52 -5.40
C LYS A 52 -1.34 -4.18 -6.65
N VAL A 53 -1.15 -3.39 -7.69
CA VAL A 53 -0.58 -3.92 -8.92
C VAL A 53 0.60 -3.07 -9.37
N CYS A 54 1.55 -3.71 -10.03
CA CYS A 54 2.72 -3.00 -10.52
C CYS A 54 2.29 -2.02 -11.60
N GLN A 55 2.81 -0.81 -11.56
CA GLN A 55 2.48 0.19 -12.57
C GLN A 55 3.34 -0.04 -13.81
N ALA A 56 3.39 -1.30 -14.27
CA ALA A 56 4.20 -1.63 -15.43
C ALA A 56 3.77 -2.97 -16.03
N CYS A 57 3.77 -4.03 -15.21
CA CYS A 57 3.40 -5.35 -15.69
C CYS A 57 2.09 -5.84 -15.10
N ARG A 58 1.51 -5.10 -14.16
CA ARG A 58 0.25 -5.50 -13.56
C ARG A 58 0.37 -6.91 -12.96
N LYS A 59 1.56 -7.23 -12.48
CA LYS A 59 1.82 -8.54 -11.89
C LYS A 59 2.41 -8.39 -10.49
N PRO A 60 1.57 -8.15 -9.51
CA PRO A 60 2.03 -7.96 -8.09
C PRO A 60 2.43 -9.26 -7.42
N GLY A 61 2.63 -9.20 -6.11
CA GLY A 61 3.03 -10.36 -5.33
C GLY A 61 4.42 -10.17 -4.72
N ASN A 62 5.18 -9.21 -5.26
CA ASN A 62 6.52 -8.93 -4.76
C ASN A 62 6.49 -7.70 -3.85
N ASP A 63 5.97 -7.86 -2.64
CA ASP A 63 5.86 -6.75 -1.69
C ASP A 63 7.24 -6.24 -1.29
N SER A 64 8.16 -7.15 -1.01
CA SER A 64 9.51 -6.74 -0.63
C SER A 64 10.26 -6.18 -1.83
N LYS A 65 9.80 -6.53 -3.03
CA LYS A 65 10.41 -6.04 -4.25
C LYS A 65 9.53 -4.97 -4.90
N MET A 66 8.50 -4.52 -4.17
CA MET A 66 7.59 -3.48 -4.68
C MET A 66 7.74 -2.21 -3.85
N LEU A 67 7.97 -1.10 -4.53
CA LEU A 67 8.11 0.19 -3.89
C LEU A 67 6.78 0.93 -3.94
N VAL A 68 6.28 1.35 -2.77
CA VAL A 68 5.02 2.06 -2.72
C VAL A 68 5.19 3.44 -2.09
N CYS A 69 4.66 4.46 -2.77
CA CYS A 69 4.77 5.82 -2.23
C CYS A 69 3.87 5.94 -1.00
N GLU A 70 4.43 6.48 0.07
CA GLU A 70 3.69 6.62 1.33
C GLU A 70 2.56 7.64 1.23
N THR A 71 2.80 8.73 0.53
CA THR A 71 1.78 9.77 0.38
C THR A 71 0.95 9.58 -0.89
N CYS A 72 1.41 8.68 -1.77
CA CYS A 72 0.69 8.44 -3.01
C CYS A 72 0.46 6.94 -3.22
N ASP A 73 -0.71 6.59 -3.70
CA ASP A 73 -1.02 5.19 -3.97
C ASP A 73 -0.42 4.78 -5.31
N LYS A 74 0.88 4.50 -5.31
CA LYS A 74 1.57 4.10 -6.54
C LYS A 74 2.40 2.84 -6.29
N GLY A 75 2.27 1.86 -7.18
CA GLY A 75 3.01 0.62 -7.06
C GLY A 75 4.09 0.50 -8.12
N TYR A 76 5.31 0.25 -7.68
CA TYR A 76 6.45 0.10 -8.60
C TYR A 76 7.22 -1.16 -8.26
N HIS A 77 7.72 -1.84 -9.27
CA HIS A 77 8.50 -3.05 -9.02
C HIS A 77 9.97 -2.66 -8.93
N THR A 78 10.84 -3.62 -8.70
CA THR A 78 12.28 -3.32 -8.63
C THR A 78 13.00 -3.97 -9.82
N PHE A 79 12.25 -4.18 -10.90
CA PHE A 79 12.82 -4.82 -12.09
C PHE A 79 11.99 -4.47 -13.33
N CYS A 80 11.21 -3.40 -13.24
CA CYS A 80 10.37 -2.95 -14.36
C CYS A 80 9.55 -1.73 -13.91
N LEU A 81 10.24 -0.77 -13.30
CA LEU A 81 9.58 0.44 -12.82
C LEU A 81 9.99 1.65 -13.65
N LYS A 82 9.37 2.80 -13.39
CA LYS A 82 9.71 3.98 -14.18
C LYS A 82 11.21 4.21 -14.15
N PRO A 83 11.81 4.34 -12.99
CA PRO A 83 13.29 4.47 -12.86
C PRO A 83 13.84 3.09 -12.51
N PRO A 84 14.25 2.30 -13.46
CA PRO A 84 14.72 0.92 -13.17
C PRO A 84 15.96 0.90 -12.28
N MET A 85 15.94 0.00 -11.31
CA MET A 85 17.02 -0.14 -10.35
C MET A 85 17.64 -1.54 -10.46
N GLU A 86 18.91 -1.68 -10.09
CA GLU A 86 19.58 -2.98 -10.18
C GLU A 86 19.44 -3.75 -8.86
N GLU A 87 19.02 -3.07 -7.80
CA GLU A 87 18.86 -3.73 -6.51
C GLU A 87 17.79 -3.03 -5.68
N LEU A 88 17.48 -3.61 -4.53
CA LEU A 88 16.45 -3.04 -3.66
C LEU A 88 17.06 -1.90 -2.81
N PRO A 89 16.61 -0.67 -2.99
CA PRO A 89 17.17 0.49 -2.21
C PRO A 89 17.06 0.30 -0.71
N ALA A 90 18.14 0.60 -0.01
CA ALA A 90 18.15 0.49 1.45
C ALA A 90 17.16 1.48 2.04
N HIS A 91 17.11 2.66 1.44
CA HIS A 91 16.20 3.72 1.89
C HIS A 91 14.92 3.68 1.06
N SER A 92 14.00 4.59 1.34
CA SER A 92 12.74 4.63 0.60
C SER A 92 12.91 5.35 -0.73
N TRP A 93 11.95 5.13 -1.61
CA TRP A 93 11.96 5.76 -2.93
C TRP A 93 10.53 6.14 -3.33
N LYS A 94 10.34 7.42 -3.60
CA LYS A 94 9.02 7.92 -3.96
C LYS A 94 9.13 9.39 -4.37
N CYS A 95 7.98 10.05 -4.59
CA CYS A 95 7.98 11.46 -4.99
C CYS A 95 8.94 12.23 -4.08
N LYS A 96 9.41 13.38 -4.55
CA LYS A 96 10.33 14.19 -3.73
C LYS A 96 9.66 14.67 -2.45
N ALA A 97 8.49 15.27 -2.60
CA ALA A 97 7.73 15.80 -1.46
C ALA A 97 7.32 14.67 -0.52
N CYS A 98 7.17 13.48 -1.07
CA CYS A 98 6.76 12.33 -0.28
C CYS A 98 7.98 11.64 0.33
N ARG A 99 9.11 11.74 -0.36
CA ARG A 99 10.34 11.12 0.11
C ARG A 99 10.72 11.65 1.48
N VAL A 100 10.67 12.97 1.64
CA VAL A 100 11.01 13.57 2.93
C VAL A 100 10.06 13.10 4.02
N THR B 1 15.52 4.10 7.06
CA THR B 1 14.13 4.03 6.65
C THR B 1 13.74 2.60 6.28
N GLY B 2 14.55 1.95 5.44
CA GLY B 2 14.27 0.58 5.04
C GLY B 2 13.15 0.54 4.00
N ALA B 3 12.95 -0.64 3.40
CA ALA B 3 11.89 -0.81 2.40
C ALA B 3 10.61 -1.29 3.05
N ARG B 4 10.39 -0.84 4.28
CA ARG B 4 9.19 -1.20 5.03
C ARG B 4 7.95 -0.81 4.24
N THR B 5 8.12 0.08 3.26
CA THR B 5 7.02 0.56 2.41
C THR B 5 5.97 -0.53 2.18
N LEU B 6 6.05 -1.28 1.10
CA LEU B 6 5.07 -2.32 0.89
C LEU B 6 5.56 -3.60 1.55
N ALA B 7 6.89 -3.71 1.73
CA ALA B 7 7.43 -4.89 2.36
C ALA B 7 6.83 -5.09 3.74
N ASP B 8 6.75 -4.04 4.54
CA ASP B 8 6.19 -4.21 5.88
C ASP B 8 4.67 -4.03 5.88
N ILE B 9 4.15 -3.11 5.06
CA ILE B 9 2.71 -2.88 5.03
C ILE B 9 1.93 -4.11 4.54
N LYS B 10 2.35 -4.65 3.40
CA LYS B 10 1.65 -5.80 2.83
C LYS B 10 2.06 -7.12 3.47
N ALA B 11 3.34 -7.31 3.72
CA ALA B 11 3.76 -8.58 4.31
C ALA B 11 3.13 -8.75 5.68
N LYS B 12 3.13 -7.68 6.48
CA LYS B 12 2.52 -7.76 7.81
C LYS B 12 1.03 -7.97 7.67
N ALA B 13 0.42 -7.39 6.63
CA ALA B 13 -1.00 -7.57 6.42
C ALA B 13 -1.32 -9.05 6.36
N GLN B 14 -0.42 -9.81 5.73
CA GLN B 14 -0.60 -11.24 5.60
C GLN B 14 -0.44 -11.93 6.93
N LEU B 15 0.46 -11.42 7.73
CA LEU B 15 0.71 -12.00 9.04
C LEU B 15 -0.53 -11.89 9.89
N VAL B 16 -1.08 -10.69 9.95
CA VAL B 16 -2.28 -10.45 10.75
C VAL B 16 -3.53 -11.03 10.08
N LYS B 17 -3.59 -10.98 8.76
CA LYS B 17 -4.73 -11.52 8.03
C LYS B 17 -4.79 -13.03 8.18
N ALA B 18 -3.69 -13.67 7.82
CA ALA B 18 -3.59 -15.12 7.89
C ALA B 18 -3.64 -15.58 9.34
N GLN B 19 -3.26 -14.70 10.25
CA GLN B 19 -3.27 -15.01 11.68
C GLN B 19 -4.62 -15.61 12.08
ZN ZN C . -8.80 -2.67 10.62
ZN ZN D . -8.13 -4.28 -3.22
ZN ZN E . 6.33 -5.01 -12.31
ZN ZN F . 4.05 10.59 -3.48
N GLY A 3 -22.06 1.91 9.64
CA GLY A 3 -21.37 3.09 9.15
C GLY A 3 -20.15 2.69 8.33
N SER A 4 -19.15 2.10 8.98
CA SER A 4 -17.94 1.69 8.30
C SER A 4 -18.21 0.49 7.39
N ALA A 5 -17.37 0.30 6.39
CA ALA A 5 -17.54 -0.81 5.46
C ALA A 5 -16.52 -1.92 5.72
N ARG A 6 -16.59 -2.47 6.94
CA ARG A 6 -15.74 -3.59 7.37
C ARG A 6 -14.24 -3.31 7.27
N CYS A 7 -13.50 -3.76 8.29
CA CYS A 7 -12.04 -3.63 8.31
C CYS A 7 -11.44 -4.84 7.60
N ALA A 8 -11.09 -4.69 6.32
CA ALA A 8 -10.53 -5.78 5.51
C ALA A 8 -9.64 -6.75 6.30
N VAL A 9 -8.47 -6.28 6.76
CA VAL A 9 -7.55 -7.15 7.50
C VAL A 9 -7.97 -7.32 8.96
N CYS A 10 -9.05 -6.66 9.36
CA CYS A 10 -9.52 -6.76 10.74
C CYS A 10 -11.05 -6.84 10.80
N GLU A 11 -11.61 -7.69 9.93
CA GLU A 11 -13.06 -7.90 9.82
C GLU A 11 -13.80 -7.56 11.12
N GLY A 12 -14.68 -6.58 11.01
CA GLY A 12 -15.47 -6.11 12.13
C GLY A 12 -15.76 -4.61 11.98
N PRO A 13 -16.32 -4.00 12.97
CA PRO A 13 -16.64 -2.54 12.94
C PRO A 13 -15.38 -1.69 12.85
N GLY A 14 -15.43 -0.65 12.01
CA GLY A 14 -14.29 0.23 11.83
C GLY A 14 -14.72 1.69 11.78
N GLU A 15 -13.88 2.54 11.19
CA GLU A 15 -14.18 3.97 11.09
C GLU A 15 -14.89 4.28 9.78
N LEU A 16 -15.47 5.48 9.71
CA LEU A 16 -16.19 5.90 8.52
C LEU A 16 -15.75 7.30 8.09
N CYS A 17 -15.53 7.47 6.79
CA CYS A 17 -15.10 8.75 6.21
C CYS A 17 -13.60 9.00 6.41
N ASP A 18 -12.96 8.21 7.28
CA ASP A 18 -11.53 8.38 7.52
C ASP A 18 -10.73 7.22 6.91
N LEU A 19 -11.42 6.35 6.17
CA LEU A 19 -10.75 5.21 5.56
C LEU A 19 -10.79 5.30 4.03
N PHE A 20 -9.81 4.69 3.39
CA PHE A 20 -9.74 4.68 1.92
C PHE A 20 -10.67 3.60 1.39
N PHE A 21 -11.00 3.64 0.10
CA PHE A 21 -11.88 2.62 -0.47
C PHE A 21 -11.24 1.98 -1.70
N CYS A 22 -11.14 0.64 -1.70
CA CYS A 22 -10.53 -0.05 -2.84
C CYS A 22 -11.44 -0.02 -4.06
N THR A 23 -10.84 -0.28 -5.22
CA THR A 23 -11.59 -0.29 -6.47
C THR A 23 -11.82 -1.71 -6.96
N SER A 24 -11.37 -2.71 -6.18
CA SER A 24 -11.54 -4.10 -6.58
C SER A 24 -11.99 -4.96 -5.40
N CYS A 25 -11.45 -4.66 -4.22
CA CYS A 25 -11.80 -5.43 -3.02
C CYS A 25 -13.30 -5.32 -2.73
N GLY A 26 -13.82 -4.11 -2.87
CA GLY A 26 -15.24 -3.86 -2.61
C GLY A 26 -15.42 -3.27 -1.21
N HIS A 27 -14.47 -3.58 -0.33
CA HIS A 27 -14.51 -3.06 1.04
C HIS A 27 -13.53 -1.90 1.18
N HIS A 28 -13.53 -1.27 2.34
CA HIS A 28 -12.62 -0.14 2.56
C HIS A 28 -11.31 -0.60 3.18
N TYR A 29 -10.33 0.30 3.20
CA TYR A 29 -9.04 0.01 3.79
C TYR A 29 -8.66 1.08 4.81
N HIS A 30 -7.98 0.64 5.85
CA HIS A 30 -7.59 1.53 6.95
C HIS A 30 -6.08 1.57 7.13
N GLY A 31 -5.56 2.77 7.33
CA GLY A 31 -4.13 2.95 7.54
C GLY A 31 -3.73 2.53 8.96
N ALA A 32 -4.69 2.48 9.86
CA ALA A 32 -4.38 2.12 11.24
C ALA A 32 -4.09 0.63 11.40
N CYS A 33 -5.01 -0.22 10.92
CA CYS A 33 -4.83 -1.65 11.04
C CYS A 33 -3.94 -2.24 9.93
N LEU A 34 -3.79 -1.52 8.81
CA LEU A 34 -2.96 -2.02 7.72
C LEU A 34 -1.78 -1.08 7.41
N ASP A 35 -1.58 -0.06 8.23
CA ASP A 35 -0.45 0.86 8.03
C ASP A 35 -0.54 1.58 6.67
N THR A 36 -1.06 2.81 6.68
CA THR A 36 -1.16 3.59 5.46
C THR A 36 -1.24 5.08 5.78
N ALA A 37 -0.43 5.88 5.12
CA ALA A 37 -0.44 7.32 5.36
C ALA A 37 -1.80 7.91 4.98
N LEU A 38 -2.28 8.84 5.78
CA LEU A 38 -3.56 9.48 5.51
C LEU A 38 -3.38 10.68 4.59
N THR A 39 -3.94 10.58 3.39
CA THR A 39 -3.84 11.66 2.41
C THR A 39 -5.13 11.76 1.61
N ALA A 40 -5.43 12.96 1.11
CA ALA A 40 -6.63 13.16 0.33
C ALA A 40 -6.62 12.25 -0.90
N ARG A 41 -5.46 12.12 -1.53
CA ARG A 41 -5.33 11.27 -2.71
C ARG A 41 -5.62 9.82 -2.35
N LYS A 42 -5.08 9.38 -1.21
CA LYS A 42 -5.29 8.01 -0.75
C LYS A 42 -6.77 7.77 -0.44
N ARG A 43 -7.39 8.77 0.18
CA ARG A 43 -8.80 8.69 0.55
C ARG A 43 -9.68 8.56 -0.68
N ALA A 44 -9.24 9.17 -1.78
CA ALA A 44 -10.01 9.10 -3.01
C ALA A 44 -10.25 7.64 -3.39
N GLY A 45 -9.27 6.80 -3.13
CA GLY A 45 -9.39 5.38 -3.44
C GLY A 45 -8.09 4.81 -3.97
N TRP A 46 -7.31 4.19 -3.09
CA TRP A 46 -6.03 3.60 -3.50
C TRP A 46 -6.09 2.08 -3.44
N GLN A 47 -5.55 1.44 -4.46
CA GLN A 47 -5.54 -0.02 -4.51
C GLN A 47 -4.65 -0.58 -3.42
N CYS A 48 -5.27 -1.14 -2.39
CA CYS A 48 -4.54 -1.71 -1.28
C CYS A 48 -3.61 -2.81 -1.77
N PRO A 49 -2.70 -3.25 -0.95
CA PRO A 49 -1.70 -4.30 -1.32
C PRO A 49 -2.33 -5.57 -1.86
N GLU A 50 -3.49 -5.94 -1.32
CA GLU A 50 -4.16 -7.17 -1.76
C GLU A 50 -4.58 -7.09 -3.23
N CYS A 51 -4.68 -5.87 -3.76
CA CYS A 51 -5.08 -5.68 -5.16
C CYS A 51 -4.16 -4.71 -5.86
N LYS A 52 -2.97 -4.53 -5.30
CA LYS A 52 -1.98 -3.62 -5.88
C LYS A 52 -1.32 -4.25 -7.09
N VAL A 53 -0.89 -3.42 -8.04
CA VAL A 53 -0.24 -3.93 -9.24
C VAL A 53 0.96 -3.08 -9.63
N CYS A 54 1.85 -3.66 -10.43
CA CYS A 54 3.02 -2.95 -10.93
C CYS A 54 2.60 -2.04 -12.06
N GLN A 55 3.15 -0.82 -12.12
CA GLN A 55 2.80 0.12 -13.18
C GLN A 55 3.56 -0.20 -14.47
N ALA A 56 4.25 -1.34 -14.48
CA ALA A 56 5.00 -1.78 -15.65
C ALA A 56 4.57 -3.17 -16.07
N CYS A 57 4.15 -3.98 -15.09
CA CYS A 57 3.72 -5.35 -15.37
C CYS A 57 2.23 -5.54 -15.10
N ARG A 58 1.66 -4.65 -14.28
CA ARG A 58 0.25 -4.74 -13.94
C ARG A 58 -0.07 -6.07 -13.26
N LYS A 59 0.87 -6.55 -12.45
CA LYS A 59 0.68 -7.81 -11.73
C LYS A 59 1.08 -7.64 -10.26
N PRO A 60 0.51 -8.42 -9.37
CA PRO A 60 0.81 -8.33 -7.91
C PRO A 60 2.04 -9.13 -7.50
N GLY A 61 2.28 -9.18 -6.19
CA GLY A 61 3.42 -9.91 -5.64
C GLY A 61 4.65 -9.01 -5.53
N ASN A 62 5.75 -9.57 -5.02
CA ASN A 62 6.99 -8.82 -4.87
C ASN A 62 6.82 -7.58 -3.97
N ASP A 63 6.13 -7.74 -2.85
CA ASP A 63 5.90 -6.63 -1.92
C ASP A 63 7.22 -6.06 -1.39
N SER A 64 8.12 -6.94 -0.98
CA SER A 64 9.41 -6.49 -0.48
C SER A 64 10.15 -5.76 -1.58
N LYS A 65 9.96 -6.23 -2.80
CA LYS A 65 10.60 -5.62 -3.95
C LYS A 65 9.67 -4.59 -4.60
N MET A 66 8.58 -4.25 -3.92
CA MET A 66 7.64 -3.27 -4.47
C MET A 66 7.72 -1.97 -3.67
N LEU A 67 7.93 -0.87 -4.38
CA LEU A 67 8.02 0.42 -3.72
C LEU A 67 6.68 1.15 -3.82
N VAL A 68 6.03 1.33 -2.69
CA VAL A 68 4.75 2.03 -2.65
C VAL A 68 4.90 3.39 -2.01
N CYS A 69 4.50 4.43 -2.74
CA CYS A 69 4.61 5.79 -2.21
C CYS A 69 3.78 5.92 -0.93
N GLU A 70 4.39 6.47 0.11
CA GLU A 70 3.72 6.62 1.41
C GLU A 70 2.54 7.59 1.35
N THR A 71 2.72 8.72 0.68
CA THR A 71 1.63 9.70 0.59
C THR A 71 0.76 9.40 -0.61
N CYS A 72 1.37 9.35 -1.79
CA CYS A 72 0.64 9.05 -3.00
C CYS A 72 0.48 7.54 -3.12
N ASP A 73 -0.33 7.10 -4.06
CA ASP A 73 -0.54 5.67 -4.26
C ASP A 73 -0.01 5.22 -5.62
N LYS A 74 1.05 4.44 -5.59
CA LYS A 74 1.64 3.94 -6.82
C LYS A 74 2.60 2.79 -6.52
N GLY A 75 2.48 1.72 -7.31
CA GLY A 75 3.34 0.55 -7.14
C GLY A 75 4.49 0.56 -8.12
N TYR A 76 5.69 0.34 -7.60
CA TYR A 76 6.88 0.32 -8.44
C TYR A 76 7.69 -0.95 -8.24
N HIS A 77 8.13 -1.53 -9.35
CA HIS A 77 8.93 -2.75 -9.32
C HIS A 77 10.40 -2.39 -9.28
N THR A 78 11.16 -2.99 -8.36
CA THR A 78 12.58 -2.68 -8.27
C THR A 78 13.37 -3.23 -9.46
N PHE A 79 12.68 -3.84 -10.41
CA PHE A 79 13.34 -4.39 -11.58
C PHE A 79 12.83 -3.73 -12.86
N CYS A 80 11.90 -2.76 -12.73
CA CYS A 80 11.38 -2.10 -13.91
C CYS A 80 10.63 -0.80 -13.60
N LEU A 81 10.72 -0.30 -12.35
CA LEU A 81 10.06 0.93 -12.00
C LEU A 81 10.49 2.02 -12.98
N LYS A 82 9.78 3.16 -12.99
CA LYS A 82 10.12 4.22 -13.92
C LYS A 82 11.64 4.44 -13.93
N PRO A 83 12.24 4.74 -12.79
CA PRO A 83 13.71 4.83 -12.68
C PRO A 83 14.24 3.48 -12.17
N PRO A 84 14.58 2.56 -13.04
CA PRO A 84 15.03 1.20 -12.59
C PRO A 84 16.23 1.25 -11.67
N MET A 85 16.14 0.46 -10.60
CA MET A 85 17.20 0.41 -9.60
C MET A 85 17.94 -0.94 -9.66
N GLU A 86 17.25 -1.96 -10.18
CA GLU A 86 17.83 -3.29 -10.28
C GLU A 86 18.18 -3.86 -8.90
N GLU A 87 17.72 -3.18 -7.84
CA GLU A 87 17.98 -3.64 -6.48
C GLU A 87 16.94 -3.05 -5.53
N LEU A 88 17.03 -3.43 -4.27
CA LEU A 88 16.09 -2.93 -3.27
C LEU A 88 16.79 -1.94 -2.34
N PRO A 89 16.55 -0.65 -2.47
CA PRO A 89 17.21 0.37 -1.59
C PRO A 89 16.81 0.25 -0.13
N ALA A 90 17.82 0.22 0.74
CA ALA A 90 17.57 0.12 2.18
C ALA A 90 16.83 1.35 2.67
N HIS A 91 17.21 2.51 2.14
CA HIS A 91 16.58 3.77 2.52
C HIS A 91 15.24 3.93 1.81
N SER A 92 14.47 4.94 2.23
CA SER A 92 13.17 5.19 1.62
C SER A 92 13.32 5.73 0.20
N TRP A 93 12.26 5.57 -0.59
CA TRP A 93 12.25 6.04 -1.97
C TRP A 93 10.83 6.40 -2.39
N LYS A 94 10.65 7.65 -2.80
CA LYS A 94 9.33 8.15 -3.21
C LYS A 94 9.46 9.63 -3.59
N CYS A 95 8.34 10.27 -3.96
CA CYS A 95 8.37 11.69 -4.34
C CYS A 95 9.21 12.48 -3.34
N LYS A 96 9.64 13.68 -3.71
CA LYS A 96 10.46 14.49 -2.80
C LYS A 96 9.69 14.83 -1.51
N ALA A 97 8.48 15.32 -1.68
CA ALA A 97 7.64 15.69 -0.54
C ALA A 97 7.33 14.49 0.34
N CYS A 98 7.18 13.33 -0.29
CA CYS A 98 6.86 12.12 0.43
C CYS A 98 8.11 11.46 1.00
N ARG A 99 9.25 11.70 0.35
CA ARG A 99 10.50 11.12 0.78
C ARG A 99 10.84 11.59 2.18
N VAL A 100 10.64 12.87 2.45
CA VAL A 100 10.93 13.41 3.76
C VAL A 100 9.97 12.84 4.80
N THR B 1 11.56 4.47 5.29
CA THR B 1 12.86 3.86 5.09
C THR B 1 12.80 2.36 5.43
N GLY B 2 13.87 1.63 5.12
CA GLY B 2 13.91 0.20 5.41
C GLY B 2 12.94 -0.58 4.52
N ALA B 3 12.54 0.04 3.42
CA ALA B 3 11.59 -0.59 2.47
C ALA B 3 10.32 -1.04 3.19
N ARG B 4 10.07 -0.48 4.36
CA ARG B 4 8.88 -0.82 5.13
C ARG B 4 7.63 -0.52 4.32
N THR B 5 7.79 0.28 3.25
CA THR B 5 6.71 0.67 2.36
C THR B 5 5.69 -0.47 2.17
N LEU B 6 5.77 -1.22 1.07
CA LEU B 6 4.83 -2.29 0.86
C LEU B 6 5.33 -3.54 1.57
N ALA B 7 6.64 -3.63 1.77
CA ALA B 7 7.18 -4.79 2.46
C ALA B 7 6.56 -4.93 3.83
N ASP B 8 6.50 -3.86 4.60
CA ASP B 8 5.91 -3.94 5.94
C ASP B 8 4.39 -3.92 5.88
N ILE B 9 3.84 -3.04 5.04
CA ILE B 9 2.39 -2.91 4.92
C ILE B 9 1.69 -4.18 4.46
N LYS B 10 2.15 -4.74 3.35
CA LYS B 10 1.53 -5.93 2.80
C LYS B 10 1.94 -7.21 3.53
N ALA B 11 3.23 -7.36 3.79
CA ALA B 11 3.69 -8.56 4.45
C ALA B 11 3.07 -8.71 5.83
N LYS B 12 2.96 -7.61 6.57
CA LYS B 12 2.35 -7.68 7.89
C LYS B 12 0.87 -7.95 7.74
N ALA B 13 0.27 -7.42 6.67
CA ALA B 13 -1.13 -7.62 6.41
C ALA B 13 -1.41 -9.12 6.32
N GLN B 14 -0.47 -9.85 5.74
CA GLN B 14 -0.62 -11.30 5.59
C GLN B 14 -0.52 -11.96 6.93
N LEU B 15 0.34 -11.43 7.77
CA LEU B 15 0.53 -12.01 9.08
C LEU B 15 -0.76 -11.94 9.87
N VAL B 16 -1.35 -10.75 9.89
CA VAL B 16 -2.60 -10.56 10.63
C VAL B 16 -3.80 -11.18 9.90
N LYS B 17 -3.78 -11.13 8.56
CA LYS B 17 -4.87 -11.69 7.78
C LYS B 17 -4.90 -13.21 7.93
N ALA B 18 -3.77 -13.83 7.62
CA ALA B 18 -3.63 -15.28 7.71
C ALA B 18 -3.80 -15.75 9.15
N GLN B 19 -3.49 -14.87 10.09
CA GLN B 19 -3.59 -15.20 11.50
C GLN B 19 -5.01 -15.65 11.84
ZN ZN C . -8.52 -2.29 10.18
ZN ZN D . -7.64 -3.61 -2.16
ZN ZN E . 7.15 -4.55 -12.83
ZN ZN F . 4.32 10.70 -3.25
N GLY A 3 -21.27 3.04 3.45
CA GLY A 3 -20.99 3.44 4.82
C GLY A 3 -20.20 2.37 5.56
N SER A 4 -20.30 1.13 5.08
CA SER A 4 -19.59 0.02 5.71
C SER A 4 -19.09 -0.98 4.67
N ALA A 5 -17.89 -1.50 4.90
CA ALA A 5 -17.30 -2.46 3.98
C ALA A 5 -16.29 -3.36 4.71
N ARG A 6 -16.50 -3.53 6.02
CA ARG A 6 -15.64 -4.36 6.85
C ARG A 6 -14.17 -3.94 6.79
N CYS A 7 -13.41 -4.33 7.81
CA CYS A 7 -12.00 -4.02 7.85
C CYS A 7 -11.24 -5.19 7.22
N ALA A 8 -10.39 -4.87 6.25
CA ALA A 8 -9.65 -5.90 5.51
C ALA A 8 -8.80 -6.77 6.44
N VAL A 9 -8.18 -6.18 7.45
CA VAL A 9 -7.33 -6.94 8.34
C VAL A 9 -7.37 -6.41 9.76
N CYS A 10 -8.41 -6.80 10.50
CA CYS A 10 -8.60 -6.38 11.89
C CYS A 10 -10.04 -6.63 12.34
N GLU A 11 -10.95 -6.69 11.37
CA GLU A 11 -12.36 -6.92 11.66
C GLU A 11 -12.93 -5.78 12.50
N GLY A 12 -13.98 -5.13 11.99
CA GLY A 12 -14.59 -4.02 12.70
C GLY A 12 -15.02 -2.91 11.73
N PRO A 13 -16.19 -3.02 11.15
CA PRO A 13 -16.71 -2.00 10.18
C PRO A 13 -16.75 -0.59 10.77
N GLY A 14 -16.57 0.41 9.92
CA GLY A 14 -16.60 1.80 10.36
C GLY A 14 -16.93 2.73 9.20
N GLU A 15 -16.99 4.03 9.48
CA GLU A 15 -17.30 5.02 8.44
C GLU A 15 -16.30 4.90 7.30
N LEU A 16 -16.81 4.71 6.08
CA LEU A 16 -15.96 4.59 4.90
C LEU A 16 -15.26 5.91 4.58
N CYS A 17 -15.91 7.01 4.90
CA CYS A 17 -15.34 8.32 4.61
C CYS A 17 -14.02 8.53 5.36
N ASP A 18 -13.92 8.01 6.58
CA ASP A 18 -12.70 8.17 7.37
C ASP A 18 -11.77 6.96 7.20
N LEU A 19 -12.19 5.96 6.44
CA LEU A 19 -11.37 4.76 6.23
C LEU A 19 -11.07 4.59 4.74
N PHE A 20 -9.96 3.93 4.43
CA PHE A 20 -9.59 3.73 3.04
C PHE A 20 -10.54 2.72 2.40
N PHE A 21 -11.13 3.09 1.28
CA PHE A 21 -12.05 2.20 0.59
C PHE A 21 -11.59 1.95 -0.85
N CYS A 22 -11.28 0.69 -1.17
CA CYS A 22 -10.80 0.35 -2.50
C CYS A 22 -11.92 0.43 -3.53
N THR A 23 -11.52 0.58 -4.79
CA THR A 23 -12.49 0.66 -5.88
C THR A 23 -12.59 -0.69 -6.62
N SER A 24 -11.82 -1.68 -6.15
CA SER A 24 -11.85 -3.00 -6.78
C SER A 24 -12.41 -4.06 -5.84
N CYS A 25 -11.65 -4.41 -4.79
CA CYS A 25 -12.12 -5.42 -3.84
C CYS A 25 -13.38 -4.95 -3.12
N GLY A 26 -13.51 -3.64 -2.94
CA GLY A 26 -14.71 -3.09 -2.29
C GLY A 26 -14.62 -3.13 -0.76
N HIS A 27 -13.49 -3.55 -0.22
CA HIS A 27 -13.33 -3.62 1.23
C HIS A 27 -12.56 -2.41 1.73
N HIS A 28 -12.74 -2.08 3.01
CA HIS A 28 -12.04 -0.93 3.58
C HIS A 28 -11.12 -1.39 4.71
N TYR A 29 -10.26 -0.49 5.18
CA TYR A 29 -9.33 -0.83 6.25
C TYR A 29 -8.88 0.41 7.02
N HIS A 30 -8.43 0.18 8.24
CA HIS A 30 -7.98 1.26 9.11
C HIS A 30 -6.50 1.56 8.91
N GLY A 31 -6.09 2.77 9.27
CA GLY A 31 -4.70 3.17 9.13
C GLY A 31 -3.77 2.34 10.03
N ALA A 32 -4.24 2.05 11.24
CA ALA A 32 -3.42 1.28 12.18
C ALA A 32 -3.16 -0.14 11.67
N CYS A 33 -4.17 -0.77 11.09
CA CYS A 33 -4.02 -2.14 10.59
C CYS A 33 -2.98 -2.24 9.49
N LEU A 34 -3.02 -1.32 8.53
CA LEU A 34 -2.10 -1.36 7.40
C LEU A 34 -1.02 -0.26 7.48
N ASP A 35 -0.88 0.36 8.64
CA ASP A 35 0.13 1.41 8.80
C ASP A 35 -0.01 2.46 7.71
N THR A 36 -1.25 2.89 7.46
CA THR A 36 -1.51 3.90 6.43
C THR A 36 -2.10 5.16 7.04
N ALA A 37 -1.51 6.30 6.72
CA ALA A 37 -2.01 7.57 7.23
C ALA A 37 -3.36 7.90 6.61
N LEU A 38 -4.23 8.54 7.37
CA LEU A 38 -5.55 8.90 6.87
C LEU A 38 -5.55 10.32 6.31
N THR A 39 -5.60 10.43 4.98
CA THR A 39 -5.60 11.74 4.34
C THR A 39 -6.58 11.76 3.17
N ALA A 40 -7.09 12.95 2.86
CA ALA A 40 -8.02 13.10 1.75
C ALA A 40 -7.37 12.74 0.42
N ARG A 41 -6.10 13.11 0.28
CA ARG A 41 -5.36 12.84 -0.94
C ARG A 41 -5.32 11.35 -1.24
N LYS A 42 -5.03 10.55 -0.21
CA LYS A 42 -4.98 9.10 -0.40
C LYS A 42 -6.34 8.56 -0.83
N ARG A 43 -7.40 9.11 -0.25
CA ARG A 43 -8.75 8.68 -0.61
C ARG A 43 -9.01 8.95 -2.08
N ALA A 44 -8.36 9.97 -2.62
CA ALA A 44 -8.52 10.32 -4.02
C ALA A 44 -8.11 9.15 -4.92
N GLY A 45 -7.04 8.46 -4.53
CA GLY A 45 -6.57 7.32 -5.31
C GLY A 45 -5.65 6.43 -4.49
N TRP A 46 -6.24 5.50 -3.73
CA TRP A 46 -5.46 4.58 -2.91
C TRP A 46 -6.02 3.17 -3.00
N GLN A 47 -5.14 2.21 -3.29
CA GLN A 47 -5.52 0.81 -3.37
C GLN A 47 -4.90 0.05 -2.21
N CYS A 48 -5.27 -1.21 -2.03
CA CYS A 48 -4.70 -1.99 -0.93
C CYS A 48 -3.67 -2.99 -1.45
N PRO A 49 -2.76 -3.43 -0.61
CA PRO A 49 -1.70 -4.40 -1.01
C PRO A 49 -2.28 -5.72 -1.52
N GLU A 50 -3.40 -6.15 -0.95
CA GLU A 50 -4.02 -7.41 -1.34
C GLU A 50 -4.47 -7.37 -2.80
N CYS A 51 -4.65 -6.17 -3.35
CA CYS A 51 -5.08 -6.05 -4.74
C CYS A 51 -4.44 -4.86 -5.43
N LYS A 52 -3.16 -4.63 -5.16
CA LYS A 52 -2.45 -3.52 -5.79
C LYS A 52 -1.74 -4.00 -7.03
N VAL A 53 -1.87 -3.25 -8.12
CA VAL A 53 -1.23 -3.64 -9.37
C VAL A 53 0.01 -2.79 -9.65
N CYS A 54 1.04 -3.43 -10.17
CA CYS A 54 2.28 -2.74 -10.49
C CYS A 54 2.01 -1.70 -11.57
N GLN A 55 2.54 -0.50 -11.37
CA GLN A 55 2.35 0.57 -12.33
C GLN A 55 3.31 0.41 -13.50
N ALA A 56 3.30 -0.76 -14.11
CA ALA A 56 4.17 -1.06 -15.24
C ALA A 56 3.73 -2.34 -15.94
N CYS A 57 3.57 -3.42 -15.17
CA CYS A 57 3.16 -4.70 -15.74
C CYS A 57 1.83 -5.19 -15.15
N ARG A 58 1.29 -4.46 -14.18
CA ARG A 58 0.02 -4.82 -13.56
C ARG A 58 0.12 -6.12 -12.76
N LYS A 59 1.33 -6.63 -12.58
CA LYS A 59 1.54 -7.86 -11.83
C LYS A 59 1.67 -7.54 -10.32
N PRO A 60 0.84 -8.08 -9.46
CA PRO A 60 0.92 -7.79 -8.00
C PRO A 60 1.94 -8.65 -7.27
N GLY A 61 1.95 -8.53 -5.95
CA GLY A 61 2.88 -9.30 -5.12
C GLY A 61 4.26 -8.65 -5.12
N ASN A 62 5.26 -9.41 -4.66
CA ASN A 62 6.62 -8.91 -4.62
C ASN A 62 6.70 -7.62 -3.82
N ASP A 63 5.97 -7.54 -2.70
CA ASP A 63 5.99 -6.33 -1.87
C ASP A 63 7.41 -5.94 -1.46
N SER A 64 8.21 -6.91 -1.02
CA SER A 64 9.58 -6.61 -0.61
C SER A 64 10.39 -6.08 -1.78
N LYS A 65 10.00 -6.49 -2.98
CA LYS A 65 10.68 -6.02 -4.17
C LYS A 65 9.85 -4.91 -4.84
N MET A 66 8.77 -4.49 -4.19
CA MET A 66 7.92 -3.44 -4.75
C MET A 66 8.01 -2.19 -3.89
N LEU A 67 8.18 -1.05 -4.54
CA LEU A 67 8.28 0.22 -3.84
C LEU A 67 6.94 0.95 -3.91
N VAL A 68 6.35 1.23 -2.76
CA VAL A 68 5.06 1.93 -2.72
C VAL A 68 5.21 3.35 -2.16
N CYS A 69 4.60 4.31 -2.84
CA CYS A 69 4.67 5.69 -2.39
C CYS A 69 3.96 5.85 -1.04
N GLU A 70 4.35 6.85 -0.27
CA GLU A 70 3.74 7.09 1.04
C GLU A 70 2.56 8.06 0.93
N THR A 71 2.46 8.77 -0.18
CA THR A 71 1.38 9.73 -0.37
C THR A 71 0.61 9.43 -1.66
N CYS A 72 1.33 9.19 -2.74
CA CYS A 72 0.70 8.88 -4.03
C CYS A 72 0.68 7.37 -4.24
N ASP A 73 -0.34 6.70 -3.69
CA ASP A 73 -0.46 5.25 -3.80
C ASP A 73 -0.12 4.76 -5.20
N LYS A 74 1.11 4.30 -5.37
CA LYS A 74 1.58 3.79 -6.64
C LYS A 74 2.50 2.60 -6.41
N GLY A 75 2.37 1.59 -7.25
CA GLY A 75 3.20 0.38 -7.12
C GLY A 75 4.34 0.41 -8.12
N TYR A 76 5.55 0.22 -7.62
CA TYR A 76 6.72 0.22 -8.47
C TYR A 76 7.52 -1.07 -8.30
N HIS A 77 7.77 -1.74 -9.40
CA HIS A 77 8.53 -2.99 -9.39
C HIS A 77 10.01 -2.70 -9.59
N THR A 78 10.85 -3.21 -8.70
CA THR A 78 12.29 -2.98 -8.79
C THR A 78 12.89 -3.48 -10.11
N PHE A 79 12.13 -4.26 -10.86
CA PHE A 79 12.62 -4.77 -12.15
C PHE A 79 11.83 -4.20 -13.32
N CYS A 80 10.94 -3.24 -13.05
CA CYS A 80 10.16 -2.65 -14.14
C CYS A 80 9.42 -1.39 -13.70
N LEU A 81 9.98 -0.65 -12.73
CA LEU A 81 9.36 0.59 -12.26
C LEU A 81 9.68 1.68 -13.27
N LYS A 82 9.02 2.85 -13.17
CA LYS A 82 9.28 3.93 -14.14
C LYS A 82 10.79 4.10 -14.29
N PRO A 83 11.52 4.43 -13.25
CA PRO A 83 13.00 4.48 -13.30
C PRO A 83 13.53 3.12 -12.83
N PRO A 84 13.80 2.19 -13.71
CA PRO A 84 14.24 0.81 -13.30
C PRO A 84 15.53 0.81 -12.50
N MET A 85 15.56 -0.05 -11.48
CA MET A 85 16.73 -0.17 -10.62
C MET A 85 17.33 -1.57 -10.76
N GLU A 86 18.63 -1.72 -10.49
CA GLU A 86 19.27 -3.01 -10.61
C GLU A 86 19.20 -3.80 -9.30
N GLU A 87 18.79 -3.14 -8.21
CA GLU A 87 18.70 -3.81 -6.93
C GLU A 87 17.68 -3.11 -6.03
N LEU A 88 17.42 -3.71 -4.87
CA LEU A 88 16.47 -3.14 -3.93
C LEU A 88 17.16 -2.07 -3.05
N PRO A 89 16.75 -0.83 -3.11
CA PRO A 89 17.37 0.26 -2.29
C PRO A 89 17.32 -0.05 -0.79
N ALA A 90 18.42 0.21 -0.10
CA ALA A 90 18.49 -0.03 1.34
C ALA A 90 17.46 0.85 2.05
N HIS A 91 17.35 2.09 1.62
CA HIS A 91 16.41 3.02 2.20
C HIS A 91 15.14 3.08 1.36
N SER A 92 14.21 3.96 1.75
CA SER A 92 12.96 4.09 1.01
C SER A 92 13.15 4.94 -0.23
N TRP A 93 12.19 4.84 -1.14
CA TRP A 93 12.24 5.61 -2.38
C TRP A 93 10.84 6.07 -2.77
N LYS A 94 10.73 7.37 -3.03
CA LYS A 94 9.45 7.96 -3.42
C LYS A 94 9.62 9.47 -3.60
N CYS A 95 8.56 10.18 -4.00
CA CYS A 95 8.65 11.63 -4.21
C CYS A 95 9.38 12.30 -3.05
N LYS A 96 9.80 13.54 -3.23
CA LYS A 96 10.50 14.25 -2.16
C LYS A 96 9.61 14.45 -0.93
N ALA A 97 8.42 14.97 -1.16
CA ALA A 97 7.46 15.20 -0.08
C ALA A 97 7.08 13.90 0.60
N CYS A 98 7.06 12.83 -0.18
CA CYS A 98 6.70 11.52 0.34
C CYS A 98 7.92 10.85 0.98
N ARG A 99 9.10 11.20 0.51
CA ARG A 99 10.33 10.62 1.04
C ARG A 99 10.43 10.88 2.53
N VAL A 100 10.15 12.11 2.93
CA VAL A 100 10.22 12.46 4.34
C VAL A 100 9.15 11.70 5.13
N THR B 1 14.54 2.46 7.55
CA THR B 1 13.79 2.60 6.31
C THR B 1 14.14 1.46 5.35
N GLY B 2 14.23 0.25 5.88
CA GLY B 2 14.55 -0.92 5.06
C GLY B 2 13.35 -1.33 4.22
N ALA B 3 13.12 -0.57 3.16
CA ALA B 3 12.00 -0.81 2.26
C ALA B 3 10.71 -1.06 3.06
N ARG B 4 10.65 -0.39 4.21
CA ARG B 4 9.50 -0.48 5.11
C ARG B 4 8.21 -0.24 4.32
N THR B 5 8.34 0.48 3.21
CA THR B 5 7.23 0.81 2.32
C THR B 5 6.20 -0.33 2.18
N LEU B 6 6.21 -1.07 1.08
CA LEU B 6 5.25 -2.14 0.90
C LEU B 6 5.75 -3.41 1.57
N ALA B 7 7.06 -3.53 1.70
CA ALA B 7 7.60 -4.71 2.34
C ALA B 7 7.04 -4.87 3.74
N ASP B 8 6.93 -3.77 4.48
CA ASP B 8 6.39 -3.86 5.83
C ASP B 8 4.87 -3.82 5.83
N ILE B 9 4.30 -2.92 5.04
CA ILE B 9 2.84 -2.79 4.99
C ILE B 9 2.14 -4.07 4.54
N LYS B 10 2.56 -4.61 3.41
CA LYS B 10 1.92 -5.82 2.88
C LYS B 10 2.37 -7.07 3.60
N ALA B 11 3.66 -7.21 3.86
CA ALA B 11 4.13 -8.42 4.53
C ALA B 11 3.53 -8.53 5.92
N LYS B 12 3.51 -7.42 6.67
CA LYS B 12 2.94 -7.45 8.00
C LYS B 12 1.45 -7.72 7.91
N ALA B 13 0.83 -7.25 6.82
CA ALA B 13 -0.58 -7.48 6.62
C ALA B 13 -0.85 -8.97 6.60
N GLN B 14 0.06 -9.72 6.00
CA GLN B 14 -0.08 -11.16 5.93
C GLN B 14 0.09 -11.78 7.30
N LEU B 15 0.91 -11.13 8.10
CA LEU B 15 1.15 -11.64 9.44
C LEU B 15 -0.10 -11.50 10.28
N VAL B 16 -0.67 -10.31 10.26
CA VAL B 16 -1.90 -10.06 11.05
C VAL B 16 -3.10 -10.74 10.41
N LYS B 17 -3.10 -10.87 9.09
CA LYS B 17 -4.20 -11.53 8.39
C LYS B 17 -4.17 -13.03 8.63
N ALA B 18 -3.05 -13.63 8.27
CA ALA B 18 -2.86 -15.07 8.43
C ALA B 18 -2.89 -15.48 9.89
N GLN B 19 -2.59 -14.54 10.77
CA GLN B 19 -2.59 -14.82 12.20
C GLN B 19 -3.90 -15.48 12.63
ZN ZN C . -8.99 -2.55 11.36
ZN ZN D . -8.55 -3.10 -2.68
ZN ZN E . 5.96 -4.68 -12.38
ZN ZN F . 4.60 10.47 -3.74
N GLY A 3 -23.54 -1.90 3.58
CA GLY A 3 -22.44 -1.54 2.68
C GLY A 3 -21.28 -0.94 3.46
N SER A 4 -21.17 -1.31 4.73
CA SER A 4 -20.09 -0.80 5.57
C SER A 4 -18.73 -1.23 5.02
N ALA A 5 -18.66 -2.48 4.56
CA ALA A 5 -17.41 -3.01 4.01
C ALA A 5 -16.36 -3.18 5.10
N ARG A 6 -16.69 -4.03 6.06
CA ARG A 6 -15.81 -4.31 7.19
C ARG A 6 -14.34 -4.35 6.78
N CYS A 7 -13.46 -4.02 7.72
CA CYS A 7 -12.03 -4.00 7.45
C CYS A 7 -11.50 -5.35 7.06
N ALA A 8 -10.67 -5.36 6.01
CA ALA A 8 -10.06 -6.60 5.54
C ALA A 8 -9.12 -7.19 6.59
N VAL A 9 -8.36 -6.33 7.25
CA VAL A 9 -7.41 -6.79 8.27
C VAL A 9 -7.63 -6.06 9.60
N CYS A 10 -7.96 -6.87 10.63
CA CYS A 10 -8.21 -6.45 12.02
C CYS A 10 -9.70 -6.52 12.36
N GLU A 11 -10.55 -6.23 11.37
CA GLU A 11 -11.99 -6.30 11.58
C GLU A 11 -12.43 -5.34 12.69
N GLY A 12 -13.15 -4.29 12.30
CA GLY A 12 -13.63 -3.31 13.26
C GLY A 12 -14.54 -2.29 12.59
N PRO A 13 -15.82 -2.55 12.50
CA PRO A 13 -16.80 -1.63 11.86
C PRO A 13 -16.66 -0.20 12.39
N GLY A 14 -16.61 0.76 11.48
CA GLY A 14 -16.48 2.16 11.86
C GLY A 14 -17.41 3.03 11.03
N GLU A 15 -16.84 4.04 10.37
CA GLU A 15 -17.63 4.94 9.54
C GLU A 15 -17.06 4.99 8.13
N LEU A 16 -17.94 5.15 7.15
CA LEU A 16 -17.50 5.21 5.76
C LEU A 16 -17.24 6.64 5.33
N CYS A 17 -15.98 7.07 5.48
CA CYS A 17 -15.59 8.43 5.11
C CYS A 17 -14.13 8.68 5.47
N ASP A 18 -13.71 8.14 6.60
CA ASP A 18 -12.32 8.31 7.06
C ASP A 18 -11.53 7.01 6.92
N LEU A 19 -12.01 6.11 6.07
CA LEU A 19 -11.32 4.84 5.85
C LEU A 19 -11.00 4.68 4.37
N PHE A 20 -9.92 3.97 4.08
CA PHE A 20 -9.53 3.76 2.70
C PHE A 20 -10.38 2.66 2.10
N PHE A 21 -11.16 3.01 1.07
CA PHE A 21 -12.05 2.07 0.43
C PHE A 21 -11.52 1.66 -0.96
N CYS A 22 -11.18 0.37 -1.12
CA CYS A 22 -10.67 -0.10 -2.40
C CYS A 22 -11.76 -0.01 -3.47
N THR A 23 -11.39 0.50 -4.64
CA THR A 23 -12.34 0.67 -5.74
C THR A 23 -12.74 -0.67 -6.39
N SER A 24 -11.90 -1.68 -6.25
CA SER A 24 -12.20 -2.98 -6.86
C SER A 24 -12.62 -4.03 -5.83
N CYS A 25 -11.80 -4.22 -4.81
CA CYS A 25 -12.09 -5.21 -3.78
C CYS A 25 -13.41 -4.92 -3.09
N GLY A 26 -13.67 -3.64 -2.82
CA GLY A 26 -14.92 -3.26 -2.17
C GLY A 26 -14.79 -3.21 -0.64
N HIS A 27 -13.65 -3.68 -0.13
CA HIS A 27 -13.43 -3.67 1.32
C HIS A 27 -12.53 -2.50 1.71
N HIS A 28 -12.79 -1.90 2.88
CA HIS A 28 -11.97 -0.79 3.33
C HIS A 28 -11.05 -1.22 4.46
N TYR A 29 -10.33 -0.26 5.06
CA TYR A 29 -9.42 -0.59 6.15
C TYR A 29 -9.00 0.66 6.92
N HIS A 30 -8.52 0.46 8.15
CA HIS A 30 -8.08 1.57 9.00
C HIS A 30 -6.61 1.82 8.79
N GLY A 31 -6.19 3.06 9.02
CA GLY A 31 -4.80 3.42 8.88
C GLY A 31 -3.92 2.72 9.92
N ALA A 32 -4.43 2.63 11.14
CA ALA A 32 -3.67 2.00 12.23
C ALA A 32 -3.44 0.51 12.00
N CYS A 33 -4.45 -0.21 11.54
CA CYS A 33 -4.33 -1.65 11.32
C CYS A 33 -3.46 -2.00 10.12
N LEU A 34 -3.35 -1.10 9.15
CA LEU A 34 -2.56 -1.38 7.96
C LEU A 34 -1.45 -0.35 7.75
N ASP A 35 -1.12 0.40 8.79
CA ASP A 35 -0.04 1.39 8.70
C ASP A 35 -0.20 2.28 7.47
N THR A 36 -1.38 2.86 7.31
CA THR A 36 -1.65 3.72 6.17
C THR A 36 -2.03 5.13 6.63
N ALA A 37 -1.33 6.13 6.09
CA ALA A 37 -1.60 7.52 6.44
C ALA A 37 -2.96 7.96 5.93
N LEU A 38 -3.63 8.84 6.67
CA LEU A 38 -4.94 9.31 6.26
C LEU A 38 -4.84 10.69 5.60
N THR A 39 -4.91 10.71 4.28
CA THR A 39 -4.83 11.96 3.53
C THR A 39 -5.87 11.97 2.41
N ALA A 40 -6.50 13.13 2.18
CA ALA A 40 -7.52 13.23 1.15
C ALA A 40 -6.93 12.90 -0.23
N ARG A 41 -5.76 13.46 -0.52
CA ARG A 41 -5.10 13.20 -1.80
C ARG A 41 -4.76 11.73 -1.94
N LYS A 42 -4.20 11.15 -0.88
CA LYS A 42 -3.82 9.75 -0.89
C LYS A 42 -5.04 8.85 -1.08
N ARG A 43 -6.13 9.16 -0.38
CA ARG A 43 -7.35 8.38 -0.48
C ARG A 43 -7.71 8.11 -1.94
N ALA A 44 -7.32 9.02 -2.83
CA ALA A 44 -7.60 8.86 -4.25
C ALA A 44 -6.50 8.05 -4.92
N GLY A 45 -6.89 6.97 -5.60
CA GLY A 45 -5.91 6.12 -6.28
C GLY A 45 -5.17 5.23 -5.29
N TRP A 46 -5.70 5.09 -4.09
CA TRP A 46 -5.06 4.27 -3.06
C TRP A 46 -5.91 3.04 -2.76
N GLN A 47 -5.43 1.88 -3.21
CA GLN A 47 -6.13 0.62 -2.98
C GLN A 47 -5.33 -0.24 -2.01
N CYS A 48 -6.00 -1.17 -1.35
CA CYS A 48 -5.30 -2.03 -0.40
C CYS A 48 -4.07 -2.66 -1.06
N PRO A 49 -3.06 -2.95 -0.29
CA PRO A 49 -1.80 -3.57 -0.82
C PRO A 49 -2.01 -5.00 -1.29
N GLU A 50 -3.06 -5.63 -0.76
CA GLU A 50 -3.37 -7.01 -1.10
C GLU A 50 -3.76 -7.16 -2.58
N CYS A 51 -4.21 -6.06 -3.19
CA CYS A 51 -4.62 -6.12 -4.60
C CYS A 51 -3.86 -5.09 -5.46
N LYS A 52 -2.94 -4.35 -4.85
CA LYS A 52 -2.18 -3.36 -5.61
C LYS A 52 -1.56 -3.99 -6.85
N VAL A 53 -1.45 -3.20 -7.91
CA VAL A 53 -0.87 -3.67 -9.15
C VAL A 53 0.27 -2.76 -9.57
N CYS A 54 1.26 -3.33 -10.22
CA CYS A 54 2.37 -2.53 -10.70
C CYS A 54 1.87 -1.56 -11.75
N GLN A 55 2.40 -0.34 -11.74
CA GLN A 55 1.99 0.65 -12.73
C GLN A 55 2.84 0.52 -14.00
N ALA A 56 3.34 -0.69 -14.23
CA ALA A 56 4.16 -0.96 -15.40
C ALA A 56 3.73 -2.25 -16.09
N CYS A 57 3.47 -3.29 -15.29
CA CYS A 57 3.05 -4.57 -15.84
C CYS A 57 1.69 -5.02 -15.32
N ARG A 58 1.13 -4.30 -14.35
CA ARG A 58 -0.18 -4.64 -13.81
C ARG A 58 -0.18 -6.02 -13.16
N LYS A 59 0.81 -6.27 -12.30
CA LYS A 59 0.92 -7.56 -11.62
C LYS A 59 1.19 -7.34 -10.12
N PRO A 60 0.42 -7.95 -9.23
CA PRO A 60 0.62 -7.79 -7.77
C PRO A 60 1.78 -8.62 -7.22
N GLY A 61 1.89 -8.66 -5.90
CA GLY A 61 2.96 -9.44 -5.27
C GLY A 61 4.25 -8.63 -5.24
N ASN A 62 5.35 -9.32 -4.91
CA ASN A 62 6.64 -8.66 -4.85
C ASN A 62 6.60 -7.46 -3.90
N ASP A 63 5.96 -7.65 -2.75
CA ASP A 63 5.83 -6.57 -1.76
C ASP A 63 7.21 -6.14 -1.27
N SER A 64 8.09 -7.09 -1.00
CA SER A 64 9.43 -6.77 -0.53
C SER A 64 10.25 -6.15 -1.66
N LYS A 65 9.85 -6.43 -2.89
CA LYS A 65 10.54 -5.88 -4.05
C LYS A 65 9.74 -4.74 -4.67
N MET A 66 8.67 -4.31 -3.99
CA MET A 66 7.86 -3.21 -4.51
C MET A 66 7.99 -1.97 -3.63
N LEU A 67 8.24 -0.83 -4.27
CA LEU A 67 8.37 0.42 -3.54
C LEU A 67 7.03 1.17 -3.60
N VAL A 68 6.50 1.55 -2.44
CA VAL A 68 5.23 2.27 -2.41
C VAL A 68 5.42 3.74 -2.08
N CYS A 69 4.69 4.57 -2.80
CA CYS A 69 4.76 6.01 -2.59
C CYS A 69 4.02 6.34 -1.28
N GLU A 70 4.76 6.84 -0.28
CA GLU A 70 4.17 7.13 1.02
C GLU A 70 3.08 8.21 0.95
N THR A 71 3.32 9.28 0.18
CA THR A 71 2.34 10.36 0.05
C THR A 71 1.89 10.51 -1.41
N CYS A 72 1.69 9.39 -2.11
CA CYS A 72 1.33 9.46 -3.52
C CYS A 72 0.47 8.26 -3.97
N ASP A 73 0.23 7.30 -3.04
CA ASP A 73 -0.55 6.10 -3.34
C ASP A 73 -0.20 5.51 -4.71
N LYS A 74 0.97 4.86 -4.80
CA LYS A 74 1.41 4.26 -6.05
C LYS A 74 2.40 3.13 -5.80
N GLY A 75 2.37 2.10 -6.65
CA GLY A 75 3.27 0.96 -6.49
C GLY A 75 4.32 0.91 -7.60
N TYR A 76 5.55 0.58 -7.24
CA TYR A 76 6.64 0.51 -8.21
C TYR A 76 7.43 -0.81 -8.07
N HIS A 77 7.72 -1.43 -9.21
CA HIS A 77 8.47 -2.70 -9.22
C HIS A 77 9.96 -2.43 -9.41
N THR A 78 10.78 -2.95 -8.51
CA THR A 78 12.24 -2.75 -8.58
C THR A 78 12.85 -3.25 -9.87
N PHE A 79 12.09 -4.01 -10.65
CA PHE A 79 12.60 -4.54 -11.91
C PHE A 79 11.86 -3.96 -13.11
N CYS A 80 10.98 -2.98 -12.88
CA CYS A 80 10.26 -2.39 -13.98
C CYS A 80 9.47 -1.15 -13.53
N LEU A 81 10.06 -0.35 -12.65
CA LEU A 81 9.41 0.87 -12.20
C LEU A 81 9.76 1.99 -13.18
N LYS A 82 9.31 3.23 -12.92
CA LYS A 82 9.62 4.30 -13.88
C LYS A 82 11.13 4.29 -14.16
N PRO A 83 12.00 4.71 -13.25
CA PRO A 83 13.46 4.58 -13.48
C PRO A 83 13.90 3.21 -12.95
N PRO A 84 14.13 2.22 -13.78
CA PRO A 84 14.50 0.88 -13.28
C PRO A 84 15.80 0.91 -12.50
N MET A 85 15.76 0.35 -11.30
CA MET A 85 16.92 0.33 -10.43
C MET A 85 17.69 -0.98 -10.54
N GLU A 86 16.97 -2.05 -10.86
CA GLU A 86 17.59 -3.38 -10.97
C GLU A 86 18.21 -3.81 -9.63
N GLU A 87 17.91 -3.06 -8.58
CA GLU A 87 18.43 -3.37 -7.25
C GLU A 87 17.44 -2.86 -6.22
N LEU A 88 17.55 -3.33 -4.98
CA LEU A 88 16.64 -2.87 -3.94
C LEU A 88 17.30 -1.81 -3.07
N PRO A 89 16.86 -0.57 -3.10
CA PRO A 89 17.46 0.52 -2.26
C PRO A 89 17.41 0.21 -0.77
N ALA A 90 18.43 0.65 -0.05
CA ALA A 90 18.47 0.42 1.40
C ALA A 90 17.27 1.12 2.04
N HIS A 91 16.94 2.30 1.53
CA HIS A 91 15.81 3.06 2.04
C HIS A 91 14.63 2.92 1.08
N SER A 92 13.59 3.72 1.29
CA SER A 92 12.42 3.65 0.41
C SER A 92 12.53 4.69 -0.70
N TRP A 93 12.21 4.26 -1.92
CA TRP A 93 12.28 5.16 -3.07
C TRP A 93 10.92 5.76 -3.39
N LYS A 94 10.87 7.09 -3.44
CA LYS A 94 9.62 7.80 -3.73
C LYS A 94 9.88 9.30 -3.85
N CYS A 95 8.86 10.06 -4.24
CA CYS A 95 8.98 11.52 -4.39
C CYS A 95 9.72 12.13 -3.20
N LYS A 96 10.19 13.36 -3.35
CA LYS A 96 10.90 14.03 -2.27
C LYS A 96 9.97 14.23 -1.07
N ALA A 97 8.78 14.78 -1.34
CA ALA A 97 7.80 15.01 -0.29
C ALA A 97 7.36 13.68 0.29
N CYS A 98 7.22 12.69 -0.58
CA CYS A 98 6.81 11.35 -0.15
C CYS A 98 7.91 10.70 0.68
N ARG A 99 9.15 11.01 0.33
CA ARG A 99 10.30 10.45 1.03
C ARG A 99 10.24 10.80 2.50
N VAL A 100 9.91 12.05 2.79
CA VAL A 100 9.81 12.49 4.17
C VAL A 100 8.39 12.28 4.70
N THR B 1 15.82 3.86 5.32
CA THR B 1 15.27 3.32 6.55
C THR B 1 14.71 1.91 6.33
N GLY B 2 15.16 1.26 5.26
CA GLY B 2 14.70 -0.09 4.94
C GLY B 2 13.52 -0.04 3.98
N ALA B 3 13.24 -1.15 3.30
CA ALA B 3 12.12 -1.19 2.37
C ALA B 3 10.84 -1.64 3.08
N ARG B 4 10.73 -1.24 4.35
CA ARG B 4 9.56 -1.56 5.15
C ARG B 4 8.30 -1.05 4.47
N THR B 5 8.47 -0.13 3.51
CA THR B 5 7.36 0.45 2.76
C THR B 5 6.24 -0.57 2.52
N LEU B 6 6.22 -1.23 1.36
CA LEU B 6 5.19 -2.21 1.13
C LEU B 6 5.60 -3.53 1.76
N ALA B 7 6.92 -3.74 1.89
CA ALA B 7 7.40 -4.97 2.48
C ALA B 7 6.82 -5.16 3.87
N ASP B 8 6.89 -4.14 4.71
CA ASP B 8 6.35 -4.27 6.06
C ASP B 8 4.83 -4.14 6.08
N ILE B 9 4.30 -3.19 5.32
CA ILE B 9 2.86 -2.95 5.29
C ILE B 9 2.05 -4.16 4.78
N LYS B 10 2.42 -4.67 3.62
CA LYS B 10 1.69 -5.80 3.03
C LYS B 10 2.06 -7.11 3.69
N ALA B 11 3.34 -7.37 3.88
CA ALA B 11 3.77 -8.61 4.48
C ALA B 11 3.21 -8.77 5.89
N LYS B 12 3.21 -7.69 6.68
CA LYS B 12 2.66 -7.79 8.03
C LYS B 12 1.17 -8.04 7.95
N ALA B 13 0.55 -7.47 6.91
CA ALA B 13 -0.88 -7.64 6.70
C ALA B 13 -1.20 -9.12 6.59
N GLN B 14 -0.30 -9.86 5.96
CA GLN B 14 -0.48 -11.30 5.77
C GLN B 14 -0.35 -12.03 7.07
N LEU B 15 0.57 -11.57 7.89
CA LEU B 15 0.78 -12.20 9.18
C LEU B 15 -0.48 -12.08 10.01
N VAL B 16 -0.99 -10.85 10.09
CA VAL B 16 -2.19 -10.58 10.86
C VAL B 16 -3.45 -11.16 10.20
N LYS B 17 -3.50 -11.11 8.87
CA LYS B 17 -4.64 -11.63 8.12
C LYS B 17 -4.72 -13.14 8.21
N ALA B 18 -3.63 -13.79 7.82
CA ALA B 18 -3.56 -15.23 7.84
C ALA B 18 -3.69 -15.77 9.25
N GLN B 19 -3.30 -14.95 10.21
CA GLN B 19 -3.38 -15.35 11.62
C GLN B 19 -4.84 -15.53 12.05
ZN ZN C . -8.76 -2.35 10.08
ZN ZN D . -8.13 -3.93 -3.36
ZN ZN E . 5.97 -4.33 -12.38
ZN ZN F . 4.90 10.32 -4.43
N GLY A 3 -23.10 -3.15 5.39
CA GLY A 3 -22.35 -2.20 4.57
C GLY A 3 -21.27 -1.51 5.39
N SER A 4 -20.87 -2.13 6.50
CA SER A 4 -19.84 -1.56 7.34
C SER A 4 -18.52 -1.46 6.59
N ALA A 5 -18.26 -2.43 5.72
CA ALA A 5 -17.02 -2.43 4.95
C ALA A 5 -15.82 -2.26 5.89
N ARG A 6 -16.00 -2.74 7.13
CA ARG A 6 -15.00 -2.67 8.19
C ARG A 6 -13.60 -3.06 7.75
N CYS A 7 -12.68 -2.99 8.70
CA CYS A 7 -11.29 -3.36 8.46
C CYS A 7 -11.24 -4.72 7.77
N ALA A 8 -10.45 -4.83 6.69
CA ALA A 8 -10.35 -6.09 5.95
C ALA A 8 -9.26 -7.01 6.49
N VAL A 9 -8.22 -6.46 7.10
CA VAL A 9 -7.12 -7.29 7.61
C VAL A 9 -7.26 -7.56 9.11
N CYS A 10 -8.19 -6.91 9.77
CA CYS A 10 -8.38 -7.10 11.21
C CYS A 10 -9.72 -7.74 11.51
N GLU A 11 -10.69 -7.55 10.59
CA GLU A 11 -12.04 -8.13 10.73
C GLU A 11 -12.88 -7.39 11.79
N GLY A 12 -12.25 -6.62 12.68
CA GLY A 12 -13.00 -5.89 13.71
C GLY A 12 -13.80 -4.76 13.07
N PRO A 13 -14.68 -4.16 13.81
CA PRO A 13 -15.54 -3.05 13.32
C PRO A 13 -14.77 -1.75 13.09
N GLY A 14 -15.29 -0.90 12.20
CA GLY A 14 -14.65 0.37 11.88
C GLY A 14 -15.70 1.43 11.58
N GLU A 15 -15.24 2.60 11.13
CA GLU A 15 -16.15 3.70 10.81
C GLU A 15 -16.07 4.05 9.33
N LEU A 16 -17.21 4.41 8.75
CA LEU A 16 -17.26 4.77 7.33
C LEU A 16 -17.20 6.29 7.17
N CYS A 17 -15.98 6.81 7.03
CA CYS A 17 -15.79 8.26 6.85
C CYS A 17 -14.31 8.62 6.88
N ASP A 18 -13.59 8.03 7.83
CA ASP A 18 -12.17 8.31 7.99
C ASP A 18 -11.31 7.16 7.47
N LEU A 19 -11.83 6.45 6.47
CA LEU A 19 -11.10 5.32 5.90
C LEU A 19 -11.07 5.42 4.37
N PHE A 20 -10.01 4.88 3.77
CA PHE A 20 -9.85 4.91 2.31
C PHE A 20 -10.83 3.95 1.66
N PHE A 21 -11.46 4.37 0.57
CA PHE A 21 -12.42 3.49 -0.11
C PHE A 21 -11.84 3.01 -1.45
N CYS A 22 -11.60 1.70 -1.58
CA CYS A 22 -11.06 1.16 -2.82
C CYS A 22 -12.05 1.41 -3.96
N THR A 23 -11.51 1.68 -5.14
CA THR A 23 -12.33 1.97 -6.29
C THR A 23 -12.82 0.70 -7.00
N SER A 24 -12.49 -0.48 -6.45
CA SER A 24 -12.92 -1.72 -7.09
C SER A 24 -13.36 -2.79 -6.08
N CYS A 25 -12.62 -2.93 -4.99
CA CYS A 25 -12.95 -3.94 -3.98
C CYS A 25 -14.33 -3.71 -3.37
N GLY A 26 -14.66 -2.45 -3.10
CA GLY A 26 -15.95 -2.14 -2.51
C GLY A 26 -15.84 -1.92 -1.00
N HIS A 27 -14.75 -2.41 -0.42
CA HIS A 27 -14.53 -2.24 1.02
C HIS A 27 -13.56 -1.08 1.25
N HIS A 28 -13.41 -0.67 2.52
CA HIS A 28 -12.51 0.44 2.81
C HIS A 28 -11.31 -0.03 3.62
N TYR A 29 -10.19 0.65 3.46
CA TYR A 29 -8.97 0.29 4.16
C TYR A 29 -8.63 1.26 5.28
N HIS A 30 -7.72 0.81 6.13
CA HIS A 30 -7.32 1.57 7.30
C HIS A 30 -5.83 1.86 7.31
N GLY A 31 -5.47 3.02 7.86
CA GLY A 31 -4.08 3.43 7.93
C GLY A 31 -3.39 2.95 9.22
N ALA A 32 -4.16 2.58 10.23
CA ALA A 32 -3.57 2.14 11.51
C ALA A 32 -3.30 0.62 11.56
N CYS A 33 -4.33 -0.18 11.34
CA CYS A 33 -4.19 -1.64 11.40
C CYS A 33 -3.44 -2.19 10.19
N LEU A 34 -3.26 -1.39 9.14
CA LEU A 34 -2.57 -1.86 7.96
C LEU A 34 -1.33 -1.00 7.64
N ASP A 35 -1.34 0.26 8.09
CA ASP A 35 -0.23 1.21 7.85
C ASP A 35 -0.38 1.90 6.50
N THR A 36 -0.90 3.12 6.52
CA THR A 36 -1.08 3.88 5.30
C THR A 36 -1.09 5.38 5.60
N ALA A 37 -0.30 6.14 4.85
CA ALA A 37 -0.24 7.58 5.06
C ALA A 37 -1.60 8.20 4.79
N LEU A 38 -2.00 9.17 5.62
CA LEU A 38 -3.29 9.82 5.46
C LEU A 38 -3.14 11.15 4.72
N THR A 39 -3.60 11.19 3.48
CA THR A 39 -3.52 12.40 2.67
C THR A 39 -4.82 12.58 1.89
N ALA A 40 -5.05 13.80 1.39
CA ALA A 40 -6.26 14.07 0.63
C ALA A 40 -6.30 13.19 -0.62
N ARG A 41 -5.16 13.09 -1.31
CA ARG A 41 -5.08 12.27 -2.52
C ARG A 41 -5.32 10.81 -2.19
N LYS A 42 -4.71 10.33 -1.11
CA LYS A 42 -4.86 8.95 -0.69
C LYS A 42 -6.31 8.63 -0.40
N ARG A 43 -7.00 9.58 0.23
CA ARG A 43 -8.42 9.39 0.58
C ARG A 43 -9.28 9.23 -0.66
N ALA A 44 -8.72 9.56 -1.83
CA ALA A 44 -9.46 9.43 -3.07
C ALA A 44 -9.90 7.99 -3.26
N GLY A 45 -9.03 7.06 -2.88
CA GLY A 45 -9.33 5.64 -3.00
C GLY A 45 -8.21 4.89 -3.71
N TRP A 46 -7.10 4.67 -3.00
CA TRP A 46 -5.98 3.96 -3.59
C TRP A 46 -6.20 2.46 -3.56
N GLN A 47 -5.69 1.78 -4.59
CA GLN A 47 -5.86 0.34 -4.71
C GLN A 47 -5.13 -0.38 -3.57
N CYS A 48 -5.89 -0.80 -2.57
CA CYS A 48 -5.31 -1.50 -1.43
C CYS A 48 -4.37 -2.62 -1.90
N PRO A 49 -3.49 -3.07 -1.04
CA PRO A 49 -2.53 -4.16 -1.37
C PRO A 49 -3.22 -5.42 -1.88
N GLU A 50 -4.37 -5.75 -1.30
CA GLU A 50 -5.10 -6.95 -1.71
C GLU A 50 -5.48 -6.90 -3.19
N CYS A 51 -5.35 -5.73 -3.83
CA CYS A 51 -5.70 -5.62 -5.24
C CYS A 51 -4.77 -4.66 -5.99
N LYS A 52 -3.58 -4.48 -5.45
CA LYS A 52 -2.60 -3.58 -6.05
C LYS A 52 -2.02 -4.18 -7.34
N VAL A 53 -1.42 -3.32 -8.15
CA VAL A 53 -0.79 -3.75 -9.40
C VAL A 53 0.51 -2.99 -9.62
N CYS A 54 1.36 -3.55 -10.47
CA CYS A 54 2.64 -2.91 -10.78
C CYS A 54 2.47 -1.93 -11.93
N GLN A 55 2.99 -0.72 -11.77
CA GLN A 55 2.89 0.28 -12.82
C GLN A 55 3.93 0.02 -13.91
N ALA A 56 3.89 -1.18 -14.46
CA ALA A 56 4.82 -1.58 -15.50
C ALA A 56 4.38 -2.88 -16.16
N CYS A 57 4.00 -3.87 -15.35
CA CYS A 57 3.57 -5.16 -15.87
C CYS A 57 2.25 -5.60 -15.25
N ARG A 58 1.69 -4.78 -14.35
CA ARG A 58 0.40 -5.10 -13.71
C ARG A 58 0.46 -6.40 -12.90
N LYS A 59 1.66 -6.95 -12.70
CA LYS A 59 1.79 -8.18 -11.94
C LYS A 59 2.04 -7.86 -10.45
N PRO A 60 1.11 -8.18 -9.56
CA PRO A 60 1.29 -7.89 -8.10
C PRO A 60 2.29 -8.83 -7.44
N GLY A 61 2.39 -8.73 -6.12
CA GLY A 61 3.30 -9.57 -5.36
C GLY A 61 4.65 -8.88 -5.20
N ASN A 62 5.64 -9.60 -4.69
CA ASN A 62 6.95 -9.02 -4.51
C ASN A 62 6.86 -7.75 -3.67
N ASP A 63 6.13 -7.84 -2.56
CA ASP A 63 5.94 -6.69 -1.67
C ASP A 63 7.28 -6.14 -1.18
N SER A 64 8.20 -7.02 -0.80
CA SER A 64 9.49 -6.59 -0.31
C SER A 64 10.33 -5.99 -1.42
N LYS A 65 10.01 -6.35 -2.67
CA LYS A 65 10.74 -5.81 -3.80
C LYS A 65 9.89 -4.80 -4.58
N MET A 66 8.72 -4.45 -4.03
CA MET A 66 7.86 -3.48 -4.68
C MET A 66 7.80 -2.21 -3.85
N LEU A 67 8.02 -1.06 -4.50
CA LEU A 67 8.00 0.22 -3.81
C LEU A 67 6.64 0.89 -3.99
N VAL A 68 5.95 1.16 -2.89
CA VAL A 68 4.64 1.81 -2.94
C VAL A 68 4.72 3.24 -2.40
N CYS A 69 4.42 4.21 -3.25
CA CYS A 69 4.47 5.61 -2.84
C CYS A 69 3.56 5.86 -1.63
N GLU A 70 4.12 6.53 -0.62
CA GLU A 70 3.40 6.83 0.61
C GLU A 70 2.33 7.92 0.41
N THR A 71 2.64 8.94 -0.38
CA THR A 71 1.69 10.03 -0.59
C THR A 71 0.80 9.76 -1.81
N CYS A 72 1.42 9.52 -2.96
CA CYS A 72 0.68 9.24 -4.18
C CYS A 72 0.81 7.77 -4.54
N ASP A 73 -0.12 6.96 -4.02
CA ASP A 73 -0.12 5.52 -4.26
C ASP A 73 0.29 5.15 -5.68
N LYS A 74 1.23 4.24 -5.78
CA LYS A 74 1.72 3.76 -7.06
C LYS A 74 2.63 2.55 -6.85
N GLY A 75 2.36 1.48 -7.59
CA GLY A 75 3.16 0.26 -7.46
C GLY A 75 4.36 0.31 -8.39
N TYR A 76 5.54 0.10 -7.82
CA TYR A 76 6.77 0.11 -8.61
C TYR A 76 7.59 -1.14 -8.34
N HIS A 77 7.98 -1.81 -9.42
CA HIS A 77 8.78 -3.02 -9.31
C HIS A 77 10.27 -2.68 -9.41
N THR A 78 11.05 -3.15 -8.44
CA THR A 78 12.49 -2.87 -8.42
C THR A 78 13.20 -3.33 -9.69
N PHE A 79 12.55 -4.16 -10.48
CA PHE A 79 13.15 -4.65 -11.72
C PHE A 79 12.41 -4.15 -12.95
N CYS A 80 11.50 -3.21 -12.76
CA CYS A 80 10.76 -2.68 -13.91
C CYS A 80 9.93 -1.45 -13.53
N LEU A 81 10.45 -0.63 -12.60
CA LEU A 81 9.75 0.59 -12.21
C LEU A 81 10.17 1.70 -13.17
N LYS A 82 9.55 2.89 -13.08
CA LYS A 82 9.92 3.97 -14.01
C LYS A 82 11.44 4.09 -14.05
N PRO A 83 12.11 4.52 -13.00
CA PRO A 83 13.59 4.51 -12.97
C PRO A 83 14.04 3.16 -12.41
N PRO A 84 14.44 2.22 -13.22
CA PRO A 84 14.82 0.87 -12.71
C PRO A 84 15.99 0.94 -11.73
N MET A 85 15.93 0.12 -10.70
CA MET A 85 16.98 0.10 -9.68
C MET A 85 17.76 -1.22 -9.74
N GLU A 86 19.07 -1.16 -9.48
CA GLU A 86 19.90 -2.37 -9.51
C GLU A 86 19.52 -3.32 -8.37
N GLU A 87 19.21 -2.75 -7.21
CA GLU A 87 18.84 -3.58 -6.06
C GLU A 87 17.86 -2.85 -5.17
N LEU A 88 17.37 -3.55 -4.14
CA LEU A 88 16.42 -2.97 -3.21
C LEU A 88 17.11 -1.90 -2.34
N PRO A 89 16.77 -0.63 -2.48
CA PRO A 89 17.42 0.45 -1.67
C PRO A 89 17.22 0.28 -0.17
N ALA A 90 18.26 0.60 0.60
CA ALA A 90 18.18 0.49 2.05
C ALA A 90 17.12 1.43 2.60
N HIS A 91 17.05 2.63 2.01
CA HIS A 91 16.07 3.62 2.43
C HIS A 91 14.98 3.75 1.38
N SER A 92 13.97 4.57 1.67
CA SER A 92 12.88 4.76 0.73
C SER A 92 13.38 5.48 -0.53
N TRP A 93 12.66 5.31 -1.62
CA TRP A 93 13.05 5.95 -2.89
C TRP A 93 11.92 6.85 -3.39
N LYS A 94 10.70 6.55 -2.94
CA LYS A 94 9.51 7.31 -3.34
C LYS A 94 9.78 8.82 -3.37
N CYS A 95 8.87 9.56 -4.01
CA CYS A 95 9.00 11.02 -4.14
C CYS A 95 9.57 11.64 -2.87
N LYS A 96 10.21 12.80 -2.99
CA LYS A 96 10.79 13.45 -1.82
C LYS A 96 9.71 13.70 -0.77
N ALA A 97 8.57 14.22 -1.20
CA ALA A 97 7.48 14.48 -0.28
C ALA A 97 7.01 13.17 0.33
N CYS A 98 7.00 12.12 -0.47
CA CYS A 98 6.59 10.80 -0.01
C CYS A 98 7.56 10.28 1.05
N ARG A 99 8.84 10.54 0.83
CA ARG A 99 9.87 10.10 1.77
C ARG A 99 9.56 10.63 3.16
N VAL A 100 9.13 11.89 3.20
CA VAL A 100 8.80 12.52 4.46
C VAL A 100 7.29 12.52 4.68
N THR B 1 15.78 3.58 7.15
CA THR B 1 14.33 3.49 7.22
C THR B 1 13.86 2.12 6.76
N GLY B 2 14.56 1.54 5.80
CA GLY B 2 14.19 0.22 5.28
C GLY B 2 13.08 0.36 4.25
N ALA B 3 12.80 -0.72 3.52
CA ALA B 3 11.74 -0.69 2.52
C ALA B 3 10.42 -1.17 3.15
N ARG B 4 10.19 -0.70 4.38
CA ARG B 4 8.97 -1.03 5.10
C ARG B 4 7.75 -0.62 4.29
N THR B 5 7.96 0.26 3.31
CA THR B 5 6.89 0.74 2.44
C THR B 5 5.85 -0.35 2.15
N LEU B 6 5.97 -1.05 1.04
CA LEU B 6 5.02 -2.09 0.74
C LEU B 6 5.42 -3.35 1.49
N ALA B 7 6.72 -3.51 1.73
CA ALA B 7 7.19 -4.68 2.45
C ALA B 7 6.51 -4.81 3.81
N ASP B 8 6.52 -3.76 4.61
CA ASP B 8 5.88 -3.84 5.93
C ASP B 8 4.36 -3.78 5.80
N ILE B 9 3.87 -2.95 4.87
CA ILE B 9 2.43 -2.80 4.68
C ILE B 9 1.74 -4.12 4.30
N LYS B 10 2.05 -4.63 3.12
CA LYS B 10 1.40 -5.86 2.65
C LYS B 10 1.86 -7.11 3.41
N ALA B 11 3.16 -7.24 3.65
CA ALA B 11 3.63 -8.44 4.35
C ALA B 11 3.02 -8.57 5.73
N LYS B 12 3.04 -7.49 6.52
CA LYS B 12 2.46 -7.55 7.85
C LYS B 12 0.97 -7.82 7.74
N ALA B 13 0.38 -7.36 6.63
CA ALA B 13 -1.03 -7.55 6.41
C ALA B 13 -1.36 -9.03 6.40
N GLN B 14 -0.45 -9.80 5.85
CA GLN B 14 -0.61 -11.25 5.77
C GLN B 14 -0.49 -11.90 7.12
N LEU B 15 0.43 -11.38 7.92
CA LEU B 15 0.62 -11.93 9.24
C LEU B 15 -0.65 -11.72 10.06
N VAL B 16 -1.19 -10.52 9.97
CA VAL B 16 -2.40 -10.18 10.71
C VAL B 16 -3.65 -10.81 10.07
N LYS B 17 -3.67 -10.91 8.75
CA LYS B 17 -4.80 -11.50 8.05
C LYS B 17 -4.84 -13.01 8.30
N ALA B 18 -3.74 -13.65 8.00
CA ALA B 18 -3.61 -15.09 8.17
C ALA B 18 -3.77 -15.47 9.64
N GLN B 19 -3.43 -14.54 10.51
CA GLN B 19 -3.54 -14.77 11.95
C GLN B 19 -4.91 -15.35 12.30
ZN ZN C . -7.69 -2.29 10.53
ZN ZN D . -8.83 -2.86 -3.61
ZN ZN E . 6.49 -4.84 -12.47
ZN ZN F . 5.11 9.60 -4.50
N GLY A 3 -23.06 2.89 6.76
CA GLY A 3 -22.54 2.16 5.62
C GLY A 3 -21.25 1.42 5.98
N SER A 4 -21.30 0.09 5.89
CA SER A 4 -20.13 -0.73 6.21
C SER A 4 -19.80 -1.67 5.07
N ALA A 5 -18.51 -1.97 4.92
CA ALA A 5 -18.05 -2.86 3.85
C ALA A 5 -16.96 -3.79 4.38
N ARG A 6 -17.05 -4.11 5.68
CA ARG A 6 -16.09 -5.02 6.32
C ARG A 6 -14.66 -4.48 6.24
N CYS A 7 -13.83 -4.87 7.21
CA CYS A 7 -12.44 -4.46 7.23
C CYS A 7 -11.58 -5.56 6.58
N ALA A 8 -10.70 -5.16 5.66
CA ALA A 8 -9.86 -6.11 4.96
C ALA A 8 -9.02 -6.97 5.90
N VAL A 9 -8.39 -6.34 6.89
CA VAL A 9 -7.56 -7.09 7.82
C VAL A 9 -7.71 -6.54 9.24
N CYS A 10 -8.74 -7.06 9.95
CA CYS A 10 -9.03 -6.65 11.32
C CYS A 10 -10.43 -7.09 11.71
N GLU A 11 -11.31 -7.20 10.71
CA GLU A 11 -12.69 -7.61 10.94
C GLU A 11 -13.40 -6.63 11.87
N GLY A 12 -14.40 -5.92 11.35
CA GLY A 12 -15.14 -4.96 12.14
C GLY A 12 -15.80 -3.89 11.26
N PRO A 13 -17.11 -3.94 11.07
CA PRO A 13 -17.82 -2.93 10.23
C PRO A 13 -17.55 -1.50 10.70
N GLY A 14 -17.48 -0.57 9.77
CA GLY A 14 -17.21 0.83 10.11
C GLY A 14 -17.76 1.78 9.05
N GLU A 15 -17.39 3.05 9.16
CA GLU A 15 -17.85 4.06 8.21
C GLU A 15 -16.86 4.24 7.06
N LEU A 16 -17.35 4.06 5.84
CA LEU A 16 -16.50 4.20 4.65
C LEU A 16 -16.01 5.64 4.48
N CYS A 17 -16.82 6.60 4.92
CA CYS A 17 -16.48 8.00 4.82
C CYS A 17 -15.13 8.30 5.49
N ASP A 18 -14.93 7.76 6.67
CA ASP A 18 -13.68 7.99 7.40
C ASP A 18 -12.73 6.80 7.27
N LEU A 19 -13.00 5.90 6.31
CA LEU A 19 -12.17 4.73 6.12
C LEU A 19 -11.83 4.55 4.64
N PHE A 20 -10.69 3.90 4.36
CA PHE A 20 -10.29 3.68 2.98
C PHE A 20 -11.09 2.54 2.39
N PHE A 21 -11.47 2.66 1.13
CA PHE A 21 -12.29 1.66 0.48
C PHE A 21 -11.62 1.09 -0.77
N CYS A 22 -11.42 -0.24 -0.80
CA CYS A 22 -10.79 -0.88 -1.97
C CYS A 22 -11.46 -0.36 -3.24
N THR A 23 -10.69 0.38 -4.04
CA THR A 23 -11.21 0.96 -5.27
C THR A 23 -11.50 -0.08 -6.34
N SER A 24 -10.71 -1.15 -6.37
CA SER A 24 -10.90 -2.18 -7.39
C SER A 24 -11.57 -3.44 -6.83
N CYS A 25 -11.66 -3.54 -5.50
CA CYS A 25 -12.27 -4.74 -4.90
C CYS A 25 -13.68 -4.49 -4.39
N GLY A 26 -13.81 -3.68 -3.34
CA GLY A 26 -15.12 -3.39 -2.77
C GLY A 26 -15.10 -3.49 -1.23
N HIS A 27 -13.99 -3.96 -0.67
CA HIS A 27 -13.88 -4.08 0.78
C HIS A 27 -13.08 -2.92 1.35
N HIS A 28 -13.52 -2.40 2.49
CA HIS A 28 -12.83 -1.27 3.10
C HIS A 28 -11.85 -1.76 4.16
N TYR A 29 -11.06 -0.84 4.70
CA TYR A 29 -10.10 -1.18 5.74
C TYR A 29 -9.67 0.06 6.51
N HIS A 30 -9.21 -0.17 7.74
CA HIS A 30 -8.79 0.93 8.60
C HIS A 30 -7.31 1.21 8.42
N GLY A 31 -6.93 2.48 8.54
CA GLY A 31 -5.54 2.88 8.39
C GLY A 31 -4.67 2.22 9.45
N ALA A 32 -5.19 2.09 10.66
CA ALA A 32 -4.43 1.48 11.75
C ALA A 32 -4.07 0.04 11.43
N CYS A 33 -4.97 -0.68 10.78
CA CYS A 33 -4.72 -2.08 10.45
C CYS A 33 -3.53 -2.26 9.51
N LEU A 34 -3.42 -1.38 8.51
CA LEU A 34 -2.33 -1.50 7.52
C LEU A 34 -1.24 -0.46 7.75
N ASP A 35 -1.39 0.37 8.77
CA ASP A 35 -0.39 1.40 9.08
C ASP A 35 -0.35 2.50 8.01
N THR A 36 -1.51 3.10 7.74
CA THR A 36 -1.58 4.17 6.74
C THR A 36 -2.16 5.44 7.37
N ALA A 37 -1.46 6.56 7.18
CA ALA A 37 -1.92 7.83 7.74
C ALA A 37 -3.23 8.25 7.07
N LEU A 38 -4.11 8.89 7.84
CA LEU A 38 -5.39 9.32 7.31
C LEU A 38 -5.29 10.72 6.73
N THR A 39 -5.32 10.81 5.41
CA THR A 39 -5.24 12.11 4.72
C THR A 39 -6.18 12.15 3.52
N ALA A 40 -6.55 13.34 3.09
CA ALA A 40 -7.44 13.49 1.95
C ALA A 40 -6.81 12.94 0.68
N ARG A 41 -5.51 13.22 0.49
CA ARG A 41 -4.81 12.73 -0.68
C ARG A 41 -4.78 11.21 -0.72
N LYS A 42 -4.48 10.60 0.41
CA LYS A 42 -4.41 9.15 0.51
C LYS A 42 -5.78 8.52 0.24
N ARG A 43 -6.85 9.17 0.68
CA ARG A 43 -8.18 8.62 0.47
C ARG A 43 -8.42 8.40 -1.03
N ALA A 44 -7.94 9.33 -1.85
CA ALA A 44 -8.12 9.20 -3.29
C ALA A 44 -6.84 8.68 -3.94
N GLY A 45 -6.98 7.63 -4.75
CA GLY A 45 -5.84 7.05 -5.44
C GLY A 45 -5.33 5.78 -4.75
N TRP A 46 -5.75 5.57 -3.50
CA TRP A 46 -5.32 4.39 -2.77
C TRP A 46 -5.90 3.12 -3.37
N GLN A 47 -5.12 2.44 -4.22
CA GLN A 47 -5.59 1.21 -4.83
C GLN A 47 -5.23 0.03 -3.94
N CYS A 48 -5.74 0.09 -2.71
CA CYS A 48 -5.55 -0.98 -1.71
C CYS A 48 -4.06 -1.31 -1.47
N PRO A 49 -3.73 -1.80 -0.30
CA PRO A 49 -2.34 -2.21 0.02
C PRO A 49 -2.10 -3.67 -0.36
N GLU A 50 -2.93 -4.56 0.18
CA GLU A 50 -2.83 -5.99 -0.11
C GLU A 50 -3.30 -6.28 -1.53
N CYS A 51 -4.10 -5.36 -2.10
CA CYS A 51 -4.60 -5.54 -3.44
C CYS A 51 -3.91 -4.57 -4.40
N LYS A 52 -2.76 -4.03 -3.99
CA LYS A 52 -2.03 -3.08 -4.81
C LYS A 52 -1.49 -3.76 -6.06
N VAL A 53 -1.52 -3.04 -7.17
CA VAL A 53 -1.01 -3.59 -8.43
C VAL A 53 0.10 -2.73 -8.97
N CYS A 54 1.07 -3.37 -9.59
CA CYS A 54 2.18 -2.65 -10.18
C CYS A 54 1.67 -1.71 -11.25
N GLN A 55 2.28 -0.53 -11.34
CA GLN A 55 1.86 0.44 -12.34
C GLN A 55 2.58 0.19 -13.67
N ALA A 56 3.18 -1.00 -13.80
CA ALA A 56 3.88 -1.36 -15.02
C ALA A 56 3.27 -2.60 -15.66
N CYS A 57 2.94 -3.58 -14.82
CA CYS A 57 2.35 -4.83 -15.31
C CYS A 57 0.97 -5.09 -14.68
N ARG A 58 0.60 -4.31 -13.66
CA ARG A 58 -0.69 -4.48 -13.00
C ARG A 58 -0.83 -5.87 -12.39
N LYS A 59 0.15 -6.25 -11.57
CA LYS A 59 0.14 -7.54 -10.90
C LYS A 59 0.56 -7.37 -9.44
N PRO A 60 -0.13 -8.00 -8.50
CA PRO A 60 0.22 -7.88 -7.05
C PRO A 60 1.42 -8.72 -6.65
N GLY A 61 1.69 -8.78 -5.35
CA GLY A 61 2.80 -9.56 -4.84
C GLY A 61 4.09 -8.75 -4.88
N ASN A 62 5.21 -9.40 -4.62
CA ASN A 62 6.49 -8.72 -4.63
C ASN A 62 6.48 -7.53 -3.70
N ASP A 63 5.93 -7.71 -2.50
CA ASP A 63 5.86 -6.63 -1.53
C ASP A 63 7.25 -6.15 -1.13
N SER A 64 8.15 -7.09 -0.87
CA SER A 64 9.52 -6.73 -0.49
C SER A 64 10.28 -6.19 -1.70
N LYS A 65 9.82 -6.53 -2.89
CA LYS A 65 10.46 -6.06 -4.11
C LYS A 65 9.66 -4.92 -4.73
N MET A 66 8.62 -4.45 -4.03
CA MET A 66 7.81 -3.35 -4.56
C MET A 66 7.99 -2.10 -3.72
N LEU A 67 8.24 -0.97 -4.39
CA LEU A 67 8.43 0.29 -3.70
C LEU A 67 7.12 1.08 -3.74
N VAL A 68 6.64 1.49 -2.57
CA VAL A 68 5.40 2.26 -2.49
C VAL A 68 5.67 3.63 -1.89
N CYS A 69 5.23 4.68 -2.59
CA CYS A 69 5.43 6.03 -2.07
C CYS A 69 4.67 6.18 -0.76
N GLU A 70 5.34 6.73 0.24
CA GLU A 70 4.75 6.89 1.58
C GLU A 70 3.60 7.89 1.61
N THR A 71 3.76 9.03 0.94
CA THR A 71 2.71 10.04 0.93
C THR A 71 1.70 9.77 -0.17
N CYS A 72 2.21 9.52 -1.37
CA CYS A 72 1.36 9.23 -2.51
C CYS A 72 1.17 7.73 -2.65
N ASP A 73 0.11 7.33 -3.32
CA ASP A 73 -0.15 5.91 -3.54
C ASP A 73 0.34 5.52 -4.92
N LYS A 74 1.49 4.86 -4.98
CA LYS A 74 2.05 4.45 -6.25
C LYS A 74 2.89 3.19 -6.07
N GLY A 75 2.57 2.14 -6.83
CA GLY A 75 3.31 0.88 -6.74
C GLY A 75 4.37 0.78 -7.82
N TYR A 76 5.58 0.43 -7.41
CA TYR A 76 6.68 0.30 -8.35
C TYR A 76 7.42 -1.03 -8.16
N HIS A 77 7.65 -1.73 -9.27
CA HIS A 77 8.35 -3.02 -9.23
C HIS A 77 9.85 -2.82 -9.47
N THR A 78 10.67 -3.35 -8.58
CA THR A 78 12.13 -3.22 -8.70
C THR A 78 12.67 -3.82 -9.99
N PHE A 79 11.83 -4.54 -10.72
CA PHE A 79 12.25 -5.15 -11.98
C PHE A 79 11.48 -4.59 -13.17
N CYS A 80 10.67 -3.55 -12.94
CA CYS A 80 9.91 -2.96 -14.03
C CYS A 80 9.21 -1.67 -13.60
N LEU A 81 9.87 -0.90 -12.72
CA LEU A 81 9.31 0.38 -12.28
C LEU A 81 9.65 1.43 -13.34
N LYS A 82 9.15 2.66 -13.21
CA LYS A 82 9.45 3.67 -14.24
C LYS A 82 10.95 3.68 -14.50
N PRO A 83 11.79 4.03 -13.55
CA PRO A 83 13.25 3.92 -13.72
C PRO A 83 13.72 2.56 -13.18
N PRO A 84 13.80 1.53 -13.98
CA PRO A 84 14.19 0.18 -13.47
C PRO A 84 15.52 0.23 -12.74
N MET A 85 15.57 -0.40 -11.57
CA MET A 85 16.77 -0.41 -10.76
C MET A 85 17.46 -1.78 -10.82
N GLU A 86 18.80 -1.80 -10.76
CA GLU A 86 19.53 -3.05 -10.80
C GLU A 86 19.44 -3.78 -9.47
N GLU A 87 19.15 -3.02 -8.41
CA GLU A 87 19.04 -3.61 -7.08
C GLU A 87 17.99 -2.89 -6.26
N LEU A 88 17.67 -3.47 -5.10
CA LEU A 88 16.68 -2.89 -4.21
C LEU A 88 17.28 -1.72 -3.41
N PRO A 89 16.68 -0.55 -3.41
CA PRO A 89 17.22 0.62 -2.65
C PRO A 89 17.52 0.30 -1.20
N ALA A 90 18.65 0.78 -0.71
CA ALA A 90 19.03 0.56 0.68
C ALA A 90 18.36 1.59 1.60
N HIS A 91 17.63 2.54 1.01
CA HIS A 91 16.95 3.56 1.80
C HIS A 91 15.48 3.64 1.41
N SER A 92 15.18 4.38 0.33
CA SER A 92 13.80 4.51 -0.11
C SER A 92 13.74 4.95 -1.58
N TRP A 93 12.57 4.84 -2.17
CA TRP A 93 12.37 5.24 -3.56
C TRP A 93 10.96 5.83 -3.72
N LYS A 94 10.91 7.15 -3.87
CA LYS A 94 9.63 7.84 -4.02
C LYS A 94 9.87 9.30 -4.38
N CYS A 95 8.80 10.09 -4.50
CA CYS A 95 8.93 11.50 -4.83
C CYS A 95 9.95 12.15 -3.91
N LYS A 96 10.57 13.25 -4.36
CA LYS A 96 11.56 13.94 -3.55
C LYS A 96 10.94 14.48 -2.25
N ALA A 97 9.78 15.11 -2.39
CA ALA A 97 9.08 15.68 -1.24
C ALA A 97 8.72 14.60 -0.22
N CYS A 98 8.34 13.44 -0.71
CA CYS A 98 7.96 12.33 0.17
C CYS A 98 9.19 11.59 0.67
N ARG A 99 10.26 11.62 -0.11
CA ARG A 99 11.49 10.94 0.25
C ARG A 99 12.00 11.46 1.59
N VAL A 100 11.97 12.78 1.75
CA VAL A 100 12.43 13.39 2.98
C VAL A 100 11.50 13.05 4.14
N THR B 1 15.48 4.54 4.26
CA THR B 1 15.67 3.99 5.60
C THR B 1 15.24 2.52 5.63
N GLY B 2 15.27 1.87 4.47
CA GLY B 2 14.88 0.47 4.37
C GLY B 2 13.64 0.33 3.49
N ALA B 3 13.25 -0.91 3.19
CA ALA B 3 12.08 -1.14 2.35
C ALA B 3 10.83 -1.30 3.21
N ARG B 4 10.85 -0.65 4.38
CA ARG B 4 9.73 -0.67 5.31
C ARG B 4 8.43 -0.36 4.58
N THR B 5 8.56 0.37 3.47
CA THR B 5 7.44 0.78 2.63
C THR B 5 6.36 -0.32 2.48
N LEU B 6 6.34 -1.05 1.36
CA LEU B 6 5.33 -2.08 1.17
C LEU B 6 5.77 -3.37 1.80
N ALA B 7 7.08 -3.57 1.89
CA ALA B 7 7.59 -4.77 2.49
C ALA B 7 7.04 -4.94 3.89
N ASP B 8 6.96 -3.86 4.64
CA ASP B 8 6.45 -3.96 6.01
C ASP B 8 4.92 -3.86 6.05
N ILE B 9 4.37 -2.94 5.28
CA ILE B 9 2.92 -2.74 5.26
C ILE B 9 2.16 -3.98 4.77
N LYS B 10 2.57 -4.52 3.64
CA LYS B 10 1.89 -5.67 3.08
C LYS B 10 2.30 -6.97 3.77
N ALA B 11 3.59 -7.15 4.01
CA ALA B 11 4.03 -8.39 4.64
C ALA B 11 3.43 -8.51 6.03
N LYS B 12 3.43 -7.42 6.81
CA LYS B 12 2.84 -7.48 8.14
C LYS B 12 1.37 -7.79 7.99
N ALA B 13 0.78 -7.31 6.89
CA ALA B 13 -0.61 -7.58 6.62
C ALA B 13 -0.85 -9.08 6.63
N GLN B 14 0.11 -9.81 6.11
CA GLN B 14 0.02 -11.26 6.07
C GLN B 14 0.10 -11.85 7.46
N LEU B 15 0.91 -11.22 8.29
CA LEU B 15 1.07 -11.69 9.65
C LEU B 15 -0.25 -11.56 10.40
N VAL B 16 -0.87 -10.40 10.29
CA VAL B 16 -2.14 -10.15 10.98
C VAL B 16 -3.29 -10.88 10.29
N LYS B 17 -3.22 -11.00 8.97
CA LYS B 17 -4.26 -11.69 8.21
C LYS B 17 -4.24 -13.18 8.50
N ALA B 18 -3.09 -13.78 8.22
CA ALA B 18 -2.89 -15.20 8.43
C ALA B 18 -3.03 -15.56 9.91
N GLN B 19 -2.79 -14.59 10.77
CA GLN B 19 -2.89 -14.80 12.21
C GLN B 19 -4.22 -15.48 12.55
ZN ZN C . -9.68 -2.86 10.81
ZN ZN D . -8.41 -3.80 -2.54
ZN ZN E . 5.63 -4.65 -12.17
ZN ZN F . 5.05 10.91 -3.19
N GLY A 3 -24.10 -1.59 5.44
CA GLY A 3 -23.64 -0.27 5.86
C GLY A 3 -22.18 -0.06 5.50
N SER A 4 -21.32 -0.06 6.52
CA SER A 4 -19.89 0.15 6.29
C SER A 4 -19.28 -1.09 5.63
N ALA A 5 -18.12 -0.90 5.00
CA ALA A 5 -17.44 -1.99 4.33
C ALA A 5 -16.30 -2.53 5.19
N ARG A 6 -16.66 -3.46 6.09
CA ARG A 6 -15.73 -4.10 7.04
C ARG A 6 -14.28 -4.12 6.57
N CYS A 7 -13.37 -3.93 7.52
CA CYS A 7 -11.94 -3.94 7.22
C CYS A 7 -11.53 -5.27 6.64
N ALA A 8 -10.84 -5.22 5.51
CA ALA A 8 -10.40 -6.44 4.84
C ALA A 8 -9.45 -7.28 5.69
N VAL A 9 -8.47 -6.65 6.33
CA VAL A 9 -7.51 -7.39 7.12
C VAL A 9 -7.90 -7.56 8.60
N CYS A 10 -8.77 -6.69 9.12
CA CYS A 10 -9.16 -6.81 10.53
C CYS A 10 -10.54 -7.44 10.67
N GLU A 11 -11.33 -7.38 9.60
CA GLU A 11 -12.67 -7.94 9.65
C GLU A 11 -13.44 -7.35 10.82
N GLY A 12 -13.57 -6.03 10.84
CA GLY A 12 -14.27 -5.35 11.90
C GLY A 12 -15.09 -4.18 11.36
N PRO A 13 -15.97 -3.65 12.17
CA PRO A 13 -16.84 -2.50 11.77
C PRO A 13 -16.04 -1.28 11.32
N GLY A 14 -16.63 -0.48 10.44
CA GLY A 14 -15.98 0.72 9.95
C GLY A 14 -16.94 1.91 9.98
N GLU A 15 -16.39 3.12 10.08
CA GLU A 15 -17.22 4.32 10.13
C GLU A 15 -17.50 4.87 8.73
N LEU A 16 -16.86 4.30 7.71
CA LEU A 16 -17.07 4.76 6.35
C LEU A 16 -16.94 6.27 6.25
N CYS A 17 -15.70 6.76 6.23
CA CYS A 17 -15.43 8.20 6.13
C CYS A 17 -13.95 8.48 6.32
N ASP A 18 -13.39 8.00 7.43
CA ASP A 18 -11.98 8.22 7.74
C ASP A 18 -11.16 6.98 7.43
N LEU A 19 -11.64 6.15 6.51
CA LEU A 19 -10.93 4.92 6.15
C LEU A 19 -10.63 4.87 4.66
N PHE A 20 -9.55 4.18 4.32
CA PHE A 20 -9.15 4.06 2.92
C PHE A 20 -10.04 3.05 2.21
N PHE A 21 -10.61 3.47 1.09
CA PHE A 21 -11.52 2.63 0.33
C PHE A 21 -10.87 2.08 -0.95
N CYS A 22 -10.73 0.75 -1.04
CA CYS A 22 -10.15 0.16 -2.24
C CYS A 22 -10.88 0.68 -3.47
N THR A 23 -10.12 1.08 -4.48
CA THR A 23 -10.73 1.63 -5.70
C THR A 23 -11.02 0.54 -6.73
N SER A 24 -10.56 -0.70 -6.47
CA SER A 24 -10.80 -1.79 -7.40
C SER A 24 -11.49 -2.98 -6.72
N CYS A 25 -11.84 -2.83 -5.44
CA CYS A 25 -12.50 -3.91 -4.71
C CYS A 25 -13.85 -3.48 -4.18
N GLY A 26 -13.87 -2.43 -3.36
CA GLY A 26 -15.12 -1.93 -2.81
C GLY A 26 -15.11 -1.96 -1.27
N HIS A 27 -14.08 -2.55 -0.68
CA HIS A 27 -13.98 -2.61 0.78
C HIS A 27 -13.01 -1.55 1.28
N HIS A 28 -12.99 -1.31 2.59
CA HIS A 28 -12.07 -0.31 3.13
C HIS A 28 -11.21 -0.93 4.23
N TYR A 29 -10.32 -0.12 4.82
CA TYR A 29 -9.45 -0.62 5.88
C TYR A 29 -8.87 0.53 6.70
N HIS A 30 -8.34 0.22 7.89
CA HIS A 30 -7.78 1.25 8.75
C HIS A 30 -6.29 1.44 8.47
N GLY A 31 -5.81 2.63 8.77
CA GLY A 31 -4.39 2.93 8.57
C GLY A 31 -3.54 2.17 9.58
N ALA A 32 -4.05 2.04 10.81
CA ALA A 32 -3.31 1.37 11.87
C ALA A 32 -3.03 -0.10 11.53
N CYS A 33 -4.01 -0.80 10.98
CA CYS A 33 -3.85 -2.20 10.65
C CYS A 33 -2.94 -2.40 9.43
N LEU A 34 -2.88 -1.40 8.55
CA LEU A 34 -2.06 -1.49 7.36
C LEU A 34 -0.90 -0.48 7.39
N ASP A 35 -0.57 0.04 8.56
CA ASP A 35 0.53 1.03 8.67
C ASP A 35 0.40 2.12 7.63
N THR A 36 -0.59 2.98 7.77
CA THR A 36 -0.80 4.07 6.82
C THR A 36 -1.30 5.33 7.52
N ALA A 37 -0.75 6.48 7.14
CA ALA A 37 -1.16 7.75 7.73
C ALA A 37 -2.55 8.14 7.21
N LEU A 38 -3.30 8.87 8.03
CA LEU A 38 -4.63 9.30 7.63
C LEU A 38 -4.57 10.67 6.97
N THR A 39 -4.71 10.68 5.65
CA THR A 39 -4.68 11.93 4.88
C THR A 39 -5.82 11.95 3.88
N ALA A 40 -6.49 13.10 3.75
CA ALA A 40 -7.60 13.23 2.82
C ALA A 40 -7.14 12.94 1.40
N ARG A 41 -5.96 13.43 1.05
CA ARG A 41 -5.41 13.22 -0.29
C ARG A 41 -5.26 11.73 -0.58
N LYS A 42 -4.71 11.00 0.39
CA LYS A 42 -4.51 9.56 0.21
C LYS A 42 -5.81 8.78 0.38
N ARG A 43 -6.79 9.38 1.03
CA ARG A 43 -8.07 8.71 1.26
C ARG A 43 -8.60 8.17 -0.07
N ALA A 44 -8.56 8.99 -1.10
CA ALA A 44 -9.02 8.58 -2.42
C ALA A 44 -7.87 7.99 -3.22
N GLY A 45 -6.65 8.38 -2.86
CA GLY A 45 -5.45 7.90 -3.55
C GLY A 45 -5.29 6.39 -3.42
N TRP A 46 -5.55 5.85 -2.23
CA TRP A 46 -5.40 4.41 -2.02
C TRP A 46 -6.27 3.64 -3.00
N GLN A 47 -5.65 2.68 -3.67
CA GLN A 47 -6.35 1.86 -4.62
C GLN A 47 -6.46 0.43 -4.09
N CYS A 48 -5.31 -0.22 -3.91
CA CYS A 48 -5.30 -1.58 -3.43
C CYS A 48 -3.97 -1.93 -2.72
N PRO A 49 -3.93 -2.05 -1.40
CA PRO A 49 -2.67 -2.42 -0.71
C PRO A 49 -2.39 -3.92 -0.85
N GLU A 50 -3.24 -4.73 -0.25
CA GLU A 50 -3.11 -6.18 -0.32
C GLU A 50 -3.41 -6.68 -1.73
N CYS A 51 -3.96 -5.80 -2.56
CA CYS A 51 -4.31 -6.17 -3.93
C CYS A 51 -3.58 -5.27 -4.93
N LYS A 52 -2.51 -4.63 -4.48
CA LYS A 52 -1.74 -3.73 -5.34
C LYS A 52 -1.20 -4.46 -6.55
N VAL A 53 -1.12 -3.76 -7.67
CA VAL A 53 -0.60 -4.36 -8.90
C VAL A 53 0.54 -3.53 -9.46
N CYS A 54 1.52 -4.22 -10.02
CA CYS A 54 2.65 -3.55 -10.64
C CYS A 54 2.16 -2.75 -11.84
N GLN A 55 2.67 -1.53 -12.02
CA GLN A 55 2.25 -0.71 -13.15
C GLN A 55 2.96 -1.14 -14.44
N ALA A 56 3.66 -2.27 -14.37
CA ALA A 56 4.39 -2.79 -15.51
C ALA A 56 3.92 -4.23 -15.79
N CYS A 57 3.76 -5.01 -14.73
CA CYS A 57 3.32 -6.39 -14.84
C CYS A 57 1.82 -6.54 -14.58
N ARG A 58 1.24 -5.55 -13.90
CA ARG A 58 -0.18 -5.57 -13.57
C ARG A 58 -0.54 -6.77 -12.71
N LYS A 59 0.32 -7.10 -11.77
CA LYS A 59 0.07 -8.22 -10.85
C LYS A 59 0.61 -7.90 -9.46
N PRO A 60 0.09 -8.52 -8.44
CA PRO A 60 0.52 -8.29 -7.03
C PRO A 60 1.73 -9.14 -6.63
N GLY A 61 2.08 -9.09 -5.35
CA GLY A 61 3.20 -9.86 -4.83
C GLY A 61 4.48 -9.01 -4.83
N ASN A 62 5.57 -9.60 -4.38
CA ASN A 62 6.85 -8.89 -4.33
C ASN A 62 6.71 -7.60 -3.52
N ASP A 63 6.12 -7.72 -2.34
CA ASP A 63 5.92 -6.57 -1.46
C ASP A 63 7.25 -5.99 -0.99
N SER A 64 8.18 -6.85 -0.61
CA SER A 64 9.49 -6.40 -0.16
C SER A 64 10.29 -5.87 -1.34
N LYS A 65 9.94 -6.32 -2.53
CA LYS A 65 10.63 -5.88 -3.74
C LYS A 65 9.79 -4.83 -4.48
N MET A 66 8.68 -4.39 -3.88
CA MET A 66 7.83 -3.38 -4.51
C MET A 66 7.89 -2.07 -3.73
N LEU A 67 8.09 -0.98 -4.47
CA LEU A 67 8.18 0.34 -3.85
C LEU A 67 6.83 1.04 -3.93
N VAL A 68 6.23 1.30 -2.77
CA VAL A 68 4.95 1.99 -2.72
C VAL A 68 5.14 3.37 -2.11
N CYS A 69 4.69 4.40 -2.82
CA CYS A 69 4.84 5.75 -2.27
C CYS A 69 3.88 5.96 -1.11
N GLU A 70 4.42 6.51 -0.02
CA GLU A 70 3.64 6.75 1.19
C GLU A 70 2.51 7.74 0.98
N THR A 71 2.75 8.79 0.19
CA THR A 71 1.71 9.79 -0.06
C THR A 71 0.91 9.47 -1.32
N CYS A 72 1.50 8.68 -2.22
CA CYS A 72 0.82 8.31 -3.45
C CYS A 72 0.65 6.79 -3.51
N ASP A 73 -0.55 6.31 -3.77
CA ASP A 73 -0.75 4.87 -3.83
C ASP A 73 -0.32 4.34 -5.20
N LYS A 74 0.99 4.23 -5.40
CA LYS A 74 1.52 3.74 -6.65
C LYS A 74 2.47 2.57 -6.40
N GLY A 75 2.35 1.54 -7.24
CA GLY A 75 3.18 0.34 -7.09
C GLY A 75 4.29 0.29 -8.14
N TYR A 76 5.51 0.05 -7.66
CA TYR A 76 6.66 -0.02 -8.56
C TYR A 76 7.50 -1.26 -8.27
N HIS A 77 7.88 -1.97 -9.32
CA HIS A 77 8.70 -3.18 -9.19
C HIS A 77 10.18 -2.83 -9.30
N THR A 78 10.99 -3.29 -8.36
CA THR A 78 12.41 -2.99 -8.38
C THR A 78 13.12 -3.49 -9.63
N PHE A 79 12.48 -4.39 -10.37
CA PHE A 79 13.11 -4.93 -11.57
C PHE A 79 12.43 -4.45 -12.84
N CYS A 80 11.50 -3.49 -12.74
CA CYS A 80 10.85 -2.98 -13.94
C CYS A 80 10.07 -1.69 -13.69
N LEU A 81 10.32 -1.03 -12.56
CA LEU A 81 9.65 0.22 -12.27
C LEU A 81 10.00 1.21 -13.38
N LYS A 82 9.35 2.37 -13.43
CA LYS A 82 9.65 3.32 -14.51
C LYS A 82 11.16 3.50 -14.61
N PRO A 83 11.83 3.94 -13.57
CA PRO A 83 13.31 4.02 -13.55
C PRO A 83 13.84 2.75 -12.88
N PRO A 84 14.17 1.72 -13.60
CA PRO A 84 14.62 0.44 -12.99
C PRO A 84 15.84 0.64 -12.10
N MET A 85 15.86 -0.08 -10.98
CA MET A 85 16.96 0.02 -10.04
C MET A 85 17.76 -1.29 -10.03
N GLU A 86 19.08 -1.20 -9.84
CA GLU A 86 19.91 -2.41 -9.84
C GLU A 86 19.51 -3.33 -8.70
N GLU A 87 19.15 -2.75 -7.56
CA GLU A 87 18.76 -3.55 -6.40
C GLU A 87 17.70 -2.84 -5.59
N LEU A 88 17.41 -3.37 -4.41
CA LEU A 88 16.41 -2.77 -3.55
C LEU A 88 17.05 -1.66 -2.71
N PRO A 89 16.69 -0.40 -2.91
CA PRO A 89 17.28 0.72 -2.13
C PRO A 89 16.93 0.61 -0.64
N ALA A 90 17.93 0.82 0.21
CA ALA A 90 17.72 0.74 1.65
C ALA A 90 16.72 1.79 2.08
N HIS A 91 16.85 2.99 1.51
CA HIS A 91 15.94 4.08 1.84
C HIS A 91 14.81 4.12 0.82
N SER A 92 13.80 4.93 1.11
CA SER A 92 12.66 5.04 0.20
C SER A 92 13.11 5.70 -1.10
N TRP A 93 12.34 5.48 -2.16
CA TRP A 93 12.69 6.06 -3.46
C TRP A 93 11.52 6.87 -4.02
N LYS A 94 10.35 6.72 -3.41
CA LYS A 94 9.13 7.44 -3.82
C LYS A 94 9.40 8.90 -4.19
N CYS A 95 8.38 9.55 -4.77
CA CYS A 95 8.47 10.96 -5.19
C CYS A 95 9.33 11.75 -4.21
N LYS A 96 10.02 12.78 -4.69
CA LYS A 96 10.88 13.59 -3.82
C LYS A 96 10.08 14.24 -2.69
N ALA A 97 8.96 14.86 -3.03
CA ALA A 97 8.12 15.53 -2.04
C ALA A 97 7.59 14.55 -1.00
N CYS A 98 7.27 13.34 -1.44
CA CYS A 98 6.73 12.33 -0.54
C CYS A 98 7.85 11.60 0.19
N ARG A 99 9.01 11.54 -0.44
CA ARG A 99 10.17 10.86 0.13
C ARG A 99 10.53 11.46 1.48
N VAL A 100 10.56 12.78 1.53
CA VAL A 100 10.90 13.47 2.77
C VAL A 100 9.82 13.24 3.83
N THR B 1 15.77 4.56 6.25
CA THR B 1 14.46 4.33 6.85
C THR B 1 13.97 2.91 6.57
N GLY B 2 14.50 2.31 5.50
CA GLY B 2 14.11 0.93 5.14
C GLY B 2 12.97 0.95 4.13
N ALA B 3 12.74 -0.19 3.48
CA ALA B 3 11.66 -0.28 2.50
C ALA B 3 10.38 -0.80 3.16
N ARG B 4 10.15 -0.31 4.38
CA ARG B 4 8.96 -0.68 5.13
C ARG B 4 7.71 -0.33 4.32
N THR B 5 7.89 0.54 3.32
CA THR B 5 6.80 0.97 2.43
C THR B 5 5.76 -0.13 2.21
N LEU B 6 5.88 -0.91 1.14
CA LEU B 6 4.93 -1.97 0.92
C LEU B 6 5.38 -3.21 1.66
N ALA B 7 6.69 -3.33 1.88
CA ALA B 7 7.21 -4.48 2.60
C ALA B 7 6.52 -4.62 3.95
N ASP B 8 6.40 -3.52 4.69
CA ASP B 8 5.76 -3.59 6.00
C ASP B 8 4.24 -3.54 5.89
N ILE B 9 3.72 -2.68 5.03
CA ILE B 9 2.27 -2.52 4.86
C ILE B 9 1.58 -3.80 4.37
N LYS B 10 2.10 -4.38 3.29
CA LYS B 10 1.47 -5.57 2.73
C LYS B 10 1.87 -6.84 3.47
N ALA B 11 3.15 -6.99 3.80
CA ALA B 11 3.58 -8.20 4.48
C ALA B 11 2.87 -8.33 5.82
N LYS B 12 2.77 -7.23 6.56
CA LYS B 12 2.08 -7.29 7.84
C LYS B 12 0.64 -7.68 7.59
N ALA B 13 0.06 -7.16 6.50
CA ALA B 13 -1.31 -7.49 6.17
C ALA B 13 -1.45 -9.00 6.05
N GLN B 14 -0.43 -9.64 5.48
CA GLN B 14 -0.44 -11.09 5.30
C GLN B 14 -0.32 -11.80 6.62
N LEU B 15 0.49 -11.24 7.49
CA LEU B 15 0.70 -11.85 8.78
C LEU B 15 -0.61 -11.93 9.53
N VAL B 16 -1.29 -10.80 9.62
CA VAL B 16 -2.58 -10.76 10.32
C VAL B 16 -3.68 -11.44 9.52
N LYS B 17 -3.68 -11.26 8.20
CA LYS B 17 -4.69 -11.88 7.35
C LYS B 17 -4.61 -13.39 7.45
N ALA B 18 -3.42 -13.90 7.21
CA ALA B 18 -3.18 -15.34 7.24
C ALA B 18 -3.32 -15.88 8.67
N GLN B 19 -3.16 -15.01 9.64
CA GLN B 19 -3.27 -15.40 11.04
C GLN B 19 -4.68 -15.89 11.35
ZN ZN C . -7.93 -2.94 9.78
ZN ZN D . -8.09 -3.65 -3.48
ZN ZN E . 6.69 -5.36 -12.42
ZN ZN F . 4.39 10.40 -3.85
N GLY A 3 -21.02 -2.78 1.13
CA GLY A 3 -21.74 -1.95 2.09
C GLY A 3 -20.80 -1.40 3.15
N SER A 4 -20.70 -2.08 4.28
CA SER A 4 -19.83 -1.64 5.36
C SER A 4 -18.37 -1.65 4.91
N ALA A 5 -18.07 -2.50 3.93
CA ALA A 5 -16.71 -2.59 3.41
C ALA A 5 -15.71 -2.75 4.55
N ARG A 6 -16.08 -3.62 5.49
CA ARG A 6 -15.27 -3.92 6.67
C ARG A 6 -13.77 -3.91 6.35
N CYS A 7 -12.96 -3.62 7.37
CA CYS A 7 -11.52 -3.57 7.19
C CYS A 7 -11.01 -4.90 6.64
N ALA A 8 -10.18 -4.82 5.61
CA ALA A 8 -9.65 -6.02 4.97
C ALA A 8 -8.74 -6.83 5.90
N VAL A 9 -7.81 -6.16 6.59
CA VAL A 9 -6.89 -6.89 7.46
C VAL A 9 -7.36 -6.98 8.92
N CYS A 10 -8.37 -6.20 9.30
CA CYS A 10 -8.88 -6.26 10.68
C CYS A 10 -10.26 -6.89 10.72
N GLU A 11 -10.98 -6.83 9.60
CA GLU A 11 -12.31 -7.40 9.52
C GLU A 11 -13.19 -6.93 10.67
N GLY A 12 -13.08 -5.65 11.02
CA GLY A 12 -13.88 -5.08 12.10
C GLY A 12 -14.71 -3.91 11.57
N PRO A 13 -15.81 -3.60 12.20
CA PRO A 13 -16.69 -2.46 11.78
C PRO A 13 -15.92 -1.15 11.68
N GLY A 14 -16.39 -0.26 10.80
CA GLY A 14 -15.72 1.03 10.64
C GLY A 14 -16.53 1.94 9.70
N GLU A 15 -16.00 3.14 9.47
CA GLU A 15 -16.67 4.11 8.60
C GLU A 15 -15.85 4.36 7.33
N LEU A 16 -16.52 4.34 6.19
CA LEU A 16 -15.84 4.55 4.91
C LEU A 16 -15.28 5.97 4.78
N CYS A 17 -16.04 6.95 5.24
CA CYS A 17 -15.62 8.35 5.13
C CYS A 17 -14.28 8.60 5.83
N ASP A 18 -14.04 7.94 6.95
CA ASP A 18 -12.79 8.15 7.69
C ASP A 18 -11.76 7.06 7.39
N LEU A 19 -12.11 6.11 6.52
CA LEU A 19 -11.20 5.02 6.18
C LEU A 19 -10.97 4.98 4.67
N PHE A 20 -9.82 4.43 4.26
CA PHE A 20 -9.52 4.36 2.83
C PHE A 20 -10.31 3.24 2.18
N PHE A 21 -11.14 3.60 1.21
CA PHE A 21 -11.96 2.62 0.51
C PHE A 21 -11.33 2.21 -0.82
N CYS A 22 -10.98 0.93 -0.96
CA CYS A 22 -10.37 0.45 -2.19
C CYS A 22 -11.41 0.29 -3.29
N THR A 23 -11.09 0.78 -4.48
CA THR A 23 -12.01 0.70 -5.62
C THR A 23 -11.82 -0.61 -6.39
N SER A 24 -11.17 -1.58 -5.76
CA SER A 24 -10.94 -2.87 -6.39
C SER A 24 -11.59 -3.99 -5.58
N CYS A 25 -10.99 -4.33 -4.44
CA CYS A 25 -11.54 -5.38 -3.59
C CYS A 25 -12.88 -4.95 -3.00
N GLY A 26 -13.11 -3.65 -2.93
CA GLY A 26 -14.37 -3.13 -2.40
C GLY A 26 -14.34 -2.94 -0.89
N HIS A 27 -13.27 -3.40 -0.24
CA HIS A 27 -13.16 -3.26 1.21
C HIS A 27 -12.25 -2.10 1.58
N HIS A 28 -12.53 -1.46 2.71
CA HIS A 28 -11.71 -0.35 3.16
C HIS A 28 -10.71 -0.85 4.21
N TYR A 29 -9.97 0.06 4.82
CA TYR A 29 -9.00 -0.35 5.83
C TYR A 29 -8.51 0.84 6.65
N HIS A 30 -7.98 0.54 7.85
CA HIS A 30 -7.47 1.57 8.74
C HIS A 30 -6.00 1.86 8.46
N GLY A 31 -5.59 3.08 8.73
CA GLY A 31 -4.20 3.47 8.52
C GLY A 31 -3.25 2.74 9.47
N ALA A 32 -3.69 2.57 10.72
CA ALA A 32 -2.84 1.90 11.72
C ALA A 32 -2.59 0.43 11.39
N CYS A 33 -3.61 -0.29 10.96
CA CYS A 33 -3.48 -1.72 10.67
C CYS A 33 -2.71 -1.98 9.37
N LEU A 34 -2.95 -1.18 8.34
CA LEU A 34 -2.30 -1.36 7.07
C LEU A 34 -1.27 -0.27 6.79
N ASP A 35 -0.86 0.44 7.85
CA ASP A 35 0.13 1.52 7.74
C ASP A 35 -0.14 2.41 6.52
N THR A 36 -0.93 3.44 6.72
CA THR A 36 -1.25 4.37 5.64
C THR A 36 -1.50 5.76 6.21
N ALA A 37 -0.68 6.72 5.81
CA ALA A 37 -0.83 8.09 6.29
C ALA A 37 -2.16 8.66 5.83
N LEU A 38 -2.79 9.44 6.69
CA LEU A 38 -4.08 10.05 6.33
C LEU A 38 -3.85 11.26 5.44
N THR A 39 -4.10 11.08 4.15
CA THR A 39 -3.92 12.14 3.18
C THR A 39 -5.16 12.27 2.31
N ALA A 40 -5.51 13.50 1.94
CA ALA A 40 -6.69 13.73 1.11
C ALA A 40 -6.58 12.96 -0.20
N ARG A 41 -5.38 12.95 -0.78
CA ARG A 41 -5.16 12.24 -2.03
C ARG A 41 -5.43 10.74 -1.86
N LYS A 42 -4.94 10.19 -0.76
CA LYS A 42 -5.14 8.77 -0.47
C LYS A 42 -6.62 8.48 -0.25
N ARG A 43 -7.30 9.39 0.43
CA ARG A 43 -8.72 9.23 0.72
C ARG A 43 -9.55 9.31 -0.56
N ALA A 44 -8.97 9.88 -1.61
CA ALA A 44 -9.66 10.00 -2.88
C ALA A 44 -10.05 8.61 -3.38
N GLY A 45 -9.16 7.65 -3.17
CA GLY A 45 -9.43 6.27 -3.59
C GLY A 45 -8.16 5.58 -4.10
N TRP A 46 -7.39 5.01 -3.18
CA TRP A 46 -6.17 4.32 -3.55
C TRP A 46 -6.26 2.84 -3.17
N GLN A 47 -5.71 1.98 -4.02
CA GLN A 47 -5.76 0.54 -3.78
C GLN A 47 -4.91 0.14 -2.58
N CYS A 48 -5.21 -1.03 -2.03
CA CYS A 48 -4.44 -1.53 -0.90
C CYS A 48 -3.49 -2.63 -1.34
N PRO A 49 -2.42 -2.85 -0.62
CA PRO A 49 -1.40 -3.88 -0.94
C PRO A 49 -1.99 -5.28 -1.04
N GLU A 50 -3.11 -5.50 -0.36
CA GLU A 50 -3.75 -6.80 -0.37
C GLU A 50 -4.23 -7.16 -1.79
N CYS A 51 -4.48 -6.15 -2.62
CA CYS A 51 -4.94 -6.40 -3.97
C CYS A 51 -4.39 -5.36 -4.95
N LYS A 52 -3.25 -4.76 -4.61
CA LYS A 52 -2.65 -3.75 -5.49
C LYS A 52 -1.90 -4.41 -6.62
N VAL A 53 -1.98 -3.81 -7.80
CA VAL A 53 -1.28 -4.34 -8.96
C VAL A 53 -0.26 -3.34 -9.46
N CYS A 54 0.86 -3.84 -9.93
CA CYS A 54 1.90 -2.97 -10.46
C CYS A 54 1.32 -2.12 -11.57
N GLN A 55 1.72 -0.86 -11.65
CA GLN A 55 1.22 0.02 -12.70
C GLN A 55 2.12 -0.08 -13.93
N ALA A 56 2.78 -1.23 -14.07
CA ALA A 56 3.68 -1.46 -15.19
C ALA A 56 3.36 -2.80 -15.84
N CYS A 57 3.14 -3.82 -15.01
CA CYS A 57 2.82 -5.15 -15.51
C CYS A 57 1.45 -5.63 -15.02
N ARG A 58 0.83 -4.87 -14.12
CA ARG A 58 -0.49 -5.22 -13.60
C ARG A 58 -0.48 -6.56 -12.85
N LYS A 59 0.47 -6.74 -11.93
CA LYS A 59 0.56 -7.97 -11.17
C LYS A 59 0.83 -7.65 -9.69
N PRO A 60 0.33 -8.45 -8.76
CA PRO A 60 0.54 -8.24 -7.30
C PRO A 60 1.79 -8.96 -6.79
N GLY A 61 1.91 -9.01 -5.47
CA GLY A 61 3.04 -9.69 -4.84
C GLY A 61 4.29 -8.83 -4.87
N ASN A 62 5.44 -9.46 -4.66
CA ASN A 62 6.70 -8.73 -4.65
C ASN A 62 6.64 -7.60 -3.64
N ASP A 63 6.09 -7.88 -2.47
CA ASP A 63 5.95 -6.87 -1.42
C ASP A 63 7.31 -6.29 -1.04
N SER A 64 8.27 -7.17 -0.75
CA SER A 64 9.61 -6.69 -0.39
C SER A 64 10.28 -6.03 -1.57
N LYS A 65 9.82 -6.35 -2.76
CA LYS A 65 10.37 -5.76 -3.97
C LYS A 65 9.43 -4.69 -4.52
N MET A 66 8.46 -4.25 -3.70
CA MET A 66 7.52 -3.23 -4.14
C MET A 66 7.72 -1.93 -3.36
N LEU A 67 7.82 -0.82 -4.08
CA LEU A 67 8.00 0.49 -3.48
C LEU A 67 6.66 1.22 -3.42
N VAL A 68 6.41 1.96 -2.34
CA VAL A 68 5.14 2.68 -2.22
C VAL A 68 5.39 4.13 -1.80
N CYS A 69 4.63 5.05 -2.40
CA CYS A 69 4.77 6.45 -2.06
C CYS A 69 4.10 6.74 -0.71
N GLU A 70 4.76 7.55 0.12
CA GLU A 70 4.26 7.88 1.46
C GLU A 70 3.15 8.92 1.44
N THR A 71 3.39 10.07 0.83
CA THR A 71 2.37 11.12 0.79
C THR A 71 1.37 10.82 -0.31
N CYS A 72 1.89 10.47 -1.48
CA CYS A 72 1.03 10.13 -2.60
C CYS A 72 0.78 8.63 -2.59
N ASP A 73 -0.09 8.16 -3.46
CA ASP A 73 -0.40 6.75 -3.54
C ASP A 73 0.07 6.16 -4.87
N LYS A 74 0.81 5.07 -4.80
CA LYS A 74 1.33 4.43 -6.01
C LYS A 74 2.21 3.24 -5.66
N GLY A 75 2.07 2.17 -6.43
CA GLY A 75 2.87 0.97 -6.21
C GLY A 75 3.80 0.71 -7.39
N TYR A 76 5.07 0.47 -7.08
CA TYR A 76 6.07 0.21 -8.11
C TYR A 76 6.86 -1.05 -7.79
N HIS A 77 7.30 -1.76 -8.82
CA HIS A 77 8.11 -2.95 -8.59
C HIS A 77 9.58 -2.54 -8.64
N THR A 78 10.49 -3.46 -8.39
CA THR A 78 11.91 -3.11 -8.44
C THR A 78 12.58 -3.77 -9.64
N PHE A 79 11.79 -4.01 -10.66
CA PHE A 79 12.29 -4.64 -11.88
C PHE A 79 11.44 -4.23 -13.09
N CYS A 80 10.64 -3.17 -12.92
CA CYS A 80 9.78 -2.69 -14.00
C CYS A 80 9.01 -1.45 -13.55
N LEU A 81 9.69 -0.54 -12.86
CA LEU A 81 9.05 0.69 -12.40
C LEU A 81 9.42 1.84 -13.32
N LYS A 82 8.83 3.02 -13.09
CA LYS A 82 9.13 4.15 -13.97
C LYS A 82 10.66 4.30 -14.09
N PRO A 83 11.37 4.57 -13.01
CA PRO A 83 12.85 4.57 -13.05
C PRO A 83 13.33 3.17 -12.66
N PRO A 84 13.68 2.32 -13.59
CA PRO A 84 14.08 0.93 -13.26
C PRO A 84 15.31 0.87 -12.35
N MET A 85 15.28 -0.05 -11.39
CA MET A 85 16.37 -0.20 -10.44
C MET A 85 17.03 -1.57 -10.61
N GLU A 86 18.30 -1.70 -10.24
CA GLU A 86 19.01 -2.97 -10.38
C GLU A 86 18.86 -3.83 -9.13
N GLU A 87 18.51 -3.21 -8.00
CA GLU A 87 18.36 -3.94 -6.76
C GLU A 87 17.39 -3.22 -5.84
N LEU A 88 17.11 -3.82 -4.68
CA LEU A 88 16.19 -3.22 -3.73
C LEU A 88 16.93 -2.20 -2.84
N PRO A 89 16.62 -0.93 -2.93
CA PRO A 89 17.31 0.11 -2.10
C PRO A 89 17.14 -0.15 -0.60
N ALA A 90 18.20 0.07 0.16
CA ALA A 90 18.15 -0.13 1.61
C ALA A 90 17.11 0.80 2.21
N HIS A 91 17.07 2.03 1.71
CA HIS A 91 16.12 3.02 2.18
C HIS A 91 14.91 3.07 1.25
N SER A 92 13.90 3.86 1.63
CA SER A 92 12.70 3.98 0.82
C SER A 92 12.93 4.93 -0.35
N TRP A 93 12.04 4.87 -1.34
CA TRP A 93 12.14 5.71 -2.52
C TRP A 93 10.77 6.26 -2.88
N LYS A 94 10.71 7.57 -3.13
CA LYS A 94 9.45 8.23 -3.45
C LYS A 94 9.72 9.70 -3.78
N CYS A 95 8.66 10.47 -4.09
CA CYS A 95 8.82 11.89 -4.41
C CYS A 95 9.78 12.53 -3.40
N LYS A 96 10.37 13.67 -3.75
CA LYS A 96 11.31 14.33 -2.84
C LYS A 96 10.63 14.71 -1.53
N ALA A 97 9.47 15.36 -1.64
CA ALA A 97 8.73 15.78 -0.46
C ALA A 97 8.27 14.57 0.36
N CYS A 98 8.05 13.46 -0.32
CA CYS A 98 7.60 12.24 0.35
C CYS A 98 8.79 11.46 0.91
N ARG A 99 9.94 11.62 0.28
CA ARG A 99 11.14 10.92 0.72
C ARG A 99 11.49 11.33 2.14
N VAL A 100 11.41 12.62 2.40
CA VAL A 100 11.72 13.14 3.72
C VAL A 100 10.61 12.81 4.71
N THR B 1 12.49 4.04 4.66
CA THR B 1 13.68 3.43 5.26
C THR B 1 13.44 1.94 5.50
N GLY B 2 14.41 1.10 5.10
CA GLY B 2 14.28 -0.34 5.29
C GLY B 2 13.25 -0.95 4.33
N ALA B 3 12.79 -0.18 3.35
CA ALA B 3 11.81 -0.66 2.38
C ALA B 3 10.58 -1.22 3.10
N ARG B 4 10.34 -0.72 4.31
CA ARG B 4 9.18 -1.14 5.09
C ARG B 4 7.90 -0.90 4.30
N THR B 5 7.99 -0.04 3.28
CA THR B 5 6.87 0.32 2.41
C THR B 5 5.88 -0.85 2.25
N LEU B 6 5.95 -1.60 1.16
CA LEU B 6 5.04 -2.70 1.01
C LEU B 6 5.61 -3.93 1.70
N ALA B 7 6.92 -3.93 1.96
CA ALA B 7 7.52 -5.07 2.63
C ALA B 7 6.94 -5.25 4.02
N ASP B 8 6.89 -4.18 4.81
CA ASP B 8 6.36 -4.31 6.16
C ASP B 8 4.84 -4.22 6.18
N ILE B 9 4.26 -3.46 5.24
CA ILE B 9 2.81 -3.32 5.21
C ILE B 9 2.11 -4.58 4.71
N LYS B 10 2.47 -5.02 3.51
CA LYS B 10 1.84 -6.20 2.93
C LYS B 10 2.22 -7.46 3.66
N ALA B 11 3.50 -7.60 3.99
CA ALA B 11 3.94 -8.82 4.67
C ALA B 11 3.29 -8.94 6.05
N LYS B 12 3.23 -7.84 6.81
CA LYS B 12 2.61 -7.91 8.13
C LYS B 12 1.12 -8.08 7.98
N ALA B 13 0.56 -7.49 6.93
CA ALA B 13 -0.86 -7.61 6.68
C ALA B 13 -1.23 -9.08 6.59
N GLN B 14 -0.35 -9.89 6.01
CA GLN B 14 -0.59 -11.32 5.88
C GLN B 14 -0.52 -11.97 7.23
N LEU B 15 0.35 -11.47 8.06
CA LEU B 15 0.52 -12.03 9.39
C LEU B 15 -0.77 -11.87 10.18
N VAL B 16 -1.31 -10.67 10.16
CA VAL B 16 -2.55 -10.40 10.89
C VAL B 16 -3.77 -10.97 10.17
N LYS B 17 -3.74 -10.95 8.84
CA LYS B 17 -4.85 -11.49 8.05
C LYS B 17 -4.96 -12.99 8.26
N ALA B 18 -3.86 -13.67 7.98
CA ALA B 18 -3.78 -15.11 8.12
C ALA B 18 -3.97 -15.53 9.58
N GLN B 19 -3.64 -14.62 10.48
CA GLN B 19 -3.77 -14.90 11.91
C GLN B 19 -5.17 -15.40 12.23
ZN ZN C . -7.74 -2.43 10.03
ZN ZN D . -8.25 -3.29 -2.24
ZN ZN E . 5.62 -4.64 -11.99
ZN ZN F . 4.71 11.29 -3.27
#